data_3BGL
#
_entry.id   3BGL
#
_cell.length_a   71.588
_cell.length_b   172.156
_cell.length_c   75.148
_cell.angle_alpha   90.000
_cell.angle_beta   117.240
_cell.angle_gamma   90.000
#
_symmetry.space_group_name_H-M   'P 1 21 1'
#
loop_
_entity.id
_entity.type
_entity.pdbx_description
1 polymer '3-hydroxy-3-methylglutaryl-coenzyme A reductase'
2 non-polymer '(3R,5R)-7-[2-(4-fluorophenyl)-5-(1-methylethyl)-4-(morpholin-4-ylsulfonyl)-3-phenyl-1H-pyrrol-1-yl]-3,5-dihydroxyheptanoic acid'
3 water water
#
_entity_poly.entity_id   1
_entity_poly.type   'polypeptide(L)'
_entity_poly.pdbx_seq_one_letter_code
;HHHHHHEPRPNEECLQILGNAEKGAKFLSDAEIIQLVNAKHIPAYKLETLIETHERGVSIRRQLLSKKLSEPSSLQYLPY
RDYNYSLVMGACCENVIGYMPIPVGVAGPLCLDEKEFQVPMATTEGCLVASTNRGCRAIGLGGGASSRVLADGMTRGPVV
RLPRACDSAEVKAWLETSEGFAVIKEAFDSTSRFARLQKLHTSIAGRNLYIRFQSRSGDAMGMNMISKGTEKALSKLHEY
FPEMQILAVSGNYCTDKKPAAINWIEGRGKSVVCEAVIPAKVVREVLKTTTEAMIEVNINKNLVGSAMAGSIGGYNAHAA
NIVTAIYIACGQDAAQNVGSSNCITLMEASGPTNEDLYISCTMPSIEIGTVGGGTNLLPQQACLQMLGVQGACKDNPGEN
ARQLARIVCGTVMAGELSLMAALAAGHLVKSHMIHNRSKIN
;
_entity_poly.pdbx_strand_id   A,B,C,D
#
# COMPACT_ATOMS: atom_id res chain seq x y z
N GLU A 7 9.98 51.21 -41.20
CA GLU A 7 9.61 50.37 -42.38
C GLU A 7 8.57 49.30 -42.04
N PRO A 8 8.62 48.73 -40.84
CA PRO A 8 7.43 48.11 -40.25
C PRO A 8 6.24 49.06 -40.34
N ARG A 9 5.25 48.72 -41.18
CA ARG A 9 4.09 49.58 -41.38
C ARG A 9 3.24 49.66 -40.11
N PRO A 10 2.39 50.69 -40.01
CA PRO A 10 1.42 50.81 -38.91
C PRO A 10 0.58 49.55 -38.72
N ASN A 11 -0.02 49.42 -37.54
CA ASN A 11 -0.86 48.26 -37.22
C ASN A 11 -1.98 48.05 -38.24
N GLU A 12 -2.66 49.14 -38.57
CA GLU A 12 -3.85 49.09 -39.42
C GLU A 12 -3.55 48.60 -40.82
N GLU A 13 -2.41 49.02 -41.38
CA GLU A 13 -1.97 48.57 -42.69
C GLU A 13 -1.54 47.09 -42.70
N CYS A 14 -0.99 46.63 -41.59
CA CYS A 14 -0.60 45.22 -41.44
C CYS A 14 -1.82 44.30 -41.27
N LEU A 15 -2.89 44.83 -40.70
CA LEU A 15 -4.16 44.10 -40.54
C LEU A 15 -4.84 43.89 -41.88
N GLN A 16 -4.76 44.89 -42.76
CA GLN A 16 -5.31 44.79 -44.10
C GLN A 16 -4.63 43.65 -44.89
N ILE A 17 -3.31 43.56 -44.75
CA ILE A 17 -2.52 42.51 -45.39
C ILE A 17 -2.90 41.15 -44.83
N LEU A 18 -3.14 41.10 -43.52
CA LEU A 18 -3.48 39.86 -42.84
C LEU A 18 -4.83 39.33 -43.27
N GLY A 19 -5.77 40.25 -43.52
CA GLY A 19 -7.12 39.92 -43.95
C GLY A 19 -7.25 39.71 -45.45
N ASN A 20 -6.25 40.16 -46.20
CA ASN A 20 -6.17 39.90 -47.64
C ASN A 20 -5.89 38.41 -47.84
N ALA A 21 -6.86 37.70 -48.42
CA ALA A 21 -6.81 36.24 -48.48
C ALA A 21 -5.76 35.67 -49.42
N GLU A 22 -5.28 36.47 -50.38
CA GLU A 22 -4.18 36.06 -51.24
C GLU A 22 -2.82 36.65 -50.80
N LYS A 23 -2.72 37.02 -49.53
CA LYS A 23 -1.47 37.44 -48.92
C LYS A 23 -1.33 36.76 -47.54
N GLY A 24 -1.84 37.40 -46.50
CA GLY A 24 -1.80 36.85 -45.15
C GLY A 24 -0.48 37.10 -44.45
N ALA A 25 -0.14 36.21 -43.52
CA ALA A 25 1.04 36.39 -42.67
C ALA A 25 2.36 36.26 -43.42
N LYS A 26 2.37 35.51 -44.53
CA LYS A 26 3.56 35.36 -45.37
C LYS A 26 4.14 36.71 -45.82
N PHE A 27 3.27 37.67 -46.10
CA PHE A 27 3.68 38.98 -46.59
C PHE A 27 4.00 39.99 -45.49
N LEU A 28 4.04 39.52 -44.24
CA LEU A 28 4.45 40.35 -43.13
C LEU A 28 5.80 39.90 -42.59
N SER A 29 6.46 40.82 -41.89
CA SER A 29 7.75 40.59 -41.26
C SER A 29 7.51 40.02 -39.85
N ASP A 30 8.46 39.23 -39.34
CA ASP A 30 8.40 38.74 -37.95
C ASP A 30 8.16 39.88 -36.97
N ALA A 31 8.86 40.99 -37.18
CA ALA A 31 8.73 42.17 -36.33
C ALA A 31 7.33 42.77 -36.41
N GLU A 32 6.73 42.73 -37.60
CA GLU A 32 5.37 43.22 -37.80
C GLU A 32 4.32 42.35 -37.11
N ILE A 33 4.52 41.03 -37.14
CA ILE A 33 3.61 40.09 -36.47
C ILE A 33 3.67 40.31 -34.96
N ILE A 34 4.89 40.51 -34.45
CA ILE A 34 5.13 40.75 -33.04
C ILE A 34 4.53 42.09 -32.61
N GLN A 35 4.65 43.09 -33.49
CA GLN A 35 4.08 44.40 -33.24
C GLN A 35 2.56 44.30 -33.14
N LEU A 36 1.98 43.38 -33.90
CA LEU A 36 0.54 43.14 -33.90
C LEU A 36 0.09 42.39 -32.65
N VAL A 37 0.97 41.52 -32.12
CA VAL A 37 0.67 40.73 -30.93
C VAL A 37 0.78 41.61 -29.69
N ASN A 38 1.86 42.39 -29.62
CA ASN A 38 1.99 43.45 -28.62
C ASN A 38 1.00 44.57 -28.95
N ALA A 39 0.11 44.85 -28.01
CA ALA A 39 -1.04 45.77 -28.22
C ALA A 39 -2.25 45.08 -28.85
N LYS A 40 -2.33 43.75 -28.67
CA LYS A 40 -3.39 42.88 -29.20
C LYS A 40 -3.93 43.16 -30.61
N HIS A 41 -4.77 42.24 -31.08
CA HIS A 41 -5.20 42.12 -32.48
C HIS A 41 -5.06 40.64 -32.79
N ILE A 42 -3.87 40.12 -32.54
CA ILE A 42 -3.62 38.69 -32.51
C ILE A 42 -3.31 38.34 -31.06
N PRO A 43 -4.02 37.38 -30.48
CA PRO A 43 -3.74 36.96 -29.09
C PRO A 43 -2.36 36.30 -28.90
N ALA A 44 -2.14 35.14 -29.52
CA ALA A 44 -0.90 34.36 -29.37
C ALA A 44 -1.17 32.90 -29.71
N TYR A 45 -2.30 32.39 -29.22
CA TYR A 45 -2.78 31.05 -29.59
C TYR A 45 -3.18 30.97 -31.06
N LYS A 46 -3.54 32.12 -31.63
CA LYS A 46 -3.91 32.21 -33.06
C LYS A 46 -2.70 32.28 -33.99
N LEU A 47 -1.50 32.34 -33.44
CA LEU A 47 -0.27 32.31 -34.26
C LEU A 47 -0.15 30.99 -35.02
N GLU A 48 -0.46 29.87 -34.35
CA GLU A 48 -0.36 28.57 -34.99
C GLU A 48 -1.26 28.49 -36.23
N THR A 49 -2.45 29.08 -36.16
CA THR A 49 -3.42 28.97 -37.25
C THR A 49 -3.28 30.07 -38.33
N LEU A 50 -2.47 31.09 -38.07
CA LEU A 50 -2.32 32.24 -38.99
C LEU A 50 -1.06 32.17 -39.86
N ILE A 51 -0.04 31.44 -39.40
CA ILE A 51 1.27 31.51 -40.03
C ILE A 51 1.46 30.44 -41.11
N GLU A 52 1.94 30.89 -42.27
CA GLU A 52 2.34 30.03 -43.40
C GLU A 52 2.79 28.61 -43.00
N THR A 53 3.94 28.52 -42.32
CA THR A 53 4.56 27.23 -41.98
C THR A 53 4.69 27.04 -40.47
N HIS A 54 4.87 25.79 -40.04
CA HIS A 54 4.93 25.46 -38.61
C HIS A 54 6.18 26.02 -37.95
N GLU A 55 7.33 25.97 -38.64
CA GLU A 55 8.59 26.41 -38.05
C GLU A 55 8.60 27.91 -37.75
N ARG A 56 7.91 28.69 -38.58
CA ARG A 56 7.87 30.14 -38.38
C ARG A 56 7.03 30.52 -37.16
N GLY A 57 5.95 29.78 -36.92
CA GLY A 57 5.16 29.95 -35.71
C GLY A 57 5.99 29.69 -34.47
N VAL A 58 6.81 28.65 -34.51
CA VAL A 58 7.72 28.33 -33.39
C VAL A 58 8.73 29.47 -33.20
N SER A 59 9.29 29.95 -34.31
CA SER A 59 10.26 31.04 -34.32
C SER A 59 9.70 32.31 -33.65
N ILE A 60 8.45 32.64 -33.98
CA ILE A 60 7.80 33.84 -33.49
C ILE A 60 7.42 33.69 -32.02
N ARG A 61 6.95 32.49 -31.65
CA ARG A 61 6.61 32.19 -30.27
C ARG A 61 7.83 32.29 -29.38
N ARG A 62 8.98 31.86 -29.89
CA ARG A 62 10.24 31.94 -29.15
C ARG A 62 10.69 33.39 -28.91
N GLN A 63 10.44 34.25 -29.90
CA GLN A 63 10.85 35.66 -29.83
C GLN A 63 9.99 36.41 -28.83
N LEU A 64 8.68 36.15 -28.88
CA LEU A 64 7.72 36.67 -27.92
C LEU A 64 8.11 36.25 -26.50
N LEU A 65 8.37 34.96 -26.34
CA LEU A 65 8.69 34.37 -25.04
C LEU A 65 9.96 34.97 -24.46
N SER A 66 10.94 35.20 -25.31
CA SER A 66 12.26 35.66 -24.89
C SER A 66 12.22 37.02 -24.20
N LYS A 67 11.35 37.92 -24.67
CA LYS A 67 11.24 39.25 -24.09
C LYS A 67 10.58 39.23 -22.70
N LYS A 68 9.88 38.13 -22.38
CA LYS A 68 9.23 37.95 -21.08
C LYS A 68 10.14 37.37 -20.00
N LEU A 69 11.35 36.94 -20.36
CA LEU A 69 12.26 36.30 -19.40
C LEU A 69 13.27 37.29 -18.82
N SER A 70 13.76 36.98 -17.63
CA SER A 70 14.80 37.77 -16.97
C SER A 70 16.13 37.71 -17.72
N GLU A 71 16.42 36.56 -18.32
CA GLU A 71 17.58 36.40 -19.21
C GLU A 71 17.08 36.12 -20.63
N PRO A 72 17.05 37.14 -21.49
CA PRO A 72 16.47 36.99 -22.83
C PRO A 72 17.19 36.01 -23.77
N SER A 73 18.41 35.57 -23.44
CA SER A 73 19.12 34.59 -24.26
C SER A 73 18.99 33.14 -23.72
N SER A 74 18.02 32.92 -22.83
CA SER A 74 17.78 31.60 -22.23
C SER A 74 17.59 30.50 -23.27
N LEU A 75 16.87 30.82 -24.35
CA LEU A 75 16.46 29.83 -25.35
C LEU A 75 17.53 29.50 -26.40
N GLN A 76 18.70 30.14 -26.31
CA GLN A 76 19.72 30.04 -27.36
C GLN A 76 20.09 28.61 -27.74
N TYR A 77 20.29 27.74 -26.75
CA TYR A 77 20.72 26.37 -27.00
C TYR A 77 19.56 25.36 -27.01
N LEU A 78 18.32 25.86 -26.94
CA LEU A 78 17.13 25.05 -27.16
C LEU A 78 16.87 25.00 -28.66
N PRO A 79 17.14 23.85 -29.30
CA PRO A 79 17.02 23.75 -30.76
C PRO A 79 15.57 23.68 -31.22
N TYR A 80 15.29 24.19 -32.41
CA TYR A 80 13.93 24.15 -32.95
C TYR A 80 13.84 23.93 -34.46
N ARG A 81 14.91 24.24 -35.20
CA ARG A 81 14.89 24.17 -36.66
C ARG A 81 14.99 22.75 -37.18
N ASP A 82 14.57 22.58 -38.43
CA ASP A 82 14.72 21.33 -39.18
C ASP A 82 14.13 20.12 -38.47
N TYR A 83 13.01 20.35 -37.80
CA TYR A 83 12.27 19.29 -37.13
C TYR A 83 10.88 19.23 -37.76
N ASN A 84 10.33 18.02 -37.85
CA ASN A 84 9.07 17.79 -38.53
C ASN A 84 7.89 18.10 -37.62
N TYR A 85 7.56 19.39 -37.53
CA TYR A 85 6.48 19.87 -36.67
C TYR A 85 5.09 19.48 -37.19
N SER A 86 5.02 19.05 -38.45
CA SER A 86 3.74 18.70 -39.07
C SER A 86 3.01 17.55 -38.37
N LEU A 87 3.78 16.60 -37.84
CA LEU A 87 3.19 15.46 -37.13
C LEU A 87 2.98 15.74 -35.64
N VAL A 88 3.46 16.90 -35.17
CA VAL A 88 3.35 17.29 -33.75
C VAL A 88 2.26 18.34 -33.48
N MET A 89 2.05 19.30 -34.37
CA MET A 89 1.07 20.35 -34.12
C MET A 89 -0.34 19.76 -34.16
N GLY A 90 -1.12 20.03 -33.11
CA GLY A 90 -2.49 19.56 -33.02
C GLY A 90 -2.63 18.05 -32.81
N ALA A 91 -1.62 17.43 -32.19
CA ALA A 91 -1.62 15.98 -31.95
C ALA A 91 -0.73 15.53 -30.79
N CYS A 92 0.46 16.13 -30.66
CA CYS A 92 1.44 15.72 -29.65
C CYS A 92 1.83 16.80 -28.65
N CYS A 93 1.78 18.07 -29.07
CA CYS A 93 2.22 19.18 -28.23
C CYS A 93 1.58 20.52 -28.64
N GLU A 94 1.53 21.46 -27.69
CA GLU A 94 1.03 22.82 -27.94
C GLU A 94 2.00 23.88 -27.43
N ASN A 95 1.83 25.11 -27.93
CA ASN A 95 2.71 26.23 -27.60
C ASN A 95 4.17 25.84 -27.75
N VAL A 96 4.51 25.21 -28.88
CA VAL A 96 5.83 24.63 -29.11
C VAL A 96 6.92 25.70 -29.33
N ILE A 97 8.01 25.57 -28.56
CA ILE A 97 9.16 26.46 -28.65
C ILE A 97 10.44 25.74 -29.11
N GLY A 98 10.35 24.45 -29.36
CA GLY A 98 11.49 23.68 -29.82
C GLY A 98 11.37 22.20 -29.51
N TYR A 99 12.50 21.59 -29.22
CA TYR A 99 12.54 20.18 -28.84
C TYR A 99 13.74 19.91 -27.94
N MET A 100 13.62 18.84 -27.14
CA MET A 100 14.66 18.42 -26.22
C MET A 100 15.27 17.11 -26.72
N PRO A 101 16.53 17.14 -27.17
CA PRO A 101 17.22 15.91 -27.56
C PRO A 101 17.62 15.09 -26.33
N ILE A 102 17.24 13.82 -26.31
CA ILE A 102 17.64 12.91 -25.26
C ILE A 102 18.62 11.93 -25.91
N PRO A 103 19.84 11.83 -25.39
CA PRO A 103 20.79 10.85 -25.93
C PRO A 103 20.19 9.45 -25.99
N VAL A 104 20.34 8.78 -27.13
CA VAL A 104 19.87 7.42 -27.30
C VAL A 104 21.07 6.52 -27.41
N GLY A 105 21.25 5.64 -26.44
CA GLY A 105 22.24 4.58 -26.49
C GLY A 105 21.57 3.25 -26.83
N VAL A 106 22.38 2.22 -27.05
CA VAL A 106 21.85 0.90 -27.42
C VAL A 106 22.48 -0.24 -26.61
N ALA A 107 21.62 -1.06 -26.00
CA ALA A 107 22.04 -2.23 -25.25
C ALA A 107 21.60 -3.51 -25.98
N GLY A 108 22.55 -4.35 -26.35
CA GLY A 108 22.25 -5.67 -26.91
C GLY A 108 23.46 -6.44 -27.41
N PRO A 109 23.25 -7.59 -28.04
CA PRO A 109 21.91 -8.14 -28.33
C PRO A 109 21.19 -8.66 -27.08
N LEU A 110 19.88 -8.50 -27.06
CA LEU A 110 19.03 -9.09 -26.04
C LEU A 110 18.55 -10.38 -26.65
N CYS A 111 18.99 -11.51 -26.09
CA CYS A 111 18.64 -12.81 -26.62
C CYS A 111 17.34 -13.23 -25.98
N LEU A 112 16.24 -13.03 -26.71
CA LEU A 112 14.90 -13.21 -26.17
C LEU A 112 14.05 -14.06 -27.12
N ASP A 113 13.60 -15.22 -26.64
CA ASP A 113 12.74 -16.14 -27.39
C ASP A 113 13.35 -16.58 -28.73
N GLU A 114 14.61 -17.01 -28.68
CA GLU A 114 15.39 -17.41 -29.86
C GLU A 114 15.56 -16.30 -30.92
N LYS A 115 15.41 -15.04 -30.49
CA LYS A 115 15.58 -13.88 -31.36
C LYS A 115 16.66 -12.97 -30.78
N GLU A 116 17.02 -11.93 -31.51
CA GLU A 116 18.00 -10.97 -31.03
C GLU A 116 17.52 -9.55 -31.25
N PHE A 117 17.61 -8.73 -30.20
CA PHE A 117 17.09 -7.38 -30.20
C PHE A 117 18.16 -6.39 -29.77
N GLN A 118 18.31 -5.33 -30.55
CA GLN A 118 19.14 -4.20 -30.17
C GLN A 118 18.20 -3.17 -29.58
N VAL A 119 18.31 -2.93 -28.27
CA VAL A 119 17.33 -2.15 -27.53
C VAL A 119 17.77 -0.70 -27.37
N PRO A 120 17.01 0.24 -27.95
CA PRO A 120 17.32 1.67 -27.78
C PRO A 120 16.87 2.20 -26.41
N MET A 121 17.63 3.14 -25.87
CA MET A 121 17.44 3.60 -24.51
C MET A 121 17.77 5.09 -24.43
N ALA A 122 16.75 5.93 -24.33
CA ALA A 122 16.95 7.38 -24.17
C ALA A 122 17.13 7.72 -22.70
N THR A 123 18.33 8.18 -22.35
CA THR A 123 18.68 8.47 -20.96
C THR A 123 19.79 9.51 -20.83
N THR A 124 19.81 10.21 -19.69
CA THR A 124 20.93 11.09 -19.33
C THR A 124 21.63 10.60 -18.05
N GLU A 125 21.34 9.36 -17.66
CA GLU A 125 21.94 8.75 -16.47
C GLU A 125 23.17 7.94 -16.88
N GLY A 126 24.34 8.41 -16.44
CA GLY A 126 25.60 7.81 -16.79
C GLY A 126 25.67 6.37 -16.31
N CYS A 127 26.17 5.50 -17.18
CA CYS A 127 26.41 4.08 -16.90
C CYS A 127 25.17 3.19 -17.05
N LEU A 128 23.99 3.77 -17.23
CA LEU A 128 22.76 2.97 -17.29
C LEU A 128 22.74 2.03 -18.51
N VAL A 129 23.11 2.55 -19.68
CA VAL A 129 23.11 1.75 -20.89
C VAL A 129 24.19 0.67 -20.81
N ALA A 130 25.36 1.04 -20.30
CA ALA A 130 26.48 0.11 -20.19
C ALA A 130 26.13 -1.05 -19.25
N SER A 131 25.60 -0.70 -18.09
CA SER A 131 25.18 -1.69 -17.10
C SER A 131 24.13 -2.65 -17.67
N THR A 132 23.19 -2.10 -18.43
CA THR A 132 22.13 -2.89 -19.04
C THR A 132 22.67 -3.75 -20.19
N ASN A 133 23.71 -3.25 -20.86
CA ASN A 133 24.35 -3.95 -21.97
C ASN A 133 25.15 -5.14 -21.45
N ARG A 134 25.63 -5.05 -20.21
CA ARG A 134 26.41 -6.12 -19.61
C ARG A 134 25.49 -7.25 -19.15
N GLY A 135 24.33 -6.87 -18.62
CA GLY A 135 23.30 -7.82 -18.26
C GLY A 135 22.78 -8.57 -19.47
N CYS A 136 22.76 -7.91 -20.63
CA CYS A 136 22.41 -8.54 -21.90
C CYS A 136 23.45 -9.61 -22.28
N ARG A 137 24.72 -9.27 -22.08
CA ARG A 137 25.84 -10.18 -22.36
C ARG A 137 25.75 -11.44 -21.52
N ALA A 138 25.35 -11.30 -20.26
CA ALA A 138 25.23 -12.42 -19.34
C ALA A 138 24.13 -13.37 -19.79
N ILE A 139 23.03 -12.79 -20.26
CA ILE A 139 21.89 -13.56 -20.74
C ILE A 139 22.23 -14.27 -22.06
N GLY A 140 23.04 -13.65 -22.90
CA GLY A 140 23.41 -14.22 -24.18
C GLY A 140 24.33 -15.42 -24.06
N LEU A 141 25.41 -15.27 -23.29
CA LEU A 141 26.32 -16.38 -23.02
C LEU A 141 25.68 -17.44 -22.13
N GLY A 142 24.48 -17.14 -21.60
CA GLY A 142 23.74 -18.07 -20.76
C GLY A 142 22.65 -18.86 -21.45
N GLY A 143 22.59 -18.79 -22.79
CA GLY A 143 21.60 -19.51 -23.56
C GLY A 143 20.31 -18.73 -23.82
N GLY A 144 20.28 -17.48 -23.36
CA GLY A 144 19.19 -16.57 -23.65
C GLY A 144 18.02 -16.68 -22.69
N ALA A 145 17.06 -15.77 -22.87
CA ALA A 145 15.90 -15.65 -21.99
C ALA A 145 14.62 -16.02 -22.72
N SER A 146 13.57 -16.32 -21.96
CA SER A 146 12.25 -16.61 -22.51
C SER A 146 11.19 -15.79 -21.78
N SER A 147 10.21 -15.29 -22.54
CA SER A 147 9.14 -14.48 -21.97
C SER A 147 7.78 -14.94 -22.44
N ARG A 148 6.75 -14.60 -21.65
CA ARG A 148 5.37 -14.85 -22.04
C ARG A 148 4.51 -13.65 -21.63
N VAL A 149 3.58 -13.28 -22.49
CA VAL A 149 2.57 -12.29 -22.15
C VAL A 149 1.40 -13.07 -21.57
N LEU A 150 1.07 -12.77 -20.32
CA LEU A 150 0.07 -13.51 -19.58
C LEU A 150 -1.33 -12.90 -19.71
N ALA A 151 -1.39 -11.58 -19.89
CA ALA A 151 -2.66 -10.88 -20.07
C ALA A 151 -2.49 -9.59 -20.88
N ASP A 152 -3.58 -9.12 -21.45
CA ASP A 152 -3.58 -7.94 -22.30
C ASP A 152 -4.95 -7.28 -22.23
N GLY A 153 -4.95 -5.98 -21.89
CA GLY A 153 -6.19 -5.23 -21.74
C GLY A 153 -5.99 -3.91 -21.02
N MET A 154 -5.97 -2.82 -21.77
CA MET A 154 -5.99 -1.48 -21.20
C MET A 154 -7.31 -1.28 -20.45
N THR A 155 -7.31 -0.42 -19.44
CA THR A 155 -8.53 -0.18 -18.66
C THR A 155 -8.87 1.30 -18.52
N ARG A 156 -10.11 1.54 -18.10
CA ARG A 156 -10.57 2.86 -17.70
C ARG A 156 -11.66 2.69 -16.63
N GLY A 157 -11.56 3.48 -15.58
CA GLY A 157 -12.36 3.28 -14.39
C GLY A 157 -13.20 4.48 -14.06
N PRO A 158 -14.29 4.71 -14.79
CA PRO A 158 -15.22 5.79 -14.48
C PRO A 158 -15.90 5.61 -13.13
N VAL A 159 -16.24 6.74 -12.50
CA VAL A 159 -17.07 6.72 -11.30
C VAL A 159 -18.43 7.29 -11.66
N VAL A 160 -19.48 6.54 -11.34
CA VAL A 160 -20.86 6.99 -11.52
C VAL A 160 -21.57 7.01 -10.17
N ARG A 161 -22.78 7.56 -10.13
CA ARG A 161 -23.47 7.81 -8.88
C ARG A 161 -24.97 7.51 -8.97
N LEU A 162 -25.45 6.63 -8.12
CA LEU A 162 -26.88 6.36 -8.06
C LEU A 162 -27.42 7.17 -6.88
N PRO A 163 -28.74 7.32 -6.78
CA PRO A 163 -29.32 8.06 -5.66
C PRO A 163 -29.10 7.42 -4.29
N ARG A 164 -29.04 6.09 -4.24
CA ARG A 164 -28.80 5.34 -3.01
C ARG A 164 -27.82 4.18 -3.22
N ALA A 165 -27.18 3.75 -2.14
CA ALA A 165 -26.29 2.59 -2.16
C ALA A 165 -27.01 1.32 -2.64
N CYS A 166 -28.32 1.24 -2.38
CA CYS A 166 -29.14 0.11 -2.83
C CYS A 166 -29.35 0.12 -4.34
N ASP A 167 -29.37 1.31 -4.91
CA ASP A 167 -29.46 1.48 -6.36
C ASP A 167 -28.15 1.13 -7.04
N SER A 168 -27.03 1.51 -6.43
CA SER A 168 -25.71 1.19 -6.95
C SER A 168 -25.45 -0.32 -6.87
N ALA A 169 -25.96 -0.96 -5.81
CA ALA A 169 -25.89 -2.41 -5.66
C ALA A 169 -26.72 -3.11 -6.74
N GLU A 170 -27.85 -2.51 -7.11
CA GLU A 170 -28.74 -3.04 -8.15
C GLU A 170 -28.08 -2.95 -9.53
N VAL A 171 -27.39 -1.85 -9.78
CA VAL A 171 -26.64 -1.67 -11.01
C VAL A 171 -25.49 -2.68 -11.04
N LYS A 172 -24.80 -2.84 -9.92
CA LYS A 172 -23.68 -3.79 -9.83
C LYS A 172 -24.16 -5.20 -10.18
N ALA A 173 -25.28 -5.61 -9.59
CA ALA A 173 -25.85 -6.93 -9.82
C ALA A 173 -26.31 -7.10 -11.27
N TRP A 174 -26.89 -6.05 -11.83
CA TRP A 174 -27.38 -6.06 -13.20
C TRP A 174 -26.23 -6.21 -14.21
N LEU A 175 -25.10 -5.56 -13.94
CA LEU A 175 -23.90 -5.68 -14.76
C LEU A 175 -23.28 -7.07 -14.66
N GLU A 176 -23.58 -7.78 -13.57
CA GLU A 176 -23.05 -9.11 -13.34
C GLU A 176 -23.88 -10.21 -14.02
N THR A 177 -25.13 -9.92 -14.37
CA THR A 177 -25.92 -10.88 -15.13
C THR A 177 -25.37 -10.95 -16.54
N SER A 178 -25.52 -12.10 -17.18
CA SER A 178 -24.97 -12.30 -18.53
C SER A 178 -25.70 -11.44 -19.56
N GLU A 179 -26.98 -11.16 -19.32
CA GLU A 179 -27.79 -10.36 -20.25
C GLU A 179 -27.50 -8.86 -20.17
N GLY A 180 -27.29 -8.34 -18.95
CA GLY A 180 -26.98 -6.94 -18.74
C GLY A 180 -25.56 -6.59 -19.16
N PHE A 181 -24.65 -7.55 -18.96
CA PHE A 181 -23.27 -7.43 -19.41
C PHE A 181 -23.20 -7.44 -20.94
N ALA A 182 -24.04 -8.25 -21.57
CA ALA A 182 -24.09 -8.37 -23.02
C ALA A 182 -24.57 -7.08 -23.69
N VAL A 183 -25.47 -6.36 -23.03
CA VAL A 183 -26.00 -5.10 -23.55
C VAL A 183 -24.94 -3.99 -23.49
N ILE A 184 -24.16 -3.95 -22.42
CA ILE A 184 -23.08 -2.97 -22.25
C ILE A 184 -21.88 -3.32 -23.11
N LYS A 185 -21.63 -4.63 -23.28
CA LYS A 185 -20.56 -5.12 -24.13
C LYS A 185 -20.80 -4.77 -25.60
N GLU A 186 -22.06 -4.86 -26.04
CA GLU A 186 -22.40 -4.52 -27.42
C GLU A 186 -22.12 -3.05 -27.69
N ALA A 187 -22.55 -2.19 -26.77
CA ALA A 187 -22.35 -0.74 -26.88
C ALA A 187 -20.87 -0.37 -26.88
N PHE A 188 -20.12 -0.94 -25.93
CA PHE A 188 -18.69 -0.70 -25.83
C PHE A 188 -17.98 -1.10 -27.11
N ASP A 189 -18.30 -2.29 -27.61
CA ASP A 189 -17.61 -2.87 -28.78
C ASP A 189 -17.91 -2.11 -30.06
N SER A 190 -19.07 -1.47 -30.13
CA SER A 190 -19.49 -0.75 -31.34
C SER A 190 -18.62 0.47 -31.69
N THR A 191 -17.85 0.96 -30.72
CA THR A 191 -17.11 2.22 -30.88
C THR A 191 -15.84 2.10 -31.71
N SER A 192 -15.20 0.94 -31.73
CA SER A 192 -14.01 0.76 -32.55
C SER A 192 -13.74 -0.71 -32.89
N ARG A 193 -12.83 -0.96 -33.83
CA ARG A 193 -12.64 -2.33 -34.35
C ARG A 193 -12.06 -3.32 -33.35
N PHE A 194 -11.28 -2.83 -32.39
CA PHE A 194 -10.62 -3.71 -31.43
C PHE A 194 -11.28 -3.70 -30.04
N ALA A 195 -12.34 -2.93 -29.88
CA ALA A 195 -13.07 -2.89 -28.62
C ALA A 195 -13.73 -4.24 -28.33
N ARG A 196 -13.17 -4.99 -27.38
CA ARG A 196 -13.75 -6.27 -26.94
C ARG A 196 -13.73 -6.34 -25.42
N LEU A 197 -14.86 -5.95 -24.81
CA LEU A 197 -14.94 -5.85 -23.37
C LEU A 197 -14.81 -7.22 -22.74
N GLN A 198 -13.80 -7.37 -21.88
CA GLN A 198 -13.62 -8.58 -21.09
C GLN A 198 -14.52 -8.47 -19.86
N LYS A 199 -14.55 -9.52 -19.04
CA LYS A 199 -15.32 -9.50 -17.80
C LYS A 199 -15.08 -8.19 -17.04
N LEU A 200 -16.17 -7.62 -16.54
CA LEU A 200 -16.18 -6.31 -15.91
C LEU A 200 -15.79 -6.44 -14.44
N HIS A 201 -15.10 -5.42 -13.91
CA HIS A 201 -14.90 -5.35 -12.46
C HIS A 201 -15.47 -4.07 -11.86
N THR A 202 -16.26 -4.22 -10.81
CA THR A 202 -16.94 -3.10 -10.18
C THR A 202 -16.70 -3.06 -8.68
N SER A 203 -17.05 -1.94 -8.07
CA SER A 203 -16.72 -1.68 -6.69
C SER A 203 -17.60 -0.55 -6.17
N ILE A 204 -18.28 -0.78 -5.06
CA ILE A 204 -19.17 0.21 -4.49
C ILE A 204 -18.50 0.93 -3.34
N ALA A 205 -18.69 2.25 -3.30
CA ALA A 205 -18.41 3.05 -2.11
C ALA A 205 -19.66 3.86 -1.84
N GLY A 206 -20.59 3.28 -1.10
CA GLY A 206 -21.88 3.91 -0.87
C GLY A 206 -22.67 3.96 -2.17
N ARG A 207 -23.14 5.16 -2.54
CA ARG A 207 -23.90 5.31 -3.77
C ARG A 207 -23.03 5.57 -5.00
N ASN A 208 -21.70 5.60 -4.81
CA ASN A 208 -20.74 5.59 -5.90
C ASN A 208 -20.53 4.17 -6.42
N LEU A 209 -20.35 4.02 -7.73
CA LEU A 209 -20.00 2.74 -8.32
C LEU A 209 -18.83 2.97 -9.26
N TYR A 210 -17.72 2.30 -8.97
CA TYR A 210 -16.52 2.36 -9.81
C TYR A 210 -16.53 1.14 -10.73
N ILE A 211 -16.45 1.40 -12.03
CA ILE A 211 -16.55 0.38 -13.04
C ILE A 211 -15.27 0.35 -13.87
N ARG A 212 -14.49 -0.71 -13.72
CA ARG A 212 -13.26 -0.92 -14.49
C ARG A 212 -13.58 -1.61 -15.80
N PHE A 213 -13.62 -0.84 -16.87
CA PHE A 213 -13.77 -1.37 -18.22
C PHE A 213 -12.42 -1.82 -18.73
N GLN A 214 -12.31 -3.08 -19.16
CA GLN A 214 -11.05 -3.59 -19.70
C GLN A 214 -11.26 -4.16 -21.10
N SER A 215 -10.28 -3.92 -21.96
CA SER A 215 -10.35 -4.43 -23.33
C SER A 215 -9.00 -4.32 -24.02
N ARG A 216 -8.80 -5.15 -25.03
CA ARG A 216 -7.61 -5.08 -25.86
C ARG A 216 -7.78 -3.91 -26.81
N SER A 217 -6.68 -3.44 -27.38
CA SER A 217 -6.70 -2.25 -28.21
C SER A 217 -5.81 -2.38 -29.46
N GLY A 218 -5.74 -3.58 -30.01
CA GLY A 218 -4.83 -3.85 -31.11
C GLY A 218 -3.40 -3.57 -30.67
N ASP A 219 -2.67 -2.77 -31.44
CA ASP A 219 -1.31 -2.38 -31.09
C ASP A 219 -1.24 -1.01 -30.44
N ALA A 220 -2.37 -0.32 -30.34
CA ALA A 220 -2.44 0.93 -29.62
C ALA A 220 -2.35 0.66 -28.14
N MET A 221 -1.80 1.63 -27.41
CA MET A 221 -1.82 1.58 -25.95
C MET A 221 -3.29 1.55 -25.50
N GLY A 222 -4.12 2.32 -26.19
CA GLY A 222 -5.56 2.12 -26.17
C GLY A 222 -6.34 2.98 -25.20
N MET A 223 -5.78 4.10 -24.76
CA MET A 223 -6.48 4.91 -23.75
C MET A 223 -7.61 5.76 -24.32
N ASN A 224 -7.40 6.41 -25.45
CA ASN A 224 -8.49 7.13 -26.10
C ASN A 224 -9.62 6.18 -26.53
N MET A 225 -9.22 5.02 -27.06
CA MET A 225 -10.16 4.03 -27.55
C MET A 225 -11.02 3.41 -26.44
N ILE A 226 -10.41 3.11 -25.30
CA ILE A 226 -11.14 2.56 -24.16
C ILE A 226 -12.06 3.62 -23.55
N SER A 227 -11.61 4.88 -23.54
CA SER A 227 -12.40 5.99 -23.02
C SER A 227 -13.66 6.26 -23.86
N LYS A 228 -13.56 6.02 -25.17
CA LYS A 228 -14.67 6.25 -26.09
C LYS A 228 -15.70 5.13 -25.97
N GLY A 229 -15.23 3.89 -25.84
CA GLY A 229 -16.08 2.75 -25.58
C GLY A 229 -16.77 2.84 -24.24
N THR A 230 -16.09 3.47 -23.28
CA THR A 230 -16.59 3.67 -21.93
C THR A 230 -17.73 4.68 -21.93
N GLU A 231 -17.58 5.76 -22.70
CA GLU A 231 -18.61 6.80 -22.78
C GLU A 231 -19.89 6.24 -23.39
N LYS A 232 -19.75 5.45 -24.45
CA LYS A 232 -20.90 4.84 -25.13
C LYS A 232 -21.56 3.79 -24.26
N ALA A 233 -20.76 2.98 -23.60
CA ALA A 233 -21.26 1.95 -22.68
C ALA A 233 -22.06 2.55 -21.52
N LEU A 234 -21.60 3.69 -20.99
CA LEU A 234 -22.28 4.36 -19.87
C LEU A 234 -23.55 5.06 -20.33
N SER A 235 -23.62 5.40 -21.62
CA SER A 235 -24.81 6.00 -22.21
C SER A 235 -25.91 4.95 -22.29
N LYS A 236 -25.53 3.74 -22.67
CA LYS A 236 -26.44 2.60 -22.72
C LYS A 236 -26.95 2.27 -21.31
N LEU A 237 -26.05 2.33 -20.35
CA LEU A 237 -26.36 2.02 -18.96
C LEU A 237 -27.38 3.01 -18.39
N HIS A 238 -27.25 4.29 -18.75
CA HIS A 238 -28.18 5.32 -18.28
C HIS A 238 -29.60 5.14 -18.86
N GLU A 239 -29.71 4.51 -20.02
CA GLU A 239 -31.02 4.18 -20.57
C GLU A 239 -31.79 3.22 -19.66
N TYR A 240 -31.08 2.26 -19.08
CA TYR A 240 -31.68 1.35 -18.09
C TYR A 240 -31.78 1.98 -16.70
N PHE A 241 -30.91 2.94 -16.41
CA PHE A 241 -30.87 3.57 -15.09
C PHE A 241 -30.82 5.08 -15.26
N PRO A 242 -31.98 5.68 -15.49
CA PRO A 242 -32.08 7.12 -15.80
C PRO A 242 -31.53 8.08 -14.73
N GLU A 243 -31.57 7.70 -13.45
CA GLU A 243 -31.11 8.60 -12.37
C GLU A 243 -29.63 8.45 -12.03
N MET A 244 -28.90 7.64 -12.80
CA MET A 244 -27.45 7.55 -12.66
C MET A 244 -26.80 8.85 -13.16
N GLN A 245 -25.87 9.38 -12.38
CA GLN A 245 -25.08 10.55 -12.76
C GLN A 245 -23.67 10.09 -13.11
N ILE A 246 -23.21 10.41 -14.32
CA ILE A 246 -21.79 10.17 -14.64
C ILE A 246 -20.96 11.29 -14.06
N LEU A 247 -20.28 10.99 -12.95
CA LEU A 247 -19.49 11.96 -12.21
C LEU A 247 -18.17 12.29 -12.90
N ALA A 248 -17.44 11.25 -13.31
CA ALA A 248 -16.20 11.43 -14.05
C ALA A 248 -15.88 10.18 -14.87
N VAL A 249 -15.34 10.38 -16.06
CA VAL A 249 -15.05 9.28 -16.97
C VAL A 249 -13.84 8.51 -16.45
N SER A 250 -13.02 9.17 -15.63
CA SER A 250 -12.03 8.50 -14.80
C SER A 250 -12.23 8.87 -13.34
N GLY A 251 -12.58 7.87 -12.53
CA GLY A 251 -12.66 8.01 -11.08
C GLY A 251 -11.47 7.41 -10.36
N ASN A 252 -10.32 7.33 -11.05
CA ASN A 252 -9.06 6.83 -10.49
C ASN A 252 -9.02 5.31 -10.20
N TYR A 253 -10.01 4.58 -10.72
CA TYR A 253 -10.10 3.13 -10.52
C TYR A 253 -9.47 2.36 -11.70
N CYS A 254 -8.81 3.07 -12.61
CA CYS A 254 -8.29 2.45 -13.84
C CYS A 254 -7.11 1.48 -13.57
N THR A 255 -6.00 1.93 -12.95
CA THR A 255 -5.72 3.30 -12.57
C THR A 255 -4.58 3.82 -13.43
N ASP A 256 -4.77 4.99 -14.01
CA ASP A 256 -3.79 5.57 -14.91
C ASP A 256 -2.84 6.56 -14.24
N LYS A 257 -1.54 6.30 -14.36
CA LYS A 257 -0.47 7.22 -13.98
C LYS A 257 -0.42 7.60 -12.50
N LYS A 258 -0.93 6.72 -11.64
CA LYS A 258 -0.75 6.83 -10.19
C LYS A 258 -0.47 5.45 -9.62
N PRO A 259 0.27 5.36 -8.52
CA PRO A 259 0.50 4.07 -7.86
C PRO A 259 -0.83 3.55 -7.35
N ALA A 260 -1.07 2.25 -7.51
CA ALA A 260 -2.35 1.66 -7.12
C ALA A 260 -2.28 0.13 -7.18
N ALA A 261 -2.80 -0.49 -6.13
CA ALA A 261 -2.68 -1.93 -5.95
C ALA A 261 -3.46 -2.73 -6.99
N ILE A 262 -4.50 -2.10 -7.55
CA ILE A 262 -5.39 -2.76 -8.52
C ILE A 262 -4.68 -3.08 -9.83
N ASN A 263 -3.71 -2.25 -10.22
CA ASN A 263 -2.90 -2.52 -11.38
C ASN A 263 -1.98 -3.71 -11.13
N TRP A 264 -1.44 -3.78 -9.92
CA TRP A 264 -0.55 -4.85 -9.50
C TRP A 264 -1.25 -6.22 -9.46
N ILE A 265 -2.50 -6.23 -9.02
CA ILE A 265 -3.24 -7.47 -8.78
C ILE A 265 -4.00 -7.93 -10.01
N GLU A 266 -4.68 -6.99 -10.68
CA GLU A 266 -5.54 -7.29 -11.81
C GLU A 266 -4.79 -7.21 -13.13
N GLY A 267 -3.77 -6.34 -13.17
CA GLY A 267 -3.04 -6.08 -14.38
C GLY A 267 -3.66 -4.91 -15.13
N ARG A 268 -2.88 -4.33 -16.02
CA ARG A 268 -3.31 -3.21 -16.85
C ARG A 268 -2.37 -3.17 -18.03
N GLY A 269 -2.90 -3.18 -19.24
CA GLY A 269 -2.10 -3.38 -20.42
C GLY A 269 -1.56 -4.80 -20.46
N LYS A 270 -0.26 -4.92 -20.73
CA LYS A 270 0.39 -6.22 -20.88
C LYS A 270 1.04 -6.71 -19.58
N SER A 271 0.53 -7.83 -19.06
CA SER A 271 1.18 -8.57 -17.97
C SER A 271 2.18 -9.55 -18.60
N VAL A 272 3.39 -9.58 -18.06
CA VAL A 272 4.49 -10.26 -18.70
C VAL A 272 5.42 -10.86 -17.67
N VAL A 273 6.00 -12.00 -18.00
CA VAL A 273 7.05 -12.63 -17.22
C VAL A 273 8.22 -12.98 -18.13
N CYS A 274 9.43 -12.80 -17.64
CA CYS A 274 10.64 -13.16 -18.37
C CYS A 274 11.58 -13.93 -17.43
N GLU A 275 12.39 -14.82 -18.00
CA GLU A 275 13.30 -15.64 -17.19
C GLU A 275 14.59 -16.00 -17.92
N ALA A 276 15.59 -16.37 -17.15
CA ALA A 276 16.84 -16.89 -17.71
C ALA A 276 17.58 -17.72 -16.68
N VAL A 277 18.48 -18.58 -17.17
CA VAL A 277 19.41 -19.30 -16.32
C VAL A 277 20.80 -18.86 -16.72
N ILE A 278 21.57 -18.41 -15.75
CA ILE A 278 22.92 -17.88 -15.98
C ILE A 278 23.90 -18.88 -15.37
N PRO A 279 24.67 -19.61 -16.18
CA PRO A 279 25.66 -20.56 -15.64
C PRO A 279 26.66 -19.88 -14.71
N ALA A 280 27.18 -20.64 -13.74
CA ALA A 280 28.13 -20.13 -12.75
C ALA A 280 29.31 -19.44 -13.42
N LYS A 281 29.79 -20.05 -14.51
CA LYS A 281 30.90 -19.52 -15.29
C LYS A 281 30.63 -18.08 -15.75
N VAL A 282 29.41 -17.82 -16.22
CA VAL A 282 29.01 -16.50 -16.70
C VAL A 282 28.79 -15.51 -15.55
N VAL A 283 28.26 -15.97 -14.43
CA VAL A 283 28.07 -15.10 -13.28
C VAL A 283 29.42 -14.59 -12.78
N ARG A 284 30.44 -15.44 -12.88
CA ARG A 284 31.80 -15.09 -12.45
C ARG A 284 32.48 -14.10 -13.39
N GLU A 285 32.54 -14.46 -14.67
CA GLU A 285 33.34 -13.74 -15.65
C GLU A 285 32.69 -12.42 -16.08
N VAL A 286 31.39 -12.46 -16.31
CA VAL A 286 30.64 -11.30 -16.79
C VAL A 286 30.17 -10.40 -15.64
N LEU A 287 29.64 -11.00 -14.58
CA LEU A 287 29.00 -10.24 -13.50
C LEU A 287 29.86 -10.07 -12.23
N LYS A 288 31.04 -10.71 -12.22
CA LYS A 288 32.05 -10.51 -11.17
C LYS A 288 31.59 -10.92 -9.77
N THR A 289 30.70 -11.90 -9.67
CA THR A 289 30.20 -12.37 -8.38
C THR A 289 29.73 -13.83 -8.44
N THR A 290 29.09 -14.29 -7.36
CA THR A 290 28.53 -15.64 -7.29
C THR A 290 27.02 -15.59 -7.21
N THR A 291 26.39 -16.73 -7.47
CA THR A 291 24.95 -16.85 -7.43
C THR A 291 24.43 -16.72 -6.00
N GLU A 292 25.20 -17.20 -5.04
CA GLU A 292 24.85 -17.11 -3.63
C GLU A 292 24.77 -15.65 -3.19
N ALA A 293 25.75 -14.85 -3.63
CA ALA A 293 25.81 -13.43 -3.30
C ALA A 293 24.61 -12.69 -3.87
N MET A 294 24.25 -13.04 -5.11
CA MET A 294 23.15 -12.41 -5.82
C MET A 294 21.81 -12.66 -5.12
N ILE A 295 21.57 -13.91 -4.73
CA ILE A 295 20.32 -14.30 -4.08
C ILE A 295 20.19 -13.65 -2.71
N GLU A 296 21.32 -13.53 -2.01
CA GLU A 296 21.37 -12.91 -0.70
C GLU A 296 20.91 -11.45 -0.79
N VAL A 297 21.41 -10.74 -1.81
CA VAL A 297 21.04 -9.35 -2.02
C VAL A 297 19.60 -9.28 -2.49
N ASN A 298 19.21 -10.21 -3.37
CA ASN A 298 17.87 -10.18 -3.93
C ASN A 298 16.79 -10.39 -2.90
N ILE A 299 17.05 -11.26 -1.94
CA ILE A 299 16.09 -11.54 -0.88
C ILE A 299 15.96 -10.35 0.06
N ASN A 300 17.08 -9.76 0.46
CA ASN A 300 17.07 -8.80 1.55
C ASN A 300 16.92 -7.33 1.13
N LYS A 301 17.07 -7.07 -0.18
CA LYS A 301 16.84 -5.75 -0.75
C LYS A 301 15.49 -5.74 -1.45
N ASN A 302 15.36 -6.52 -2.52
CA ASN A 302 14.17 -6.48 -3.38
C ASN A 302 12.90 -7.06 -2.79
N LEU A 303 13.01 -7.93 -1.79
CA LEU A 303 11.83 -8.48 -1.10
C LEU A 303 11.67 -7.88 0.29
N VAL A 304 12.68 -8.04 1.14
CA VAL A 304 12.59 -7.64 2.54
C VAL A 304 12.75 -6.13 2.69
N GLY A 305 13.68 -5.56 1.95
CA GLY A 305 13.91 -4.13 1.95
C GLY A 305 12.72 -3.36 1.44
N SER A 306 12.17 -3.81 0.30
CA SER A 306 10.97 -3.21 -0.28
C SER A 306 9.78 -3.33 0.66
N ALA A 307 9.72 -4.45 1.38
CA ALA A 307 8.65 -4.69 2.35
C ALA A 307 8.75 -3.74 3.54
N MET A 308 9.95 -3.53 4.05
CA MET A 308 10.20 -2.59 5.14
C MET A 308 9.86 -1.16 4.70
N ALA A 309 10.00 -0.89 3.41
CA ALA A 309 9.71 0.43 2.85
C ALA A 309 8.22 0.63 2.61
N GLY A 310 7.45 -0.44 2.68
CA GLY A 310 6.02 -0.37 2.45
C GLY A 310 5.71 -0.22 0.98
N SER A 311 6.37 -1.03 0.15
CA SER A 311 6.19 -0.97 -1.29
C SER A 311 5.04 -1.84 -1.78
N ILE A 312 4.28 -1.29 -2.72
CA ILE A 312 3.30 -2.05 -3.47
C ILE A 312 3.83 -2.08 -4.90
N GLY A 313 4.19 -3.26 -5.37
CA GLY A 313 4.65 -3.44 -6.75
C GLY A 313 6.11 -3.09 -7.02
N GLY A 314 6.81 -2.56 -6.03
CA GLY A 314 8.18 -2.11 -6.20
C GLY A 314 9.22 -3.08 -5.63
N TYR A 315 9.08 -4.36 -5.98
CA TYR A 315 9.98 -5.42 -5.50
C TYR A 315 11.09 -5.71 -6.52
N ASN A 316 11.82 -4.66 -6.86
CA ASN A 316 12.88 -4.72 -7.87
C ASN A 316 13.90 -3.62 -7.61
N ALA A 317 15.06 -3.72 -8.24
CA ALA A 317 16.14 -2.78 -8.03
C ALA A 317 15.93 -1.45 -8.78
N HIS A 318 15.80 -1.52 -10.10
CA HIS A 318 15.63 -0.30 -10.90
C HIS A 318 14.91 -0.51 -12.23
N ALA A 319 13.85 -1.32 -12.23
CA ALA A 319 13.02 -1.50 -13.41
C ALA A 319 12.60 -0.17 -14.09
N ALA A 320 12.42 0.88 -13.29
CA ALA A 320 11.95 2.15 -13.80
C ALA A 320 12.99 2.84 -14.69
N ASN A 321 14.27 2.68 -14.37
CA ASN A 321 15.35 3.17 -15.21
C ASN A 321 15.28 2.66 -16.64
N ILE A 322 15.07 1.35 -16.78
CA ILE A 322 14.98 0.72 -18.11
C ILE A 322 13.67 1.05 -18.79
N VAL A 323 12.57 0.94 -18.04
CA VAL A 323 11.24 1.23 -18.57
C VAL A 323 11.18 2.66 -19.11
N THR A 324 11.77 3.60 -18.38
CA THR A 324 11.73 5.01 -18.76
C THR A 324 12.56 5.27 -20.00
N ALA A 325 13.73 4.64 -20.09
CA ALA A 325 14.63 4.86 -21.23
C ALA A 325 14.08 4.29 -22.54
N ILE A 326 13.40 3.16 -22.49
CA ILE A 326 12.81 2.57 -23.69
C ILE A 326 11.58 3.36 -24.08
N TYR A 327 10.84 3.85 -23.10
CA TYR A 327 9.58 4.53 -23.36
C TYR A 327 9.85 5.82 -24.11
N ILE A 328 10.81 6.60 -23.62
CA ILE A 328 11.18 7.86 -24.25
C ILE A 328 11.75 7.63 -25.68
N ALA A 329 12.57 6.61 -25.84
CA ALA A 329 13.13 6.29 -27.16
C ALA A 329 12.06 5.81 -28.15
N CYS A 330 11.06 5.10 -27.64
CA CYS A 330 10.06 4.44 -28.50
C CYS A 330 8.69 5.15 -28.54
N GLY A 331 8.66 6.44 -28.19
CA GLY A 331 7.46 7.24 -28.34
C GLY A 331 6.31 6.87 -27.43
N GLN A 332 6.62 6.30 -26.27
CA GLN A 332 5.61 5.99 -25.26
C GLN A 332 5.34 7.22 -24.39
N ASP A 333 4.25 7.15 -23.62
CA ASP A 333 3.94 8.13 -22.59
C ASP A 333 4.80 7.80 -21.37
N ALA A 334 5.82 8.62 -21.11
CA ALA A 334 6.79 8.35 -20.04
C ALA A 334 6.22 8.53 -18.63
N ALA A 335 5.13 9.29 -18.51
CA ALA A 335 4.42 9.44 -17.24
C ALA A 335 3.81 8.12 -16.76
N GLN A 336 3.57 7.20 -17.70
CA GLN A 336 3.11 5.86 -17.37
C GLN A 336 4.23 4.94 -16.85
N ASN A 337 5.41 5.50 -16.63
CA ASN A 337 6.46 4.83 -15.87
C ASN A 337 5.98 4.43 -14.47
N VAL A 338 5.11 5.24 -13.89
CA VAL A 338 4.58 5.00 -12.56
C VAL A 338 4.04 3.56 -12.43
N GLY A 339 3.13 3.18 -13.31
CA GLY A 339 2.53 1.85 -13.28
C GLY A 339 3.31 0.79 -14.04
N SER A 340 3.89 1.19 -15.17
CA SER A 340 4.58 0.26 -16.06
C SER A 340 5.83 -0.36 -15.45
N SER A 341 6.45 0.35 -14.50
CA SER A 341 7.63 -0.13 -13.77
C SER A 341 7.37 -1.21 -12.74
N ASN A 342 6.10 -1.47 -12.42
CA ASN A 342 5.74 -2.52 -11.48
C ASN A 342 6.46 -3.83 -11.86
N CYS A 343 7.16 -4.41 -10.89
CA CYS A 343 8.04 -5.53 -11.14
C CYS A 343 8.49 -6.24 -9.86
N ILE A 344 8.48 -7.58 -9.90
CA ILE A 344 9.10 -8.37 -8.85
C ILE A 344 10.19 -9.25 -9.46
N THR A 345 11.40 -9.09 -8.94
CA THR A 345 12.55 -9.83 -9.42
C THR A 345 12.83 -10.97 -8.46
N LEU A 346 12.83 -12.20 -8.97
CA LEU A 346 13.14 -13.38 -8.18
C LEU A 346 14.45 -14.00 -8.64
N MET A 347 15.20 -14.54 -7.67
CA MET A 347 16.46 -15.21 -7.94
C MET A 347 16.56 -16.43 -7.04
N GLU A 348 16.80 -17.60 -7.63
CA GLU A 348 17.11 -18.80 -6.86
C GLU A 348 18.31 -19.56 -7.42
N ALA A 349 18.90 -20.37 -6.55
CA ALA A 349 20.01 -21.23 -6.92
C ALA A 349 19.47 -22.44 -7.68
N SER A 350 20.29 -22.93 -8.60
CA SER A 350 19.87 -23.98 -9.52
C SER A 350 21.11 -24.59 -10.16
N GLY A 351 20.90 -25.58 -11.02
CA GLY A 351 21.97 -26.08 -11.87
C GLY A 351 22.99 -26.87 -11.08
N PRO A 352 24.14 -27.16 -11.68
CA PRO A 352 25.13 -28.05 -11.08
C PRO A 352 25.32 -27.93 -9.54
N THR A 353 26.22 -27.10 -9.02
CA THR A 353 26.50 -27.13 -7.58
C THR A 353 25.63 -26.13 -6.78
N ASN A 354 24.43 -25.84 -7.28
CA ASN A 354 23.60 -24.74 -6.79
C ASN A 354 24.32 -23.40 -7.02
N GLU A 355 25.07 -23.32 -8.12
CA GLU A 355 25.86 -22.14 -8.45
C GLU A 355 25.44 -21.47 -9.78
N ASP A 356 24.41 -22.01 -10.43
CA ASP A 356 23.76 -21.33 -11.55
C ASP A 356 22.62 -20.46 -11.03
N LEU A 357 22.37 -19.34 -11.70
CA LEU A 357 21.38 -18.36 -11.24
C LEU A 357 20.14 -18.36 -12.11
N TYR A 358 19.05 -18.93 -11.62
CA TYR A 358 17.76 -18.73 -12.25
C TYR A 358 17.22 -17.37 -11.83
N ILE A 359 16.93 -16.51 -12.81
CA ILE A 359 16.35 -15.19 -12.56
C ILE A 359 15.04 -15.04 -13.33
N SER A 360 14.11 -14.29 -12.77
CA SER A 360 12.86 -13.95 -13.46
C SER A 360 12.32 -12.60 -13.00
N CYS A 361 11.76 -11.86 -13.95
CA CYS A 361 11.01 -10.64 -13.64
C CYS A 361 9.58 -10.81 -14.09
N THR A 362 8.66 -10.35 -13.24
CA THR A 362 7.25 -10.36 -13.58
C THR A 362 6.70 -8.95 -13.49
N MET A 363 6.12 -8.50 -14.59
CA MET A 363 5.71 -7.12 -14.77
C MET A 363 4.27 -7.12 -15.25
N PRO A 364 3.32 -6.98 -14.31
CA PRO A 364 1.89 -7.16 -14.61
C PRO A 364 1.16 -6.01 -15.28
N SER A 365 1.79 -4.86 -15.44
CA SER A 365 1.08 -3.68 -15.94
C SER A 365 1.93 -2.78 -16.81
N ILE A 366 2.54 -3.36 -17.82
CA ILE A 366 3.24 -2.62 -18.86
C ILE A 366 2.21 -1.95 -19.76
N GLU A 367 2.22 -0.62 -19.79
CA GLU A 367 1.28 0.16 -20.59
C GLU A 367 2.01 0.69 -21.81
N ILE A 368 1.72 0.09 -22.97
CA ILE A 368 2.55 0.27 -24.15
C ILE A 368 1.77 0.14 -25.46
N GLY A 369 2.34 0.67 -26.54
CA GLY A 369 1.73 0.63 -27.85
C GLY A 369 2.68 1.05 -28.95
N THR A 370 2.51 0.50 -30.14
CA THR A 370 3.38 0.80 -31.27
C THR A 370 2.69 1.71 -32.30
N VAL A 371 1.46 2.13 -31.98
CA VAL A 371 0.69 3.08 -32.79
C VAL A 371 0.08 4.16 -31.90
N GLY A 372 -0.04 5.37 -32.43
CA GLY A 372 -0.67 6.48 -31.73
C GLY A 372 0.32 7.29 -30.92
N GLY A 373 -0.08 8.50 -30.54
CA GLY A 373 0.73 9.37 -29.70
C GLY A 373 2.09 9.67 -30.27
N GLY A 374 3.12 9.52 -29.44
CA GLY A 374 4.49 9.77 -29.85
C GLY A 374 5.04 8.79 -30.88
N THR A 375 4.40 7.64 -31.04
CA THR A 375 4.86 6.65 -32.03
C THR A 375 4.45 6.99 -33.46
N ASN A 376 3.79 8.12 -33.66
CA ASN A 376 3.49 8.63 -35.00
C ASN A 376 4.62 9.50 -35.55
N LEU A 377 5.61 9.79 -34.70
CA LEU A 377 6.73 10.66 -35.07
C LEU A 377 7.89 9.79 -35.55
N LEU A 378 8.54 10.23 -36.61
CA LEU A 378 9.51 9.39 -37.33
C LEU A 378 10.77 9.01 -36.54
N PRO A 379 11.32 9.90 -35.72
CA PRO A 379 12.49 9.55 -34.88
C PRO A 379 12.21 8.44 -33.85
N GLN A 380 11.09 8.52 -33.14
CA GLN A 380 10.75 7.44 -32.19
C GLN A 380 10.25 6.20 -32.96
N GLN A 381 9.75 6.41 -34.17
CA GLN A 381 9.44 5.30 -35.08
C GLN A 381 10.70 4.55 -35.52
N ALA A 382 11.84 5.25 -35.57
CA ALA A 382 13.11 4.64 -35.96
C ALA A 382 13.53 3.61 -34.93
N CYS A 383 13.26 3.92 -33.67
CA CYS A 383 13.59 3.03 -32.56
C CYS A 383 12.67 1.82 -32.51
N LEU A 384 11.41 2.02 -32.86
CA LEU A 384 10.48 0.91 -32.98
C LEU A 384 10.89 0.00 -34.14
N GLN A 385 11.34 0.60 -35.25
CA GLN A 385 11.79 -0.18 -36.40
C GLN A 385 13.02 -1.05 -36.06
N MET A 386 13.86 -0.56 -35.16
CA MET A 386 15.03 -1.32 -34.69
C MET A 386 14.62 -2.68 -34.14
N LEU A 387 13.56 -2.67 -33.35
CA LEU A 387 13.07 -3.86 -32.67
C LEU A 387 12.12 -4.69 -33.55
N GLY A 388 11.73 -4.14 -34.69
CA GLY A 388 10.84 -4.81 -35.62
C GLY A 388 9.38 -4.77 -35.19
N VAL A 389 9.05 -3.73 -34.43
CA VAL A 389 7.71 -3.61 -33.83
C VAL A 389 6.97 -2.33 -34.20
N GLN A 390 7.46 -1.57 -35.18
CA GLN A 390 6.82 -0.32 -35.57
C GLN A 390 5.44 -0.54 -36.19
N GLY A 391 4.47 0.22 -35.70
CA GLY A 391 3.15 0.27 -36.29
C GLY A 391 2.29 -0.92 -35.92
N ALA A 392 1.20 -1.09 -36.66
CA ALA A 392 0.26 -2.16 -36.42
C ALA A 392 0.69 -3.43 -37.16
N CYS A 393 0.31 -4.57 -36.58
CA CYS A 393 0.55 -5.86 -37.21
C CYS A 393 -0.75 -6.32 -37.85
N LYS A 394 -0.77 -6.39 -39.18
CA LYS A 394 -2.00 -6.71 -39.92
C LYS A 394 -2.40 -8.18 -39.76
N ASP A 395 -1.41 -9.08 -39.83
CA ASP A 395 -1.68 -10.52 -39.77
C ASP A 395 -2.02 -11.03 -38.37
N ASN A 396 -1.65 -10.25 -37.35
CA ASN A 396 -1.84 -10.63 -35.96
C ASN A 396 -1.97 -9.38 -35.08
N PRO A 397 -3.13 -8.72 -35.11
CA PRO A 397 -3.32 -7.48 -34.35
C PRO A 397 -2.91 -7.60 -32.88
N GLY A 398 -2.15 -6.62 -32.41
CA GLY A 398 -1.59 -6.62 -31.07
C GLY A 398 -0.24 -7.30 -30.90
N GLU A 399 0.29 -7.92 -31.95
CA GLU A 399 1.56 -8.65 -31.85
C GLU A 399 2.77 -7.72 -31.69
N ASN A 400 2.75 -6.58 -32.35
CA ASN A 400 3.84 -5.62 -32.23
C ASN A 400 3.93 -5.02 -30.82
N ALA A 401 2.79 -4.62 -30.27
CA ALA A 401 2.75 -4.09 -28.90
C ALA A 401 3.12 -5.14 -27.86
N ARG A 402 2.67 -6.38 -28.08
CA ARG A 402 3.02 -7.51 -27.21
C ARG A 402 4.52 -7.79 -27.25
N GLN A 403 5.10 -7.77 -28.44
CA GLN A 403 6.54 -8.00 -28.58
C GLN A 403 7.33 -6.93 -27.87
N LEU A 404 6.84 -5.69 -27.90
CA LEU A 404 7.54 -4.59 -27.25
C LEU A 404 7.47 -4.72 -25.73
N ALA A 405 6.35 -5.20 -25.21
CA ALA A 405 6.22 -5.42 -23.76
C ALA A 405 7.08 -6.59 -23.30
N ARG A 406 7.29 -7.57 -24.17
CA ARG A 406 8.19 -8.69 -23.88
C ARG A 406 9.64 -8.20 -23.84
N ILE A 407 9.98 -7.32 -24.78
CA ILE A 407 11.31 -6.73 -24.88
C ILE A 407 11.61 -5.82 -23.69
N VAL A 408 10.60 -5.12 -23.21
CA VAL A 408 10.77 -4.24 -22.05
C VAL A 408 11.06 -5.08 -20.82
N CYS A 409 10.31 -6.17 -20.65
CA CYS A 409 10.49 -7.06 -19.51
C CYS A 409 11.85 -7.76 -19.54
N GLY A 410 12.29 -8.15 -20.74
CA GLY A 410 13.57 -8.81 -20.91
C GLY A 410 14.74 -7.87 -20.65
N THR A 411 14.59 -6.61 -21.04
CA THR A 411 15.60 -5.60 -20.79
C THR A 411 15.61 -5.20 -19.32
N VAL A 412 14.46 -5.18 -18.68
CA VAL A 412 14.42 -4.89 -17.25
C VAL A 412 15.21 -5.96 -16.49
N MET A 413 15.03 -7.23 -16.87
CA MET A 413 15.71 -8.35 -16.23
C MET A 413 17.23 -8.27 -16.42
N ALA A 414 17.66 -7.80 -17.57
CA ALA A 414 19.07 -7.56 -17.84
C ALA A 414 19.59 -6.44 -16.95
N GLY A 415 18.79 -5.39 -16.79
CA GLY A 415 19.10 -4.29 -15.89
C GLY A 415 19.21 -4.78 -14.47
N GLU A 416 18.28 -5.63 -14.06
CA GLU A 416 18.29 -6.21 -12.73
C GLU A 416 19.54 -7.06 -12.51
N LEU A 417 19.86 -7.93 -13.47
CA LEU A 417 21.02 -8.81 -13.36
C LEU A 417 22.26 -8.00 -13.02
N SER A 418 22.46 -6.91 -13.76
CA SER A 418 23.70 -6.17 -13.77
C SER A 418 23.87 -5.27 -12.55
N LEU A 419 22.81 -4.56 -12.17
CA LEU A 419 22.87 -3.71 -10.98
C LEU A 419 23.02 -4.58 -9.74
N MET A 420 22.27 -5.67 -9.67
CA MET A 420 22.31 -6.56 -8.52
C MET A 420 23.69 -7.21 -8.33
N ALA A 421 24.38 -7.52 -9.42
CA ALA A 421 25.73 -8.06 -9.35
C ALA A 421 26.72 -7.03 -8.83
N ALA A 422 26.57 -5.77 -9.24
CA ALA A 422 27.40 -4.68 -8.73
C ALA A 422 27.21 -4.47 -7.23
N LEU A 423 25.97 -4.65 -6.76
CA LEU A 423 25.65 -4.48 -5.36
C LEU A 423 26.11 -5.67 -4.52
N ALA A 424 26.24 -6.84 -5.16
CA ALA A 424 26.66 -8.05 -4.49
C ALA A 424 28.18 -8.15 -4.33
N ALA A 425 28.92 -7.28 -5.03
CA ALA A 425 30.38 -7.27 -4.96
C ALA A 425 30.90 -6.39 -3.82
N GLY A 426 30.16 -5.32 -3.51
CA GLY A 426 30.56 -4.35 -2.51
C GLY A 426 31.33 -3.20 -3.15
N HIS A 427 30.64 -2.45 -4.01
CA HIS A 427 31.22 -1.36 -4.80
C HIS A 427 31.83 -1.90 -6.10
N GLU B 7 40.32 0.48 -52.07
CA GLU B 7 40.77 1.28 -50.90
C GLU B 7 40.92 0.49 -49.58
N PRO B 8 40.13 -0.57 -49.35
CA PRO B 8 40.15 -1.27 -48.05
C PRO B 8 41.45 -2.04 -47.77
N ARG B 9 42.08 -1.77 -46.62
CA ARG B 9 43.40 -2.31 -46.30
C ARG B 9 43.30 -3.59 -45.44
N PRO B 10 44.37 -4.39 -45.40
CA PRO B 10 44.42 -5.58 -44.51
C PRO B 10 44.44 -5.22 -43.02
N ASN B 11 44.31 -6.24 -42.18
CA ASN B 11 44.10 -6.05 -40.75
C ASN B 11 45.35 -5.59 -39.98
N GLU B 12 46.50 -6.17 -40.32
CA GLU B 12 47.75 -5.84 -39.65
C GLU B 12 48.19 -4.39 -39.92
N GLU B 13 48.05 -3.96 -41.17
CA GLU B 13 48.36 -2.57 -41.56
C GLU B 13 47.45 -1.56 -40.84
N CYS B 14 46.21 -1.96 -40.54
CA CYS B 14 45.25 -1.10 -39.86
C CYS B 14 45.57 -0.91 -38.38
N LEU B 15 46.00 -1.98 -37.72
CA LEU B 15 46.27 -1.96 -36.29
C LEU B 15 47.50 -1.14 -35.94
N GLN B 16 48.54 -1.16 -36.78
CA GLN B 16 49.76 -0.40 -36.52
C GLN B 16 49.49 1.11 -36.54
N ILE B 17 48.66 1.56 -37.48
CA ILE B 17 48.32 2.98 -37.60
C ILE B 17 47.46 3.43 -36.41
N LEU B 18 46.66 2.51 -35.88
CA LEU B 18 45.76 2.80 -34.77
C LEU B 18 46.55 3.02 -33.48
N GLY B 19 47.48 2.09 -33.20
CA GLY B 19 48.37 2.18 -32.05
C GLY B 19 49.55 3.12 -32.24
N ASN B 20 49.62 3.79 -33.39
CA ASN B 20 50.62 4.83 -33.64
C ASN B 20 50.09 6.15 -33.13
N ALA B 21 50.86 6.81 -32.25
CA ALA B 21 50.41 8.00 -31.54
C ALA B 21 50.15 9.18 -32.46
N GLU B 22 51.06 9.43 -33.41
CA GLU B 22 50.98 10.60 -34.29
C GLU B 22 50.10 10.39 -35.53
N LYS B 23 49.50 9.20 -35.65
CA LYS B 23 48.54 8.92 -36.72
C LYS B 23 47.12 8.73 -36.17
N GLY B 24 46.84 7.56 -35.58
CA GLY B 24 45.55 7.28 -34.97
C GLY B 24 44.46 6.84 -35.94
N ALA B 25 43.22 6.86 -35.46
CA ALA B 25 42.07 6.39 -36.23
C ALA B 25 41.62 7.37 -37.32
N LYS B 26 42.04 8.63 -37.21
CA LYS B 26 41.79 9.63 -38.26
C LYS B 26 42.29 9.15 -39.63
N PHE B 27 43.41 8.43 -39.62
CA PHE B 27 44.03 7.96 -40.86
C PHE B 27 43.30 6.75 -41.45
N LEU B 28 42.54 6.02 -40.63
CA LEU B 28 41.71 4.91 -41.10
C LEU B 28 40.36 5.38 -41.63
N SER B 29 39.74 4.55 -42.46
CA SER B 29 38.43 4.83 -43.05
C SER B 29 37.33 4.08 -42.29
N ASP B 30 36.07 4.42 -42.57
CA ASP B 30 34.93 3.81 -41.89
C ASP B 30 34.93 2.30 -42.06
N ALA B 31 35.07 1.83 -43.30
CA ALA B 31 35.08 0.40 -43.62
C ALA B 31 36.17 -0.38 -42.90
N GLU B 32 37.31 0.26 -42.66
CA GLU B 32 38.47 -0.39 -42.01
C GLU B 32 38.27 -0.60 -40.50
N ILE B 33 37.67 0.37 -39.83
CA ILE B 33 37.36 0.28 -38.41
C ILE B 33 36.25 -0.75 -38.15
N ILE B 34 35.27 -0.81 -39.05
CA ILE B 34 34.20 -1.79 -38.98
C ILE B 34 34.72 -3.22 -39.20
N GLN B 35 35.73 -3.35 -40.06
CA GLN B 35 36.37 -4.63 -40.32
C GLN B 35 37.11 -5.15 -39.09
N LEU B 36 37.71 -4.21 -38.33
CA LEU B 36 38.46 -4.55 -37.12
C LEU B 36 37.54 -4.95 -35.96
N VAL B 37 36.37 -4.33 -35.88
CA VAL B 37 35.39 -4.67 -34.84
C VAL B 37 34.72 -6.03 -35.14
N ASN B 38 34.57 -6.36 -36.42
CA ASN B 38 33.92 -7.60 -36.84
C ASN B 38 34.85 -8.81 -36.69
N ALA B 39 36.13 -8.61 -37.02
CA ALA B 39 37.16 -9.63 -36.82
C ALA B 39 37.66 -9.64 -35.37
N LYS B 40 37.02 -8.85 -34.51
CA LYS B 40 37.17 -8.91 -33.05
C LYS B 40 38.45 -8.26 -32.51
N HIS B 41 39.30 -7.73 -33.39
CA HIS B 41 40.50 -7.01 -32.99
C HIS B 41 40.21 -6.01 -31.85
N ILE B 42 39.20 -5.17 -32.08
CA ILE B 42 38.81 -4.11 -31.14
C ILE B 42 37.38 -4.36 -30.63
N PRO B 43 37.12 -4.05 -29.34
CA PRO B 43 35.76 -4.12 -28.81
C PRO B 43 34.90 -2.92 -29.22
N ALA B 44 33.59 -3.12 -29.31
CA ALA B 44 32.67 -2.08 -29.82
C ALA B 44 32.56 -0.86 -28.90
N TYR B 45 32.59 -1.08 -27.59
CA TYR B 45 32.52 0.01 -26.61
C TYR B 45 33.76 0.93 -26.65
N LYS B 46 34.88 0.40 -27.12
CA LYS B 46 36.14 1.15 -27.23
C LYS B 46 36.14 2.23 -28.32
N LEU B 47 35.14 2.23 -29.20
CA LEU B 47 35.00 3.29 -30.22
C LEU B 47 34.95 4.68 -29.59
N GLU B 48 34.37 4.76 -28.40
CA GLU B 48 34.30 5.99 -27.60
C GLU B 48 35.62 6.74 -27.48
N THR B 49 36.70 5.99 -27.22
CA THR B 49 38.00 6.56 -26.86
C THR B 49 39.03 6.61 -28.00
N LEU B 50 38.84 5.77 -29.02
CA LEU B 50 39.83 5.62 -30.09
C LEU B 50 39.59 6.59 -31.25
N ILE B 51 38.34 6.95 -31.48
CA ILE B 51 37.97 7.84 -32.58
C ILE B 51 38.23 9.30 -32.19
N GLU B 52 38.54 10.14 -33.17
CA GLU B 52 38.95 11.54 -32.94
C GLU B 52 37.73 12.45 -32.76
N THR B 53 36.65 12.13 -33.47
CA THR B 53 35.40 12.85 -33.41
C THR B 53 34.39 12.01 -32.63
N HIS B 54 33.57 12.67 -31.80
CA HIS B 54 32.47 11.97 -31.11
C HIS B 54 31.44 11.54 -32.14
N GLU B 55 31.07 12.47 -33.02
CA GLU B 55 30.09 12.20 -34.07
C GLU B 55 30.47 11.04 -35.01
N ARG B 56 31.76 10.85 -35.27
CA ARG B 56 32.20 9.76 -36.14
C ARG B 56 32.11 8.41 -35.43
N GLY B 57 32.35 8.40 -34.12
CA GLY B 57 32.10 7.23 -33.30
C GLY B 57 30.63 6.83 -33.32
N VAL B 58 29.74 7.83 -33.28
CA VAL B 58 28.30 7.59 -33.34
C VAL B 58 27.93 7.06 -34.72
N SER B 59 28.55 7.62 -35.75
CA SER B 59 28.30 7.24 -37.12
C SER B 59 28.67 5.77 -37.38
N ILE B 60 29.81 5.35 -36.87
CA ILE B 60 30.33 4.01 -37.09
C ILE B 60 29.54 3.00 -36.26
N ARG B 61 29.12 3.44 -35.07
CA ARG B 61 28.27 2.61 -34.21
C ARG B 61 26.95 2.34 -34.92
N ARG B 62 26.35 3.39 -35.47
CA ARG B 62 25.12 3.29 -36.25
C ARG B 62 25.25 2.34 -37.44
N GLN B 63 26.38 2.40 -38.12
CA GLN B 63 26.63 1.58 -39.30
C GLN B 63 26.78 0.10 -38.93
N LEU B 64 27.40 -0.18 -37.78
CA LEU B 64 27.55 -1.54 -37.27
C LEU B 64 26.18 -2.10 -36.91
N LEU B 65 25.45 -1.33 -36.11
CA LEU B 65 24.11 -1.67 -35.67
C LEU B 65 23.16 -1.99 -36.83
N SER B 66 23.25 -1.20 -37.90
CA SER B 66 22.27 -1.24 -38.97
C SER B 66 22.29 -2.56 -39.74
N LYS B 67 23.47 -3.17 -39.88
CA LYS B 67 23.57 -4.44 -40.61
C LYS B 67 23.31 -5.66 -39.72
N LYS B 68 23.03 -5.42 -38.45
CA LYS B 68 22.51 -6.44 -37.54
C LYS B 68 20.98 -6.48 -37.55
N LEU B 69 20.35 -5.47 -38.16
CA LEU B 69 18.88 -5.32 -38.10
C LEU B 69 18.18 -5.96 -39.29
N SER B 70 16.92 -6.37 -39.09
CA SER B 70 16.13 -6.96 -40.16
C SER B 70 15.76 -5.94 -41.24
N GLU B 71 15.55 -4.69 -40.84
CA GLU B 71 15.42 -3.57 -41.77
C GLU B 71 16.66 -2.66 -41.63
N PRO B 72 17.56 -2.71 -42.60
CA PRO B 72 18.84 -1.98 -42.48
C PRO B 72 18.71 -0.46 -42.51
N SER B 73 17.56 0.07 -42.93
CA SER B 73 17.35 1.50 -43.04
C SER B 73 16.51 2.10 -41.90
N SER B 74 16.40 1.36 -40.79
CA SER B 74 15.50 1.74 -39.70
C SER B 74 15.94 3.00 -38.94
N LEU B 75 17.23 3.29 -38.94
CA LEU B 75 17.78 4.48 -38.28
C LEU B 75 17.75 5.76 -39.13
N GLN B 76 17.16 5.68 -40.32
CA GLN B 76 17.18 6.80 -41.27
C GLN B 76 16.71 8.12 -40.66
N TYR B 77 15.60 8.08 -39.93
CA TYR B 77 15.00 9.28 -39.35
C TYR B 77 15.32 9.47 -37.86
N LEU B 78 16.26 8.69 -37.34
CA LEU B 78 16.84 8.93 -36.03
C LEU B 78 18.01 9.90 -36.20
N PRO B 79 17.84 11.14 -35.76
CA PRO B 79 18.86 12.17 -36.00
C PRO B 79 20.08 11.97 -35.11
N TYR B 80 21.24 12.44 -35.57
CA TYR B 80 22.47 12.33 -34.80
C TYR B 80 23.52 13.40 -35.13
N ARG B 81 23.50 13.93 -36.35
CA ARG B 81 24.48 14.93 -36.79
C ARG B 81 24.31 16.24 -36.04
N ASP B 82 25.44 16.95 -35.88
CA ASP B 82 25.49 18.31 -35.32
C ASP B 82 25.05 18.45 -33.85
N TYR B 83 24.85 17.33 -33.16
CA TYR B 83 24.53 17.35 -31.75
C TYR B 83 25.81 17.39 -30.93
N ASN B 84 25.76 18.05 -29.79
CA ASN B 84 26.92 18.28 -28.94
C ASN B 84 27.18 17.07 -28.03
N TYR B 85 27.93 16.09 -28.55
CA TYR B 85 28.20 14.84 -27.84
C TYR B 85 29.29 14.91 -26.77
N SER B 86 29.98 16.05 -26.66
CA SER B 86 31.09 16.21 -25.71
C SER B 86 30.62 16.17 -24.25
N LEU B 87 29.51 16.83 -23.96
CA LEU B 87 28.94 16.82 -22.61
C LEU B 87 28.20 15.51 -22.28
N VAL B 88 27.96 14.69 -23.29
CA VAL B 88 27.29 13.40 -23.13
C VAL B 88 28.29 12.25 -22.92
N MET B 89 29.32 12.19 -23.75
CA MET B 89 30.25 11.06 -23.74
C MET B 89 30.99 10.97 -22.40
N GLY B 90 30.88 9.81 -21.76
CA GLY B 90 31.52 9.56 -20.47
C GLY B 90 30.84 10.23 -19.30
N ALA B 91 29.53 10.45 -19.38
CA ALA B 91 28.82 11.26 -18.39
C ALA B 91 27.31 10.98 -18.30
N CYS B 92 26.64 10.88 -19.44
CA CYS B 92 25.18 10.81 -19.52
C CYS B 92 24.63 9.58 -20.27
N CYS B 93 25.44 8.98 -21.14
CA CYS B 93 24.99 7.89 -22.00
C CYS B 93 26.16 7.14 -22.64
N GLU B 94 26.00 5.84 -22.84
CA GLU B 94 26.99 5.03 -23.56
C GLU B 94 26.36 4.40 -24.80
N ASN B 95 27.22 3.90 -25.68
CA ASN B 95 26.80 3.27 -26.94
C ASN B 95 25.86 4.17 -27.74
N VAL B 96 26.21 5.45 -27.84
CA VAL B 96 25.31 6.45 -28.39
C VAL B 96 25.15 6.29 -29.90
N ILE B 97 23.91 6.23 -30.36
CA ILE B 97 23.61 6.06 -31.78
C ILE B 97 22.83 7.24 -32.34
N GLY B 98 22.63 8.27 -31.53
CA GLY B 98 21.84 9.42 -31.94
C GLY B 98 21.15 10.09 -30.78
N TYR B 99 20.01 10.72 -31.07
CA TYR B 99 19.23 11.41 -30.05
C TYR B 99 17.75 11.46 -30.40
N MET B 100 16.90 11.58 -29.38
CA MET B 100 15.46 11.54 -29.54
C MET B 100 14.88 12.92 -29.21
N PRO B 101 14.40 13.63 -30.23
CA PRO B 101 13.72 14.91 -30.01
C PRO B 101 12.34 14.75 -29.38
N ILE B 102 12.15 15.31 -28.19
CA ILE B 102 10.84 15.36 -27.56
C ILE B 102 10.33 16.79 -27.72
N PRO B 103 9.13 16.97 -28.27
CA PRO B 103 8.57 18.32 -28.42
C PRO B 103 8.52 19.04 -27.07
N VAL B 104 8.85 20.33 -27.06
CA VAL B 104 8.82 21.15 -25.86
C VAL B 104 7.81 22.27 -26.06
N GLY B 105 6.97 22.51 -25.05
CA GLY B 105 5.98 23.58 -25.09
C GLY B 105 5.94 24.37 -23.79
N VAL B 106 5.36 25.56 -23.84
CA VAL B 106 5.36 26.46 -22.69
C VAL B 106 3.95 26.63 -22.11
N ALA B 107 3.85 26.48 -20.80
CA ALA B 107 2.63 26.81 -20.07
C ALA B 107 2.95 27.96 -19.14
N GLY B 108 2.21 29.05 -19.28
CA GLY B 108 2.39 30.22 -18.44
C GLY B 108 1.69 31.46 -18.97
N PRO B 109 1.81 32.58 -18.27
CA PRO B 109 2.60 32.69 -17.02
C PRO B 109 1.98 31.97 -15.83
N LEU B 110 2.81 31.25 -15.08
CA LEU B 110 2.42 30.63 -13.82
C LEU B 110 2.73 31.62 -12.69
N CYS B 111 1.70 32.15 -12.07
CA CYS B 111 1.87 33.15 -11.02
C CYS B 111 2.07 32.46 -9.68
N LEU B 112 3.32 32.38 -9.25
CA LEU B 112 3.73 31.62 -8.06
C LEU B 112 4.63 32.48 -7.17
N ASP B 113 4.16 32.72 -5.94
CA ASP B 113 4.88 33.51 -4.94
C ASP B 113 5.28 34.90 -5.45
N GLU B 114 4.33 35.57 -6.10
CA GLU B 114 4.49 36.94 -6.60
C GLU B 114 5.44 37.06 -7.80
N LYS B 115 5.98 35.95 -8.27
CA LYS B 115 6.79 35.91 -9.49
C LYS B 115 5.99 35.26 -10.60
N GLU B 116 6.50 35.36 -11.82
CA GLU B 116 5.87 34.73 -12.98
C GLU B 116 6.85 33.78 -13.66
N PHE B 117 6.38 32.59 -14.00
CA PHE B 117 7.23 31.56 -14.60
C PHE B 117 6.66 31.06 -15.92
N GLN B 118 7.53 30.87 -16.89
CA GLN B 118 7.17 30.27 -18.16
C GLN B 118 7.72 28.86 -18.13
N VAL B 119 6.83 27.89 -17.92
CA VAL B 119 7.22 26.52 -17.59
C VAL B 119 7.40 25.65 -18.84
N PRO B 120 8.60 25.13 -19.06
CA PRO B 120 8.85 24.23 -20.19
C PRO B 120 8.35 22.81 -19.90
N MET B 121 7.84 22.14 -20.91
CA MET B 121 7.24 20.82 -20.77
C MET B 121 7.53 19.95 -21.99
N ALA B 122 8.41 18.96 -21.83
CA ALA B 122 8.72 18.00 -22.89
C ALA B 122 7.70 16.88 -22.91
N THR B 123 6.89 16.81 -23.97
CA THR B 123 5.81 15.84 -24.03
C THR B 123 5.40 15.47 -25.47
N THR B 124 4.82 14.28 -25.64
CA THR B 124 4.22 13.88 -26.91
C THR B 124 2.72 13.57 -26.76
N GLU B 125 2.15 13.91 -25.62
CA GLU B 125 0.72 13.75 -25.38
C GLU B 125 -0.05 15.02 -25.77
N GLY B 126 -0.93 14.87 -26.76
CA GLY B 126 -1.76 15.96 -27.22
C GLY B 126 -2.63 16.52 -26.12
N CYS B 127 -2.74 17.85 -26.10
CA CYS B 127 -3.59 18.61 -25.18
C CYS B 127 -3.04 18.84 -23.77
N LEU B 128 -1.93 18.19 -23.41
CA LEU B 128 -1.40 18.32 -22.05
C LEU B 128 -0.95 19.74 -21.76
N VAL B 129 -0.15 20.31 -22.67
CA VAL B 129 0.34 21.67 -22.51
C VAL B 129 -0.81 22.67 -22.51
N ALA B 130 -1.79 22.48 -23.40
CA ALA B 130 -2.92 23.41 -23.52
C ALA B 130 -3.75 23.39 -22.24
N SER B 131 -3.97 22.18 -21.71
CA SER B 131 -4.68 21.98 -20.46
C SER B 131 -3.99 22.70 -19.31
N THR B 132 -2.68 22.51 -19.20
CA THR B 132 -1.90 23.07 -18.10
C THR B 132 -1.85 24.59 -18.18
N ASN B 133 -1.82 25.13 -19.40
CA ASN B 133 -1.80 26.56 -19.64
C ASN B 133 -3.11 27.21 -19.18
N ARG B 134 -4.21 26.48 -19.35
CA ARG B 134 -5.51 26.97 -18.91
C ARG B 134 -5.60 27.00 -17.38
N GLY B 135 -4.97 26.03 -16.72
CA GLY B 135 -4.90 26.01 -15.28
C GLY B 135 -4.09 27.17 -14.73
N CYS B 136 -3.02 27.53 -15.44
CA CYS B 136 -2.22 28.70 -15.11
C CYS B 136 -3.05 29.97 -15.21
N ARG B 137 -3.77 30.10 -16.32
CA ARG B 137 -4.59 31.27 -16.59
C ARG B 137 -5.60 31.48 -15.45
N ALA B 138 -6.21 30.39 -15.00
CA ALA B 138 -7.17 30.44 -13.89
C ALA B 138 -6.50 30.81 -12.57
N ILE B 139 -5.26 30.33 -12.35
CA ILE B 139 -4.50 30.67 -11.14
C ILE B 139 -4.16 32.16 -11.13
N GLY B 140 -3.69 32.67 -12.26
CA GLY B 140 -3.27 34.06 -12.39
C GLY B 140 -4.42 35.02 -12.17
N LEU B 141 -5.61 34.65 -12.65
CA LEU B 141 -6.80 35.49 -12.52
C LEU B 141 -7.35 35.44 -11.10
N GLY B 142 -6.95 34.42 -10.34
CA GLY B 142 -7.34 34.29 -8.95
C GLY B 142 -6.32 34.77 -7.93
N GLY B 143 -5.48 35.74 -8.30
CA GLY B 143 -4.50 36.30 -7.38
C GLY B 143 -3.21 35.51 -7.22
N GLY B 144 -2.98 34.54 -8.10
CA GLY B 144 -1.77 33.73 -8.07
C GLY B 144 -1.76 32.67 -6.99
N ALA B 145 -0.64 31.96 -6.89
CA ALA B 145 -0.50 30.82 -5.99
C ALA B 145 0.66 31.02 -5.03
N SER B 146 0.56 30.45 -3.84
CA SER B 146 1.63 30.49 -2.84
C SER B 146 2.14 29.08 -2.58
N SER B 147 3.44 28.93 -2.32
CA SER B 147 4.04 27.64 -2.02
C SER B 147 5.08 27.71 -0.91
N ARG B 148 5.30 26.59 -0.24
CA ARG B 148 6.32 26.46 0.80
C ARG B 148 7.05 25.12 0.70
N VAL B 149 8.35 25.14 0.95
CA VAL B 149 9.15 23.91 1.02
C VAL B 149 9.22 23.48 2.47
N LEU B 150 8.57 22.36 2.77
CA LEU B 150 8.45 21.86 4.15
C LEU B 150 9.69 21.09 4.62
N ALA B 151 10.39 20.48 3.67
CA ALA B 151 11.56 19.64 3.99
C ALA B 151 12.44 19.45 2.77
N ASP B 152 13.72 19.16 3.01
CA ASP B 152 14.71 19.04 1.96
C ASP B 152 15.77 18.05 2.41
N GLY B 153 15.92 16.94 1.69
CA GLY B 153 16.84 15.91 2.08
C GLY B 153 16.72 14.63 1.27
N MET B 154 17.69 14.43 0.39
CA MET B 154 17.83 13.18 -0.38
C MET B 154 18.29 12.08 0.56
N THR B 155 17.86 10.84 0.28
CA THR B 155 18.16 9.71 1.17
C THR B 155 18.84 8.53 0.47
N ARG B 156 19.52 7.72 1.27
CA ARG B 156 20.04 6.43 0.83
C ARG B 156 19.88 5.41 1.95
N GLY B 157 19.37 4.23 1.60
CA GLY B 157 18.97 3.25 2.60
C GLY B 157 19.65 1.90 2.42
N PRO B 158 20.94 1.81 2.76
CA PRO B 158 21.65 0.53 2.69
C PRO B 158 21.08 -0.51 3.64
N VAL B 159 21.43 -1.76 3.39
CA VAL B 159 21.12 -2.86 4.28
C VAL B 159 22.44 -3.45 4.79
N VAL B 160 22.58 -3.53 6.10
CA VAL B 160 23.71 -4.21 6.72
C VAL B 160 23.20 -5.38 7.53
N ARG B 161 24.10 -6.30 7.89
CA ARG B 161 23.73 -7.51 8.62
C ARG B 161 24.67 -7.74 9.81
N LEU B 162 24.09 -8.24 10.90
CA LEU B 162 24.86 -8.71 12.05
C LEU B 162 24.62 -10.21 12.16
N PRO B 163 25.47 -10.91 12.92
CA PRO B 163 25.26 -12.35 13.18
C PRO B 163 23.89 -12.68 13.79
N ARG B 164 23.35 -11.79 14.63
CA ARG B 164 22.06 -12.01 15.27
C ARG B 164 21.21 -10.74 15.29
N ALA B 165 19.90 -10.92 15.44
CA ALA B 165 18.96 -9.81 15.59
C ALA B 165 19.28 -8.96 16.81
N CYS B 166 19.77 -9.58 17.88
CA CYS B 166 20.11 -8.88 19.11
C CYS B 166 21.30 -7.95 18.94
N ASP B 167 22.22 -8.33 18.05
CA ASP B 167 23.38 -7.49 17.73
C ASP B 167 22.98 -6.30 16.86
N SER B 168 22.05 -6.53 15.94
CA SER B 168 21.52 -5.44 15.11
C SER B 168 20.65 -4.49 15.94
N ALA B 169 20.00 -5.03 16.97
CA ALA B 169 19.27 -4.22 17.96
C ALA B 169 20.25 -3.37 18.78
N GLU B 170 21.45 -3.90 18.98
CA GLU B 170 22.51 -3.16 19.63
C GLU B 170 22.94 -1.99 18.74
N VAL B 171 23.07 -2.26 17.45
CA VAL B 171 23.52 -1.24 16.50
C VAL B 171 22.47 -0.13 16.36
N LYS B 172 21.20 -0.50 16.40
CA LYS B 172 20.09 0.45 16.30
C LYS B 172 20.07 1.38 17.51
N ALA B 173 20.24 0.79 18.69
CA ALA B 173 20.30 1.54 19.95
C ALA B 173 21.50 2.49 19.97
N TRP B 174 22.64 2.03 19.47
CA TRP B 174 23.87 2.84 19.42
C TRP B 174 23.69 4.06 18.51
N LEU B 175 23.07 3.83 17.35
CA LEU B 175 22.83 4.90 16.38
C LEU B 175 21.81 5.92 16.90
N GLU B 176 20.99 5.52 17.87
CA GLU B 176 19.97 6.39 18.43
C GLU B 176 20.48 7.28 19.57
N THR B 177 21.61 6.91 20.20
CA THR B 177 22.23 7.78 21.22
C THR B 177 22.81 9.01 20.55
N SER B 178 22.89 10.11 21.30
CA SER B 178 23.38 11.38 20.75
C SER B 178 24.85 11.30 20.33
N GLU B 179 25.62 10.49 21.05
CA GLU B 179 27.09 10.40 20.83
C GLU B 179 27.45 9.44 19.71
N GLY B 180 26.71 8.35 19.58
CA GLY B 180 26.90 7.42 18.48
C GLY B 180 26.54 8.06 17.15
N PHE B 181 25.48 8.87 17.16
CA PHE B 181 25.05 9.59 15.96
C PHE B 181 26.00 10.71 15.60
N ALA B 182 26.69 11.27 16.60
CA ALA B 182 27.66 12.35 16.36
C ALA B 182 28.88 11.85 15.58
N VAL B 183 29.30 10.62 15.89
CA VAL B 183 30.44 9.99 15.23
C VAL B 183 30.10 9.61 13.78
N ILE B 184 28.90 9.10 13.57
CA ILE B 184 28.45 8.73 12.23
C ILE B 184 28.27 9.98 11.36
N LYS B 185 27.79 11.06 11.99
CA LYS B 185 27.57 12.34 11.32
C LYS B 185 28.90 12.95 10.89
N GLU B 186 29.92 12.82 11.73
CA GLU B 186 31.24 13.35 11.42
C GLU B 186 31.86 12.63 10.22
N ALA B 187 31.69 11.31 10.14
CA ALA B 187 32.23 10.52 9.04
C ALA B 187 31.50 10.81 7.73
N PHE B 188 30.19 11.04 7.84
CA PHE B 188 29.35 11.36 6.68
C PHE B 188 29.68 12.75 6.14
N ASP B 189 29.82 13.72 7.05
CA ASP B 189 30.01 15.13 6.69
C ASP B 189 31.42 15.46 6.20
N SER B 190 32.36 14.55 6.41
CA SER B 190 33.75 14.73 5.96
C SER B 190 33.93 14.50 4.46
N THR B 191 32.96 13.86 3.81
CA THR B 191 33.07 13.51 2.39
C THR B 191 32.75 14.65 1.43
N SER B 192 32.12 15.71 1.93
CA SER B 192 31.70 16.85 1.10
C SER B 192 31.21 18.03 1.95
N ARG B 193 31.27 19.23 1.40
CA ARG B 193 30.90 20.43 2.16
C ARG B 193 29.39 20.63 2.26
N PHE B 194 28.64 20.00 1.36
CA PHE B 194 27.17 20.04 1.39
C PHE B 194 26.55 18.98 2.29
N ALA B 195 27.32 17.94 2.61
CA ALA B 195 26.84 16.85 3.45
C ALA B 195 26.62 17.27 4.90
N ARG B 196 25.35 17.49 5.26
CA ARG B 196 24.94 17.74 6.64
C ARG B 196 23.85 16.71 7.00
N LEU B 197 24.23 15.68 7.76
CA LEU B 197 23.35 14.54 8.03
C LEU B 197 22.23 14.89 9.00
N GLN B 198 20.99 14.62 8.59
CA GLN B 198 19.80 14.82 9.43
C GLN B 198 19.55 13.58 10.29
N LYS B 199 18.42 13.57 11.01
CA LYS B 199 18.10 12.49 11.94
C LYS B 199 17.96 11.13 11.23
N LEU B 200 18.57 10.11 11.82
CA LEU B 200 18.69 8.79 11.19
C LEU B 200 17.42 7.97 11.40
N HIS B 201 16.89 7.41 10.33
CA HIS B 201 15.76 6.50 10.43
C HIS B 201 16.26 5.07 10.19
N THR B 202 15.94 4.17 11.12
CA THR B 202 16.32 2.76 10.97
C THR B 202 15.15 1.81 11.18
N SER B 203 15.37 0.57 10.79
CA SER B 203 14.34 -0.46 10.83
C SER B 203 15.00 -1.83 10.76
N ILE B 204 14.57 -2.73 11.62
CA ILE B 204 15.19 -4.05 11.76
C ILE B 204 14.29 -5.11 11.17
N ALA B 205 14.90 -6.06 10.46
CA ALA B 205 14.21 -7.25 9.99
C ALA B 205 15.08 -8.47 10.29
N GLY B 206 14.90 -9.02 11.48
CA GLY B 206 15.74 -10.12 11.96
C GLY B 206 17.13 -9.59 12.19
N ARG B 207 18.12 -10.23 11.57
CA ARG B 207 19.49 -9.76 11.69
C ARG B 207 19.86 -8.71 10.65
N ASN B 208 18.92 -8.36 9.76
CA ASN B 208 19.10 -7.21 8.87
C ASN B 208 18.83 -5.89 9.58
N LEU B 209 19.48 -4.85 9.08
CA LEU B 209 19.32 -3.50 9.61
C LEU B 209 19.38 -2.51 8.45
N TYR B 210 18.25 -1.84 8.21
CA TYR B 210 18.12 -0.85 7.16
C TYR B 210 18.30 0.53 7.79
N ILE B 211 19.23 1.31 7.23
CA ILE B 211 19.59 2.62 7.78
C ILE B 211 19.36 3.67 6.71
N ARG B 212 18.49 4.63 7.01
CA ARG B 212 18.14 5.71 6.11
C ARG B 212 18.96 6.94 6.46
N PHE B 213 20.02 7.17 5.68
CA PHE B 213 20.83 8.37 5.80
C PHE B 213 20.17 9.46 4.98
N GLN B 214 19.93 10.62 5.60
CA GLN B 214 19.27 11.73 4.91
C GLN B 214 20.08 13.01 5.03
N SER B 215 20.14 13.78 3.96
CA SER B 215 20.92 15.02 3.95
C SER B 215 20.65 15.89 2.74
N ARG B 216 20.75 17.21 2.95
CA ARG B 216 20.71 18.19 1.88
C ARG B 216 21.93 17.99 1.00
N SER B 217 21.85 18.45 -0.24
CA SER B 217 22.82 18.14 -1.27
C SER B 217 23.13 19.36 -2.14
N GLY B 218 23.01 20.55 -1.56
CA GLY B 218 23.10 21.77 -2.32
C GLY B 218 22.00 21.79 -3.37
N ASP B 219 22.37 22.16 -4.60
CA ASP B 219 21.43 22.21 -5.71
C ASP B 219 21.42 20.92 -6.52
N ALA B 220 22.30 19.98 -6.18
CA ALA B 220 22.29 18.67 -6.81
C ALA B 220 21.13 17.84 -6.25
N MET B 221 20.66 16.89 -7.06
CA MET B 221 19.68 15.90 -6.62
C MET B 221 20.30 15.04 -5.52
N GLY B 222 21.60 14.77 -5.65
CA GLY B 222 22.44 14.36 -4.54
C GLY B 222 22.68 12.88 -4.35
N MET B 223 22.38 12.04 -5.34
CA MET B 223 22.50 10.59 -5.15
C MET B 223 23.94 10.11 -4.98
N ASN B 224 24.87 10.71 -5.71
CA ASN B 224 26.28 10.31 -5.60
C ASN B 224 26.94 10.88 -4.34
N MET B 225 26.55 12.09 -3.97
CA MET B 225 26.99 12.74 -2.74
C MET B 225 26.57 11.94 -1.51
N ILE B 226 25.32 11.48 -1.49
CA ILE B 226 24.77 10.75 -0.35
C ILE B 226 25.38 9.36 -0.24
N SER B 227 25.65 8.72 -1.39
CA SER B 227 26.19 7.37 -1.44
C SER B 227 27.64 7.33 -0.97
N LYS B 228 28.39 8.40 -1.25
CA LYS B 228 29.76 8.52 -0.79
C LYS B 228 29.80 8.73 0.72
N GLY B 229 29.00 9.66 1.20
CA GLY B 229 28.87 9.93 2.63
C GLY B 229 28.40 8.71 3.41
N THR B 230 27.55 7.90 2.77
CA THR B 230 27.04 6.66 3.34
C THR B 230 28.13 5.61 3.48
N GLU B 231 28.99 5.50 2.47
CA GLU B 231 30.08 4.51 2.49
C GLU B 231 31.11 4.83 3.58
N LYS B 232 31.32 6.11 3.86
CA LYS B 232 32.28 6.52 4.89
C LYS B 232 31.68 6.33 6.27
N ALA B 233 30.40 6.68 6.41
CA ALA B 233 29.67 6.52 7.67
C ALA B 233 29.56 5.06 8.09
N LEU B 234 29.35 4.17 7.11
CA LEU B 234 29.24 2.74 7.39
C LEU B 234 30.61 2.14 7.72
N SER B 235 31.67 2.70 7.17
CA SER B 235 33.03 2.28 7.49
C SER B 235 33.38 2.64 8.93
N LYS B 236 32.90 3.81 9.37
CA LYS B 236 33.06 4.26 10.76
C LYS B 236 32.24 3.39 11.71
N LEU B 237 31.04 2.99 11.28
CA LEU B 237 30.16 2.14 12.09
C LEU B 237 30.81 0.78 12.28
N HIS B 238 31.47 0.30 11.23
CA HIS B 238 32.15 -0.98 11.25
C HIS B 238 33.28 -1.03 12.30
N GLU B 239 33.96 0.11 12.53
CA GLU B 239 35.01 0.18 13.55
C GLU B 239 34.46 -0.05 14.95
N TYR B 240 33.22 0.38 15.19
CA TYR B 240 32.53 0.15 16.46
C TYR B 240 31.84 -1.22 16.50
N PHE B 241 31.44 -1.74 15.34
CA PHE B 241 30.73 -3.01 15.24
C PHE B 241 31.34 -3.85 14.11
N PRO B 242 32.49 -4.47 14.38
CA PRO B 242 33.26 -5.17 13.35
C PRO B 242 32.66 -6.45 12.75
N GLU B 243 31.70 -7.09 13.42
CA GLU B 243 31.02 -8.26 12.86
C GLU B 243 29.91 -7.87 11.86
N MET B 244 29.77 -6.58 11.60
CA MET B 244 28.78 -6.07 10.63
C MET B 244 29.26 -6.27 9.19
N GLN B 245 28.36 -6.74 8.33
CA GLN B 245 28.60 -6.89 6.91
C GLN B 245 27.68 -5.91 6.17
N ILE B 246 28.25 -5.13 5.25
CA ILE B 246 27.45 -4.37 4.30
C ILE B 246 27.01 -5.33 3.21
N LEU B 247 25.71 -5.51 3.08
CA LEU B 247 25.13 -6.42 2.10
C LEU B 247 24.89 -5.73 0.75
N ALA B 248 24.34 -4.51 0.81
CA ALA B 248 24.16 -3.69 -0.37
C ALA B 248 24.06 -2.21 0.02
N VAL B 249 24.65 -1.33 -0.78
CA VAL B 249 24.69 0.09 -0.46
C VAL B 249 23.29 0.71 -0.61
N SER B 250 22.45 0.08 -1.41
CA SER B 250 21.01 0.33 -1.38
C SER B 250 20.27 -0.99 -1.10
N GLY B 251 19.48 -1.00 -0.05
CA GLY B 251 18.59 -2.11 0.25
C GLY B 251 17.12 -1.77 0.05
N ASN B 252 16.84 -0.86 -0.88
CA ASN B 252 15.49 -0.42 -1.21
C ASN B 252 14.73 0.28 -0.08
N TYR B 253 15.46 0.84 0.87
CA TYR B 253 14.88 1.55 1.99
C TYR B 253 15.01 3.07 1.80
N CYS B 254 15.49 3.49 0.64
CA CYS B 254 15.76 4.91 0.38
C CYS B 254 14.46 5.75 0.30
N THR B 255 13.52 5.48 -0.63
CA THR B 255 13.52 4.40 -1.60
C THR B 255 13.58 5.00 -3.02
N ASP B 256 14.51 4.53 -3.82
CA ASP B 256 14.79 5.15 -5.12
C ASP B 256 14.12 4.40 -6.27
N LYS B 257 13.28 5.13 -7.01
CA LYS B 257 12.65 4.70 -8.27
C LYS B 257 11.68 3.52 -8.15
N LYS B 258 11.23 3.23 -6.93
CA LYS B 258 10.14 2.28 -6.70
C LYS B 258 9.09 2.94 -5.81
N PRO B 259 7.82 2.55 -5.96
CA PRO B 259 6.76 3.05 -5.07
C PRO B 259 6.97 2.54 -3.64
N ALA B 260 6.90 3.44 -2.67
CA ALA B 260 7.19 3.12 -1.28
C ALA B 260 6.53 4.11 -0.32
N ALA B 261 5.85 3.57 0.70
CA ALA B 261 5.16 4.38 1.68
C ALA B 261 6.10 5.25 2.53
N ILE B 262 7.34 4.82 2.69
CA ILE B 262 8.33 5.57 3.47
C ILE B 262 8.63 6.94 2.86
N ASN B 263 8.66 7.03 1.53
CA ASN B 263 8.82 8.31 0.83
C ASN B 263 7.58 9.19 0.99
N TRP B 264 6.41 8.56 0.99
CA TRP B 264 5.16 9.27 1.19
C TRP B 264 5.06 9.85 2.61
N ILE B 265 5.62 9.16 3.59
CA ILE B 265 5.38 9.46 4.99
C ILE B 265 6.50 10.29 5.62
N GLU B 266 7.74 10.02 5.22
CA GLU B 266 8.92 10.73 5.71
C GLU B 266 9.38 11.80 4.74
N GLY B 267 9.02 11.64 3.47
CA GLY B 267 9.48 12.53 2.43
C GLY B 267 10.86 12.15 1.93
N ARG B 268 11.21 12.66 0.76
CA ARG B 268 12.49 12.39 0.13
C ARG B 268 12.79 13.53 -0.84
N GLY B 269 14.01 14.04 -0.82
CA GLY B 269 14.30 15.28 -1.49
C GLY B 269 13.46 16.42 -0.95
N LYS B 270 12.74 17.09 -1.85
CA LYS B 270 11.94 18.26 -1.50
C LYS B 270 10.50 17.86 -1.23
N SER B 271 10.03 18.08 0.00
CA SER B 271 8.61 18.06 0.30
C SER B 271 8.11 19.48 0.11
N VAL B 272 7.00 19.62 -0.62
CA VAL B 272 6.48 20.91 -1.03
C VAL B 272 4.96 20.92 -0.95
N VAL B 273 4.40 22.09 -0.67
CA VAL B 273 2.96 22.30 -0.72
C VAL B 273 2.68 23.59 -1.50
N CYS B 274 1.71 23.54 -2.41
CA CYS B 274 1.24 24.70 -3.15
C CYS B 274 -0.24 24.93 -2.85
N GLU B 275 -0.72 26.15 -3.06
CA GLU B 275 -2.14 26.46 -2.89
C GLU B 275 -2.60 27.70 -3.68
N ALA B 276 -3.92 27.85 -3.78
CA ALA B 276 -4.52 29.00 -4.46
C ALA B 276 -6.01 29.06 -4.17
N VAL B 277 -6.59 30.25 -4.33
CA VAL B 277 -8.04 30.40 -4.30
C VAL B 277 -8.50 31.02 -5.62
N ILE B 278 -9.29 30.24 -6.36
CA ILE B 278 -9.85 30.64 -7.65
C ILE B 278 -11.25 31.21 -7.40
N PRO B 279 -11.48 32.49 -7.74
CA PRO B 279 -12.81 33.09 -7.58
C PRO B 279 -13.88 32.35 -8.38
N ALA B 280 -15.12 32.41 -7.92
CA ALA B 280 -16.22 31.69 -8.57
C ALA B 280 -16.39 32.08 -10.04
N LYS B 281 -16.16 33.36 -10.34
CA LYS B 281 -16.22 33.90 -11.70
C LYS B 281 -15.25 33.19 -12.66
N VAL B 282 -14.03 33.01 -12.20
CA VAL B 282 -12.98 32.37 -13.01
C VAL B 282 -13.30 30.90 -13.23
N VAL B 283 -13.84 30.23 -12.21
CA VAL B 283 -14.17 28.81 -12.34
C VAL B 283 -15.21 28.62 -13.44
N ARG B 284 -16.16 29.55 -13.51
CA ARG B 284 -17.22 29.51 -14.54
C ARG B 284 -16.70 29.78 -15.95
N GLU B 285 -15.97 30.88 -16.10
CA GLU B 285 -15.62 31.42 -17.43
C GLU B 285 -14.42 30.74 -18.05
N VAL B 286 -13.40 30.48 -17.23
CA VAL B 286 -12.18 29.84 -17.70
C VAL B 286 -12.27 28.32 -17.67
N LEU B 287 -12.76 27.78 -16.56
CA LEU B 287 -12.75 26.33 -16.35
C LEU B 287 -14.06 25.62 -16.70
N LYS B 288 -15.09 26.37 -17.08
CA LYS B 288 -16.34 25.79 -17.62
C LYS B 288 -16.98 24.78 -16.68
N THR B 289 -17.03 25.14 -15.40
CA THR B 289 -17.63 24.29 -14.36
C THR B 289 -17.95 25.18 -13.14
N THR B 290 -18.25 24.57 -12.00
CA THR B 290 -18.46 25.30 -10.76
C THR B 290 -17.61 24.73 -9.63
N THR B 291 -17.50 25.50 -8.55
CA THR B 291 -16.75 25.10 -7.37
C THR B 291 -17.32 23.83 -6.77
N GLU B 292 -18.65 23.80 -6.66
CA GLU B 292 -19.35 22.69 -6.04
C GLU B 292 -19.14 21.39 -6.84
N ALA B 293 -19.18 21.50 -8.17
CA ALA B 293 -19.02 20.34 -9.05
C ALA B 293 -17.63 19.72 -8.94
N MET B 294 -16.62 20.56 -8.72
CA MET B 294 -15.24 20.09 -8.68
C MET B 294 -14.82 19.51 -7.34
N ILE B 295 -15.40 20.01 -6.24
CA ILE B 295 -15.16 19.46 -4.93
C ILE B 295 -15.70 18.03 -4.91
N GLU B 296 -16.90 17.86 -5.42
CA GLU B 296 -17.53 16.55 -5.52
C GLU B 296 -16.71 15.56 -6.35
N VAL B 297 -16.12 16.01 -7.46
CA VAL B 297 -15.27 15.13 -8.28
C VAL B 297 -13.95 14.84 -7.58
N ASN B 298 -13.35 15.84 -6.94
CA ASN B 298 -12.08 15.66 -6.21
C ASN B 298 -12.22 14.69 -5.04
N ILE B 299 -13.33 14.79 -4.32
CA ILE B 299 -13.59 13.88 -3.22
C ILE B 299 -13.73 12.46 -3.76
N ASN B 300 -14.61 12.24 -4.72
CA ASN B 300 -14.95 10.87 -5.13
C ASN B 300 -14.01 10.25 -6.17
N LYS B 301 -13.14 11.06 -6.77
CA LYS B 301 -12.12 10.55 -7.68
C LYS B 301 -10.78 10.49 -6.95
N ASN B 302 -10.20 11.64 -6.63
CA ASN B 302 -8.85 11.70 -6.08
C ASN B 302 -8.68 11.17 -4.66
N LEU B 303 -9.76 11.08 -3.89
CA LEU B 303 -9.71 10.48 -2.56
C LEU B 303 -10.36 9.10 -2.53
N VAL B 304 -11.67 9.05 -2.74
CA VAL B 304 -12.41 7.80 -2.62
C VAL B 304 -11.98 6.84 -3.72
N GLY B 305 -11.88 7.33 -4.95
CA GLY B 305 -11.49 6.52 -6.08
C GLY B 305 -10.11 5.93 -5.91
N SER B 306 -9.14 6.78 -5.56
CA SER B 306 -7.78 6.33 -5.33
C SER B 306 -7.73 5.32 -4.19
N ALA B 307 -8.58 5.51 -3.20
CA ALA B 307 -8.65 4.60 -2.05
C ALA B 307 -9.18 3.22 -2.45
N MET B 308 -10.20 3.19 -3.30
CA MET B 308 -10.76 1.92 -3.78
C MET B 308 -9.74 1.17 -4.65
N ALA B 309 -8.84 1.91 -5.29
CA ALA B 309 -7.82 1.33 -6.15
C ALA B 309 -6.64 0.76 -5.37
N GLY B 310 -6.54 1.08 -4.08
CA GLY B 310 -5.45 0.60 -3.25
C GLY B 310 -4.19 1.42 -3.45
N SER B 311 -4.36 2.73 -3.54
CA SER B 311 -3.25 3.62 -3.80
C SER B 311 -2.62 4.13 -2.52
N ILE B 312 -1.29 4.23 -2.56
CA ILE B 312 -0.49 4.91 -1.56
C ILE B 312 0.22 6.05 -2.31
N GLY B 313 -0.14 7.29 -1.99
CA GLY B 313 0.50 8.46 -2.57
C GLY B 313 -0.08 8.97 -3.87
N GLY B 314 -1.09 8.29 -4.41
CA GLY B 314 -1.64 8.62 -5.72
C GLY B 314 -3.05 9.19 -5.63
N TYR B 315 -3.22 10.19 -4.75
CA TYR B 315 -4.51 10.85 -4.54
C TYR B 315 -4.60 12.16 -5.35
N ASN B 316 -4.48 12.02 -6.66
CA ASN B 316 -4.43 13.14 -7.57
C ASN B 316 -4.90 12.72 -8.97
N ALA B 317 -5.07 13.68 -9.86
CA ALA B 317 -5.58 13.42 -11.21
C ALA B 317 -4.47 12.94 -12.16
N HIS B 318 -3.50 13.80 -12.46
CA HIS B 318 -2.36 13.44 -13.31
C HIS B 318 -1.08 14.21 -13.00
N ALA B 319 -0.73 14.32 -11.73
CA ALA B 319 0.52 14.95 -11.34
C ALA B 319 1.72 14.41 -12.14
N ALA B 320 1.70 13.11 -12.47
CA ALA B 320 2.81 12.48 -13.19
C ALA B 320 3.01 13.02 -14.60
N ASN B 321 1.93 13.44 -15.26
CA ASN B 321 2.05 14.11 -16.55
C ASN B 321 2.89 15.38 -16.49
N ILE B 322 2.63 16.22 -15.49
CA ILE B 322 3.34 17.49 -15.34
C ILE B 322 4.79 17.24 -14.93
N VAL B 323 4.97 16.32 -13.98
CA VAL B 323 6.29 16.00 -13.44
C VAL B 323 7.18 15.44 -14.54
N THR B 324 6.71 14.42 -15.25
CA THR B 324 7.45 13.82 -16.34
C THR B 324 7.84 14.85 -17.42
N ALA B 325 6.90 15.72 -17.77
CA ALA B 325 7.12 16.69 -18.84
C ALA B 325 8.18 17.73 -18.48
N ILE B 326 8.08 18.30 -17.29
CA ILE B 326 9.06 19.28 -16.84
C ILE B 326 10.42 18.61 -16.62
N TYR B 327 10.39 17.36 -16.17
CA TYR B 327 11.61 16.63 -15.82
C TYR B 327 12.46 16.37 -17.05
N ILE B 328 11.84 15.95 -18.15
CA ILE B 328 12.57 15.64 -19.37
C ILE B 328 13.10 16.95 -19.97
N ALA B 329 12.29 18.00 -19.90
CA ALA B 329 12.67 19.30 -20.43
C ALA B 329 13.80 19.96 -19.63
N CYS B 330 13.90 19.65 -18.34
CA CYS B 330 14.85 20.33 -17.46
C CYS B 330 16.00 19.44 -17.00
N GLY B 331 16.25 18.35 -17.73
CA GLY B 331 17.42 17.51 -17.51
C GLY B 331 17.40 16.61 -16.29
N GLN B 332 16.20 16.36 -15.78
CA GLN B 332 16.03 15.50 -14.61
C GLN B 332 16.07 14.02 -14.99
N ASP B 333 16.13 13.18 -13.97
CA ASP B 333 15.96 11.75 -14.14
C ASP B 333 14.47 11.48 -14.18
N ALA B 334 13.96 11.20 -15.38
CA ALA B 334 12.53 10.95 -15.59
C ALA B 334 12.06 9.65 -14.94
N ALA B 335 12.97 8.71 -14.75
CA ALA B 335 12.64 7.48 -14.02
C ALA B 335 12.18 7.76 -12.59
N GLN B 336 12.56 8.91 -12.04
CA GLN B 336 12.19 9.29 -10.69
C GLN B 336 10.83 9.96 -10.53
N ASN B 337 10.07 10.07 -11.61
CA ASN B 337 8.66 10.46 -11.51
C ASN B 337 7.83 9.41 -10.76
N VAL B 338 8.40 8.22 -10.57
CA VAL B 338 7.79 7.18 -9.77
C VAL B 338 7.42 7.72 -8.38
N GLY B 339 8.41 8.18 -7.65
CA GLY B 339 8.19 8.78 -6.34
C GLY B 339 7.87 10.28 -6.39
N SER B 340 8.50 10.98 -7.32
CA SER B 340 8.36 12.44 -7.43
C SER B 340 6.94 12.90 -7.74
N SER B 341 6.16 12.04 -8.40
CA SER B 341 4.76 12.31 -8.72
C SER B 341 3.81 12.20 -7.51
N ASN B 342 4.31 11.70 -6.39
CA ASN B 342 3.50 11.59 -5.18
C ASN B 342 2.81 12.92 -4.87
N CYS B 343 1.48 12.86 -4.74
CA CYS B 343 0.66 14.04 -4.61
C CYS B 343 -0.73 13.70 -4.08
N ILE B 344 -1.19 14.49 -3.11
CA ILE B 344 -2.60 14.51 -2.74
C ILE B 344 -3.17 15.90 -3.10
N THR B 345 -4.23 15.90 -3.90
CA THR B 345 -4.90 17.11 -4.35
C THR B 345 -6.17 17.31 -3.53
N LEU B 346 -6.29 18.45 -2.84
CA LEU B 346 -7.47 18.74 -2.03
C LEU B 346 -8.21 19.96 -2.54
N MET B 347 -9.51 20.00 -2.29
CA MET B 347 -10.38 21.07 -2.80
C MET B 347 -11.52 21.37 -1.84
N GLU B 348 -11.74 22.65 -1.58
CA GLU B 348 -12.80 23.11 -0.69
C GLU B 348 -13.46 24.40 -1.17
N ALA B 349 -14.63 24.68 -0.58
CA ALA B 349 -15.28 25.97 -0.74
C ALA B 349 -14.53 27.02 0.09
N SER B 350 -14.61 28.27 -0.34
CA SER B 350 -13.84 29.37 0.25
C SER B 350 -14.53 30.72 0.02
N GLY B 351 -14.07 31.75 0.74
CA GLY B 351 -14.59 33.10 0.59
C GLY B 351 -15.88 33.38 1.36
N PRO B 352 -16.35 34.62 1.33
CA PRO B 352 -17.55 35.03 2.09
C PRO B 352 -18.83 34.23 1.82
N THR B 353 -19.04 33.77 0.59
CA THR B 353 -20.27 33.05 0.24
C THR B 353 -20.05 31.57 -0.11
N ASN B 354 -18.89 31.02 0.25
CA ASN B 354 -18.54 29.61 0.01
C ASN B 354 -18.66 29.17 -1.46
N GLU B 355 -18.43 30.11 -2.38
CA GLU B 355 -18.56 29.79 -3.81
C GLU B 355 -17.22 29.82 -4.55
N ASP B 356 -16.17 30.28 -3.89
CA ASP B 356 -14.82 30.26 -4.45
C ASP B 356 -14.13 28.92 -4.16
N LEU B 357 -13.22 28.53 -5.04
CA LEU B 357 -12.55 27.24 -4.96
C LEU B 357 -11.18 27.35 -4.31
N TYR B 358 -11.04 26.81 -3.09
CA TYR B 358 -9.73 26.57 -2.51
C TYR B 358 -9.14 25.27 -3.06
N ILE B 359 -7.88 25.31 -3.45
CA ILE B 359 -7.18 24.13 -3.94
C ILE B 359 -5.78 24.08 -3.35
N SER B 360 -5.31 22.86 -3.11
CA SER B 360 -3.92 22.66 -2.72
C SER B 360 -3.40 21.32 -3.25
N CYS B 361 -2.11 21.28 -3.52
CA CYS B 361 -1.41 20.04 -3.82
C CYS B 361 -0.26 19.88 -2.84
N THR B 362 -0.09 18.68 -2.32
CA THR B 362 1.02 18.36 -1.44
C THR B 362 1.82 17.20 -2.05
N MET B 363 3.12 17.45 -2.23
CA MET B 363 4.01 16.54 -2.93
C MET B 363 5.25 16.31 -2.07
N PRO B 364 5.25 15.25 -1.28
CA PRO B 364 6.24 15.08 -0.24
C PRO B 364 7.60 14.54 -0.69
N SER B 365 7.77 14.15 -1.95
CA SER B 365 8.99 13.47 -2.38
C SER B 365 9.44 13.85 -3.80
N ILE B 366 9.52 15.16 -4.06
CA ILE B 366 10.06 15.68 -5.31
C ILE B 366 11.58 15.50 -5.33
N GLU B 367 12.07 14.66 -6.23
CA GLU B 367 13.48 14.37 -6.35
C GLU B 367 14.03 15.13 -7.54
N ILE B 368 14.77 16.19 -7.24
CA ILE B 368 15.06 17.24 -8.22
C ILE B 368 16.41 17.93 -7.99
N GLY B 369 16.96 18.50 -9.06
CA GLY B 369 18.26 19.14 -9.04
C GLY B 369 18.49 20.05 -10.23
N THR B 370 19.37 21.03 -10.06
CA THR B 370 19.73 21.98 -11.10
C THR B 370 21.22 21.92 -11.46
N VAL B 371 21.91 20.93 -10.88
CA VAL B 371 23.27 20.57 -11.27
C VAL B 371 23.38 19.04 -11.35
N GLY B 372 24.25 18.56 -12.23
CA GLY B 372 24.50 17.14 -12.37
C GLY B 372 23.62 16.46 -13.41
N GLY B 373 24.10 15.33 -13.92
CA GLY B 373 23.34 14.50 -14.85
C GLY B 373 22.97 15.24 -16.11
N GLY B 374 21.68 15.27 -16.43
CA GLY B 374 21.18 15.88 -17.65
C GLY B 374 21.10 17.40 -17.62
N THR B 375 21.22 18.00 -16.43
CA THR B 375 21.23 19.46 -16.31
C THR B 375 22.57 20.05 -16.74
N ASN B 376 23.56 19.20 -17.02
CA ASN B 376 24.84 19.64 -17.59
C ASN B 376 24.75 19.87 -19.09
N LEU B 377 23.79 19.25 -19.76
CA LEU B 377 23.60 19.45 -21.20
C LEU B 377 22.92 20.79 -21.47
N LEU B 378 23.23 21.42 -22.60
CA LEU B 378 22.86 22.80 -22.86
C LEU B 378 21.38 23.03 -23.20
N PRO B 379 20.77 22.19 -24.04
CA PRO B 379 19.33 22.28 -24.30
C PRO B 379 18.50 22.20 -23.01
N GLN B 380 18.86 21.26 -22.13
CA GLN B 380 18.20 21.09 -20.85
C GLN B 380 18.44 22.32 -19.96
N GLN B 381 19.64 22.88 -20.05
CA GLN B 381 20.01 24.10 -19.33
C GLN B 381 19.22 25.30 -19.83
N ALA B 382 18.83 25.30 -21.09
CA ALA B 382 18.05 26.40 -21.66
C ALA B 382 16.70 26.53 -20.97
N CYS B 383 16.08 25.37 -20.68
CA CYS B 383 14.79 25.34 -20.00
C CYS B 383 14.94 25.75 -18.54
N LEU B 384 16.06 25.38 -17.92
CA LEU B 384 16.34 25.80 -16.54
C LEU B 384 16.57 27.32 -16.47
N GLN B 385 17.16 27.90 -17.51
CA GLN B 385 17.40 29.32 -17.56
C GLN B 385 16.09 30.07 -17.74
N MET B 386 15.16 29.44 -18.45
CA MET B 386 13.80 29.96 -18.58
C MET B 386 13.22 30.28 -17.20
N LEU B 387 13.34 29.31 -16.29
CA LEU B 387 12.78 29.43 -14.95
C LEU B 387 13.69 30.17 -13.98
N GLY B 388 14.90 30.51 -14.42
CA GLY B 388 15.87 31.22 -13.61
C GLY B 388 16.60 30.37 -12.58
N VAL B 389 16.55 29.04 -12.73
CA VAL B 389 17.11 28.11 -11.74
C VAL B 389 18.35 27.33 -12.22
N GLN B 390 18.86 27.63 -13.41
CA GLN B 390 20.01 26.91 -13.96
C GLN B 390 21.24 26.98 -13.06
N GLY B 391 21.77 25.81 -12.71
CA GLY B 391 23.04 25.71 -12.01
C GLY B 391 22.96 25.88 -10.51
N ALA B 392 24.13 25.90 -9.89
CA ALA B 392 24.28 26.11 -8.46
C ALA B 392 24.13 27.59 -8.10
N CYS B 393 23.28 27.87 -7.12
CA CYS B 393 23.16 29.18 -6.53
C CYS B 393 24.33 29.45 -5.59
N LYS B 394 25.09 30.51 -5.87
CA LYS B 394 26.34 30.82 -5.16
C LYS B 394 26.13 31.19 -3.68
N ASP B 395 25.31 32.22 -3.45
CA ASP B 395 25.16 32.82 -2.12
C ASP B 395 24.03 32.22 -1.27
N ASN B 396 23.27 31.28 -1.83
CA ASN B 396 22.26 30.55 -1.08
C ASN B 396 22.10 29.11 -1.59
N PRO B 397 23.14 28.29 -1.40
CA PRO B 397 23.12 26.90 -1.87
C PRO B 397 21.80 26.17 -1.62
N GLY B 398 21.36 25.38 -2.60
CA GLY B 398 20.09 24.69 -2.55
C GLY B 398 18.86 25.47 -3.02
N GLU B 399 19.03 26.77 -3.28
CA GLU B 399 17.89 27.66 -3.55
C GLU B 399 17.29 27.45 -4.94
N ASN B 400 18.14 27.16 -5.93
CA ASN B 400 17.67 26.85 -7.28
C ASN B 400 16.85 25.55 -7.34
N ALA B 401 17.32 24.50 -6.69
CA ALA B 401 16.60 23.22 -6.67
C ALA B 401 15.30 23.34 -5.88
N ARG B 402 15.28 24.18 -4.85
CA ARG B 402 14.07 24.41 -4.07
C ARG B 402 13.04 25.17 -4.90
N GLN B 403 13.51 26.17 -5.64
CA GLN B 403 12.63 26.95 -6.50
C GLN B 403 12.01 26.06 -7.58
N LEU B 404 12.83 25.19 -8.20
CA LEU B 404 12.36 24.31 -9.25
C LEU B 404 11.31 23.34 -8.71
N ALA B 405 11.50 22.87 -7.48
CA ALA B 405 10.52 22.01 -6.82
C ALA B 405 9.22 22.75 -6.57
N ARG B 406 9.32 24.02 -6.17
CA ARG B 406 8.14 24.86 -5.97
C ARG B 406 7.41 25.11 -7.29
N ILE B 407 8.15 25.20 -8.40
CA ILE B 407 7.55 25.40 -9.72
C ILE B 407 6.85 24.11 -10.17
N VAL B 408 7.42 22.97 -9.81
CA VAL B 408 6.86 21.68 -10.19
C VAL B 408 5.56 21.43 -9.45
N CYS B 409 5.49 21.84 -8.18
CA CYS B 409 4.26 21.66 -7.38
C CYS B 409 3.15 22.62 -7.82
N GLY B 410 3.54 23.83 -8.21
CA GLY B 410 2.61 24.83 -8.70
C GLY B 410 2.06 24.48 -10.06
N THR B 411 2.90 23.89 -10.91
CA THR B 411 2.50 23.48 -12.25
C THR B 411 1.58 22.27 -12.19
N VAL B 412 1.90 21.33 -11.30
CA VAL B 412 1.03 20.19 -11.03
C VAL B 412 -0.33 20.66 -10.57
N MET B 413 -0.37 21.66 -9.70
CA MET B 413 -1.62 22.22 -9.22
C MET B 413 -2.40 22.88 -10.37
N ALA B 414 -1.67 23.50 -11.30
CA ALA B 414 -2.29 24.06 -12.50
C ALA B 414 -2.93 22.96 -13.35
N GLY B 415 -2.20 21.86 -13.54
CA GLY B 415 -2.70 20.74 -14.33
C GLY B 415 -3.79 19.95 -13.63
N GLU B 416 -3.87 20.06 -12.30
CA GLU B 416 -4.94 19.42 -11.55
C GLU B 416 -6.24 20.21 -11.71
N LEU B 417 -6.16 21.52 -11.47
CA LEU B 417 -7.30 22.43 -11.67
C LEU B 417 -7.94 22.21 -13.03
N SER B 418 -7.09 22.10 -14.06
CA SER B 418 -7.54 22.08 -15.45
C SER B 418 -8.14 20.73 -15.83
N LEU B 419 -7.48 19.63 -15.47
CA LEU B 419 -8.01 18.30 -15.79
C LEU B 419 -9.29 18.01 -15.00
N MET B 420 -9.32 18.45 -13.75
CA MET B 420 -10.44 18.18 -12.86
C MET B 420 -11.69 18.96 -13.27
N ALA B 421 -11.49 20.14 -13.83
CA ALA B 421 -12.60 20.96 -14.31
C ALA B 421 -13.22 20.35 -15.56
N ALA B 422 -12.37 19.88 -16.48
CA ALA B 422 -12.80 19.20 -17.70
C ALA B 422 -13.62 17.96 -17.39
N LEU B 423 -13.18 17.17 -16.42
CA LEU B 423 -13.89 15.95 -16.03
C LEU B 423 -15.23 16.25 -15.36
N ALA B 424 -15.26 17.34 -14.59
CA ALA B 424 -16.47 17.76 -13.87
C ALA B 424 -17.54 18.27 -14.82
N ALA B 425 -17.13 18.84 -15.95
CA ALA B 425 -18.04 19.40 -16.94
C ALA B 425 -18.69 18.32 -17.81
N GLY B 426 -17.87 17.37 -18.29
CA GLY B 426 -18.33 16.29 -19.16
C GLY B 426 -17.75 16.38 -20.56
N HIS B 427 -18.38 15.68 -21.49
CA HIS B 427 -17.91 15.55 -22.88
C HIS B 427 -16.78 14.51 -23.01
N PRO C 10 -50.02 -5.10 41.62
CA PRO C 10 -50.62 -3.80 41.19
C PRO C 10 -49.55 -2.73 40.87
N ASN C 11 -50.00 -1.56 40.40
CA ASN C 11 -49.11 -0.53 39.85
C ASN C 11 -48.72 0.57 40.85
N GLU C 12 -49.70 1.35 41.31
CA GLU C 12 -49.42 2.56 42.09
C GLU C 12 -48.91 2.30 43.52
N GLU C 13 -49.16 1.10 44.04
CA GLU C 13 -48.62 0.73 45.35
C GLU C 13 -47.12 0.40 45.26
N CYS C 14 -46.70 -0.24 44.17
CA CYS C 14 -45.28 -0.49 43.88
C CYS C 14 -44.46 0.80 43.81
N LEU C 15 -45.09 1.86 43.29
CA LEU C 15 -44.45 3.18 43.12
C LEU C 15 -43.95 3.78 44.44
N GLN C 16 -44.76 3.64 45.49
CA GLN C 16 -44.46 4.23 46.79
C GLN C 16 -43.29 3.54 47.51
N ILE C 17 -43.18 2.23 47.35
CA ILE C 17 -42.13 1.43 48.01
C ILE C 17 -40.71 1.83 47.55
N LEU C 18 -40.61 2.35 46.32
CA LEU C 18 -39.35 2.86 45.80
C LEU C 18 -38.85 4.09 46.57
N GLY C 19 -39.77 5.00 46.87
CA GLY C 19 -39.45 6.21 47.62
C GLY C 19 -38.95 5.95 49.03
N ASN C 20 -39.60 5.03 49.74
CA ASN C 20 -39.25 4.71 51.13
C ASN C 20 -38.14 3.66 51.23
N GLY C 24 -36.55 1.16 49.77
CA GLY C 24 -35.53 0.78 48.80
C GLY C 24 -36.06 -0.09 47.68
N ALA C 25 -35.26 -0.25 46.63
CA ALA C 25 -35.64 -1.05 45.45
C ALA C 25 -35.49 -2.56 45.69
N LYS C 26 -34.84 -2.93 46.79
CA LYS C 26 -34.66 -4.32 47.17
C LYS C 26 -35.98 -5.00 47.57
N PHE C 27 -36.95 -4.20 48.00
CA PHE C 27 -38.24 -4.72 48.49
C PHE C 27 -39.24 -5.08 47.38
N LEU C 28 -38.98 -4.64 46.15
CA LEU C 28 -39.81 -5.00 44.99
C LEU C 28 -39.38 -6.35 44.40
N SER C 29 -40.10 -6.81 43.39
CA SER C 29 -39.77 -8.05 42.68
C SER C 29 -39.25 -7.72 41.28
N ASP C 30 -38.80 -8.74 40.56
CA ASP C 30 -38.32 -8.57 39.18
C ASP C 30 -39.47 -8.09 38.30
N ALA C 31 -40.58 -8.82 38.35
CA ALA C 31 -41.76 -8.52 37.55
C ALA C 31 -42.33 -7.12 37.84
N GLU C 32 -42.19 -6.66 39.08
CA GLU C 32 -42.74 -5.38 39.53
C GLU C 32 -41.88 -4.16 39.17
N ILE C 33 -40.59 -4.38 38.95
CA ILE C 33 -39.69 -3.33 38.43
C ILE C 33 -39.86 -3.20 36.91
N ILE C 34 -40.26 -4.29 36.26
CA ILE C 34 -40.58 -4.30 34.83
C ILE C 34 -42.11 -4.36 34.62
N GLN C 35 -42.87 -4.14 35.70
CA GLN C 35 -44.27 -3.73 35.60
C GLN C 35 -44.30 -2.20 35.55
N LEU C 36 -43.15 -1.60 35.91
CA LEU C 36 -42.99 -0.15 35.96
C LEU C 36 -42.09 0.38 34.83
N VAL C 37 -41.73 -0.47 33.87
CA VAL C 37 -40.96 -0.03 32.69
C VAL C 37 -41.64 -0.38 31.36
N ASN C 38 -42.36 -1.52 31.31
CA ASN C 38 -43.21 -1.85 30.16
C ASN C 38 -44.43 -0.94 30.11
N ALA C 39 -44.99 -0.65 31.29
CA ALA C 39 -45.78 0.55 31.51
C ALA C 39 -44.78 1.59 32.00
N LYS C 40 -44.87 2.81 31.49
CA LYS C 40 -43.78 3.78 31.66
C LYS C 40 -43.98 4.75 32.84
N HIS C 41 -43.98 4.22 34.06
CA HIS C 41 -43.93 5.04 35.27
C HIS C 41 -42.51 5.62 35.37
N ILE C 42 -41.55 4.74 35.65
CA ILE C 42 -40.13 5.10 35.70
C ILE C 42 -39.48 4.86 34.32
N PRO C 43 -38.68 5.83 33.86
CA PRO C 43 -37.98 5.69 32.58
C PRO C 43 -36.82 4.68 32.62
N ALA C 44 -36.42 4.17 31.46
CA ALA C 44 -35.52 3.02 31.35
C ALA C 44 -34.03 3.37 31.16
N TYR C 45 -33.52 4.29 31.98
CA TYR C 45 -32.08 4.50 32.15
C TYR C 45 -31.65 4.62 33.62
N LYS C 46 -32.62 4.90 34.51
CA LYS C 46 -32.36 5.08 35.94
C LYS C 46 -32.23 3.76 36.72
N LEU C 47 -32.53 2.63 36.08
CA LEU C 47 -32.41 1.30 36.71
C LEU C 47 -30.98 1.06 37.23
N GLU C 48 -30.01 1.46 36.42
CA GLU C 48 -28.59 1.46 36.78
C GLU C 48 -28.33 1.64 38.29
N THR C 49 -28.75 2.80 38.83
CA THR C 49 -28.43 3.19 40.20
C THR C 49 -29.38 2.65 41.27
N LEU C 50 -30.69 2.80 41.03
CA LEU C 50 -31.73 2.42 42.00
C LEU C 50 -31.51 1.07 42.68
N ILE C 51 -31.13 0.06 41.90
CA ILE C 51 -30.89 -1.28 42.41
C ILE C 51 -29.46 -1.34 42.98
N GLU C 52 -29.32 -2.00 44.12
CA GLU C 52 -28.08 -1.95 44.89
C GLU C 52 -27.11 -3.08 44.50
N THR C 53 -27.65 -4.27 44.30
CA THR C 53 -26.84 -5.42 43.88
C THR C 53 -26.59 -5.37 42.38
N HIS C 54 -25.34 -5.64 41.98
CA HIS C 54 -24.94 -5.54 40.57
C HIS C 54 -25.50 -6.66 39.71
N GLU C 55 -25.50 -7.88 40.24
CA GLU C 55 -25.98 -9.05 39.51
C GLU C 55 -27.50 -9.03 39.27
N ARG C 56 -28.24 -8.29 40.11
CA ARG C 56 -29.67 -8.15 39.90
C ARG C 56 -30.01 -7.13 38.82
N GLY C 57 -29.18 -6.10 38.69
CA GLY C 57 -29.29 -5.16 37.58
C GLY C 57 -29.12 -5.83 36.22
N VAL C 58 -28.21 -6.80 36.15
CA VAL C 58 -27.97 -7.56 34.92
C VAL C 58 -29.15 -8.48 34.61
N SER C 59 -29.72 -9.09 35.65
CA SER C 59 -30.90 -9.95 35.50
C SER C 59 -32.09 -9.17 34.92
N ILE C 60 -32.33 -7.98 35.47
CA ILE C 60 -33.43 -7.11 35.03
C ILE C 60 -33.26 -6.69 33.58
N ARG C 61 -32.03 -6.40 33.19
CA ARG C 61 -31.73 -5.96 31.82
C ARG C 61 -31.85 -7.12 30.83
N ARG C 62 -31.54 -8.34 31.29
CA ARG C 62 -31.75 -9.54 30.48
C ARG C 62 -33.24 -9.77 30.23
N GLN C 63 -34.07 -9.46 31.23
CA GLN C 63 -35.52 -9.65 31.15
C GLN C 63 -36.17 -8.59 30.27
N LEU C 64 -35.59 -7.39 30.26
CA LEU C 64 -36.06 -6.30 29.41
C LEU C 64 -35.71 -6.57 27.95
N LEU C 65 -34.46 -6.97 27.73
CA LEU C 65 -34.00 -7.42 26.41
C LEU C 65 -34.81 -8.62 25.92
N SER C 66 -35.20 -9.49 26.85
CA SER C 66 -35.98 -10.69 26.54
C SER C 66 -37.25 -10.33 25.77
N LYS C 67 -37.93 -9.27 26.21
CA LYS C 67 -39.22 -8.86 25.65
C LYS C 67 -39.14 -8.44 24.19
N LYS C 68 -37.96 -7.99 23.76
CA LYS C 68 -37.74 -7.47 22.41
C LYS C 68 -37.22 -8.52 21.41
N LEU C 69 -36.85 -9.69 21.90
CA LEU C 69 -36.33 -10.76 21.03
C LEU C 69 -37.47 -11.64 20.53
N SER C 70 -37.43 -12.01 19.25
CA SER C 70 -38.40 -12.97 18.71
C SER C 70 -38.28 -14.34 19.39
N GLU C 71 -37.08 -14.67 19.86
CA GLU C 71 -36.82 -15.90 20.59
C GLU C 71 -36.19 -15.58 21.96
N PRO C 72 -37.02 -15.33 22.98
CA PRO C 72 -36.52 -14.89 24.30
C PRO C 72 -35.75 -15.94 25.10
N SER C 73 -35.97 -17.22 24.80
CA SER C 73 -35.21 -18.29 25.46
C SER C 73 -33.76 -18.40 24.97
N SER C 74 -33.36 -17.53 24.04
CA SER C 74 -31.97 -17.45 23.58
C SER C 74 -31.00 -17.21 24.73
N LEU C 75 -31.36 -16.30 25.63
CA LEU C 75 -30.48 -15.88 26.72
C LEU C 75 -30.12 -16.98 27.73
N GLN C 76 -30.89 -18.06 27.75
CA GLN C 76 -30.74 -19.13 28.76
C GLN C 76 -29.35 -19.76 28.87
N TYR C 77 -28.66 -19.91 27.75
CA TYR C 77 -27.31 -20.47 27.77
C TYR C 77 -26.19 -19.42 27.66
N LEU C 78 -26.57 -18.14 27.59
CA LEU C 78 -25.64 -17.05 27.85
C LEU C 78 -25.51 -16.90 29.37
N PRO C 79 -24.34 -17.21 29.93
CA PRO C 79 -24.17 -17.14 31.39
C PRO C 79 -24.09 -15.70 31.90
N TYR C 80 -24.24 -15.54 33.20
CA TYR C 80 -24.20 -14.21 33.83
C TYR C 80 -23.99 -14.23 35.34
N ARG C 81 -24.46 -15.27 36.03
CA ARG C 81 -24.36 -15.35 37.49
C ARG C 81 -22.94 -15.65 37.96
N ASP C 82 -22.65 -15.24 39.19
CA ASP C 82 -21.36 -15.49 39.86
C ASP C 82 -20.17 -14.78 39.24
N TYR C 83 -20.42 -13.75 38.44
CA TYR C 83 -19.34 -12.98 37.84
C TYR C 83 -19.18 -11.66 38.58
N ASN C 84 -17.94 -11.18 38.66
CA ASN C 84 -17.63 -9.94 39.36
C ASN C 84 -17.91 -8.73 38.49
N TYR C 85 -19.14 -8.23 38.55
CA TYR C 85 -19.55 -7.06 37.77
C TYR C 85 -19.11 -5.73 38.40
N SER C 86 -18.47 -5.78 39.56
CA SER C 86 -18.00 -4.56 40.23
C SER C 86 -16.89 -3.85 39.44
N LEU C 87 -15.94 -4.62 38.90
CA LEU C 87 -14.84 -4.06 38.11
C LEU C 87 -15.20 -3.81 36.64
N VAL C 88 -16.40 -4.21 36.23
CA VAL C 88 -16.85 -4.04 34.84
C VAL C 88 -17.78 -2.83 34.68
N MET C 89 -18.73 -2.67 35.59
CA MET C 89 -19.68 -1.56 35.50
C MET C 89 -18.92 -0.23 35.60
N GLY C 90 -19.21 0.69 34.68
CA GLY C 90 -18.58 2.00 34.68
C GLY C 90 -17.10 2.02 34.31
N ALA C 91 -16.62 1.01 33.59
CA ALA C 91 -15.19 0.91 33.29
C ALA C 91 -14.91 0.19 31.97
N CYS C 92 -15.50 -0.98 31.78
CA CYS C 92 -15.18 -1.88 30.66
C CYS C 92 -16.32 -2.19 29.69
N CYS C 93 -17.57 -1.97 30.10
CA CYS C 93 -18.73 -2.39 29.30
C CYS C 93 -20.05 -1.81 29.85
N GLU C 94 -20.96 -1.45 28.94
CA GLU C 94 -22.31 -0.99 29.30
C GLU C 94 -23.37 -1.91 28.74
N ASN C 95 -24.60 -1.72 29.21
CA ASN C 95 -25.76 -2.54 28.80
C ASN C 95 -25.46 -4.04 28.95
N VAL C 96 -24.79 -4.39 30.05
CA VAL C 96 -24.25 -5.72 30.27
C VAL C 96 -25.34 -6.75 30.55
N ILE C 97 -25.38 -7.80 29.73
CA ILE C 97 -26.34 -8.89 29.85
C ILE C 97 -25.68 -10.22 30.23
N GLY C 98 -24.40 -10.19 30.60
CA GLY C 98 -23.69 -11.41 30.95
C GLY C 98 -22.24 -11.41 30.52
N TYR C 99 -21.75 -12.60 30.16
CA TYR C 99 -20.38 -12.78 29.68
C TYR C 99 -20.25 -13.94 28.68
N MET C 100 -19.10 -14.01 28.02
CA MET C 100 -18.90 -14.93 26.91
C MET C 100 -17.64 -15.75 27.15
N PRO C 101 -17.79 -16.98 27.64
CA PRO C 101 -16.63 -17.85 27.90
C PRO C 101 -15.83 -18.19 26.63
N ILE C 102 -14.52 -17.92 26.66
CA ILE C 102 -13.62 -18.27 25.57
C ILE C 102 -12.64 -19.31 26.10
N PRO C 103 -12.61 -20.51 25.50
CA PRO C 103 -11.72 -21.58 25.99
C PRO C 103 -10.26 -21.15 25.96
N VAL C 104 -9.56 -21.34 27.09
CA VAL C 104 -8.15 -20.97 27.19
C VAL C 104 -7.32 -22.24 27.21
N GLY C 105 -6.28 -22.28 26.38
CA GLY C 105 -5.33 -23.38 26.35
C GLY C 105 -3.96 -22.84 26.69
N VAL C 106 -3.01 -23.72 26.94
CA VAL C 106 -1.65 -23.28 27.23
C VAL C 106 -0.66 -23.91 26.25
N ALA C 107 0.22 -23.07 25.71
CA ALA C 107 1.33 -23.50 24.89
C ALA C 107 2.62 -23.14 25.62
N GLY C 108 3.40 -24.16 25.94
CA GLY C 108 4.70 -23.97 26.57
C GLY C 108 5.35 -25.29 26.98
N PRO C 109 6.47 -25.23 27.68
CA PRO C 109 7.16 -23.97 28.04
C PRO C 109 7.73 -23.25 26.83
N LEU C 110 7.76 -21.93 26.89
CA LEU C 110 8.39 -21.10 25.87
C LEU C 110 9.67 -20.57 26.49
N CYS C 111 10.81 -21.06 26.02
CA CYS C 111 12.12 -20.63 26.49
C CYS C 111 12.46 -19.34 25.77
N LEU C 112 12.31 -18.23 26.49
CA LEU C 112 12.54 -16.90 25.95
C LEU C 112 13.43 -16.11 26.90
N ASP C 113 14.57 -15.65 26.38
CA ASP C 113 15.54 -14.86 27.14
C ASP C 113 15.92 -15.48 28.49
N GLU C 114 16.23 -16.79 28.45
CA GLU C 114 16.76 -17.54 29.60
C GLU C 114 15.72 -17.90 30.65
N LYS C 115 14.45 -17.65 30.36
CA LYS C 115 13.35 -17.99 31.25
C LYS C 115 12.40 -18.91 30.51
N GLU C 116 11.43 -19.47 31.24
CA GLU C 116 10.41 -20.32 30.64
C GLU C 116 9.04 -19.70 30.88
N PHE C 117 8.15 -19.84 29.89
CA PHE C 117 6.85 -19.19 29.89
C PHE C 117 5.73 -20.14 29.51
N GLN C 118 4.67 -20.15 30.30
CA GLN C 118 3.48 -20.94 30.00
C GLN C 118 2.44 -19.95 29.48
N VAL C 119 2.21 -19.97 28.17
CA VAL C 119 1.49 -18.90 27.48
C VAL C 119 0.01 -19.25 27.31
N PRO C 120 -0.89 -18.47 27.90
CA PRO C 120 -2.32 -18.69 27.76
C PRO C 120 -2.83 -18.16 26.41
N MET C 121 -3.79 -18.84 25.81
CA MET C 121 -4.27 -18.54 24.46
C MET C 121 -5.79 -18.77 24.40
N ALA C 122 -6.56 -17.69 24.43
CA ALA C 122 -8.02 -17.77 24.33
C ALA C 122 -8.49 -17.86 22.88
N THR C 123 -8.92 -19.05 22.47
CA THR C 123 -9.35 -19.30 21.10
C THR C 123 -10.44 -20.38 21.01
N THR C 124 -11.14 -20.40 19.88
CA THR C 124 -12.05 -21.49 19.51
C THR C 124 -11.62 -22.14 18.19
N GLU C 125 -10.37 -21.95 17.80
CA GLU C 125 -9.86 -22.53 16.56
C GLU C 125 -9.08 -23.80 16.87
N GLY C 126 -9.65 -24.93 16.47
CA GLY C 126 -9.05 -26.23 16.71
C GLY C 126 -7.63 -26.30 16.19
N CYS C 127 -6.77 -26.99 16.96
CA CYS C 127 -5.36 -27.23 16.62
C CYS C 127 -4.41 -26.05 16.76
N LEU C 128 -4.92 -24.85 17.02
CA LEU C 128 -4.07 -23.67 17.06
C LEU C 128 -3.13 -23.70 18.28
N VAL C 129 -3.66 -24.13 19.42
CA VAL C 129 -2.85 -24.21 20.64
C VAL C 129 -1.88 -25.38 20.53
N ALA C 130 -2.35 -26.49 19.97
CA ALA C 130 -1.52 -27.69 19.77
C ALA C 130 -0.37 -27.42 18.79
N SER C 131 -0.63 -26.61 17.78
CA SER C 131 0.39 -26.24 16.81
C SER C 131 1.44 -25.33 17.46
N THR C 132 0.97 -24.26 18.10
CA THR C 132 1.84 -23.33 18.82
C THR C 132 2.72 -24.04 19.84
N ASN C 133 2.16 -25.02 20.53
CA ASN C 133 2.86 -25.81 21.55
C ASN C 133 4.04 -26.57 20.95
N ARG C 134 3.81 -27.19 19.79
CA ARG C 134 4.86 -27.86 19.04
C ARG C 134 5.97 -26.89 18.68
N GLY C 135 5.59 -25.68 18.28
CA GLY C 135 6.54 -24.63 17.97
C GLY C 135 7.40 -24.26 19.17
N CYS C 136 6.79 -24.22 20.35
CA CYS C 136 7.52 -23.93 21.58
C CYS C 136 8.50 -25.06 21.88
N ARG C 137 8.07 -26.30 21.64
CA ARG C 137 8.90 -27.48 21.85
C ARG C 137 10.15 -27.47 20.97
N ALA C 138 10.01 -27.03 19.72
CA ALA C 138 11.14 -26.97 18.79
C ALA C 138 12.13 -25.90 19.21
N ILE C 139 11.61 -24.73 19.60
CA ILE C 139 12.42 -23.64 20.11
C ILE C 139 13.19 -24.06 21.36
N GLY C 140 12.56 -24.84 22.23
CA GLY C 140 13.18 -25.30 23.46
C GLY C 140 14.37 -26.20 23.23
N LEU C 141 14.24 -27.12 22.29
CA LEU C 141 15.30 -28.09 21.97
C LEU C 141 16.44 -27.46 21.17
N GLY C 142 16.19 -26.29 20.59
CA GLY C 142 17.22 -25.52 19.90
C GLY C 142 17.91 -24.48 20.77
N GLY C 143 17.62 -24.46 22.07
CA GLY C 143 18.33 -23.60 23.00
C GLY C 143 17.60 -22.32 23.36
N GLY C 144 16.37 -22.16 22.89
CA GLY C 144 15.52 -21.06 23.28
C GLY C 144 15.68 -19.87 22.35
N ALA C 145 14.73 -18.94 22.47
CA ALA C 145 14.68 -17.74 21.65
C ALA C 145 15.23 -16.55 22.41
N SER C 146 15.71 -15.55 21.67
CA SER C 146 16.11 -14.27 22.24
C SER C 146 15.33 -13.14 21.59
N SER C 147 15.02 -12.11 22.37
CA SER C 147 14.22 -10.99 21.89
C SER C 147 14.62 -9.65 22.50
N ARG C 148 14.34 -8.59 21.75
CA ARG C 148 14.68 -7.24 22.14
C ARG C 148 13.53 -6.31 21.83
N VAL C 149 13.28 -5.37 22.73
CA VAL C 149 12.37 -4.27 22.47
C VAL C 149 13.16 -3.14 21.82
N LEU C 150 12.87 -2.90 20.55
CA LEU C 150 13.55 -1.89 19.74
C LEU C 150 13.05 -0.47 20.00
N ALA C 151 11.77 -0.34 20.32
CA ALA C 151 11.16 0.95 20.60
C ALA C 151 9.86 0.81 21.38
N ASP C 152 9.46 1.89 22.05
CA ASP C 152 8.31 1.89 22.93
C ASP C 152 7.67 3.26 22.94
N GLY C 153 6.42 3.34 22.49
CA GLY C 153 5.71 4.60 22.46
C GLY C 153 4.36 4.51 21.79
N MET C 154 3.30 4.60 22.59
CA MET C 154 1.94 4.73 22.05
C MET C 154 1.78 6.11 21.41
N THR C 155 0.93 6.20 20.39
CA THR C 155 0.74 7.47 19.68
C THR C 155 -0.71 7.90 19.57
N ARG C 156 -0.91 9.16 19.22
CA ARG C 156 -2.20 9.69 18.82
C ARG C 156 -1.96 10.73 17.73
N GLY C 157 -2.80 10.71 16.70
CA GLY C 157 -2.51 11.46 15.49
C GLY C 157 -3.61 12.41 15.05
N PRO C 158 -3.87 13.47 15.84
CA PRO C 158 -4.93 14.44 15.51
C PRO C 158 -4.70 15.18 14.21
N VAL C 159 -5.75 15.85 13.75
CA VAL C 159 -5.70 16.71 12.57
C VAL C 159 -6.23 18.11 12.93
N VAL C 160 -5.37 19.13 12.79
CA VAL C 160 -5.76 20.53 12.94
C VAL C 160 -5.77 21.21 11.58
N ARG C 161 -6.66 22.18 11.38
CA ARG C 161 -6.60 23.01 10.16
C ARG C 161 -6.20 24.44 10.49
N LEU C 162 -5.50 25.07 9.55
CA LEU C 162 -5.21 26.50 9.58
C LEU C 162 -5.79 27.16 8.34
N PRO C 163 -5.96 28.49 8.35
CA PRO C 163 -6.58 29.19 7.21
C PRO C 163 -5.94 28.82 5.86
N ARG C 164 -4.61 28.66 5.84
CA ARG C 164 -3.87 28.38 4.61
C ARG C 164 -2.78 27.33 4.82
N ALA C 165 -2.35 26.72 3.72
CA ALA C 165 -1.17 25.86 3.70
C ALA C 165 0.09 26.58 4.17
N CYS C 166 0.21 27.86 3.85
CA CYS C 166 1.35 28.66 4.27
C CYS C 166 1.39 28.81 5.79
N ASP C 167 0.23 28.88 6.41
CA ASP C 167 0.13 28.95 7.87
C ASP C 167 0.50 27.62 8.52
N SER C 168 -0.04 26.53 7.99
CA SER C 168 0.25 25.19 8.54
C SER C 168 1.71 24.79 8.33
N ALA C 169 2.34 25.30 7.28
CA ALA C 169 3.76 25.12 7.04
C ALA C 169 4.58 25.80 8.13
N GLU C 170 4.15 26.98 8.53
CA GLU C 170 4.82 27.76 9.56
C GLU C 170 4.63 27.16 10.95
N VAL C 171 3.46 26.55 11.19
CA VAL C 171 3.19 25.86 12.46
C VAL C 171 4.05 24.60 12.57
N LYS C 172 4.22 23.91 11.44
CA LYS C 172 5.02 22.69 11.35
C LYS C 172 6.51 22.98 11.57
N ALA C 173 7.01 24.05 10.95
CA ALA C 173 8.40 24.48 11.08
C ALA C 173 8.70 24.93 12.50
N TRP C 174 7.69 25.52 13.15
CA TRP C 174 7.80 25.96 14.54
C TRP C 174 7.83 24.77 15.48
N LEU C 175 7.12 23.70 15.13
CA LEU C 175 7.12 22.46 15.91
C LEU C 175 8.45 21.70 15.79
N GLU C 176 9.14 21.85 14.67
CA GLU C 176 10.42 21.18 14.44
C GLU C 176 11.60 21.93 15.07
N THR C 177 11.38 23.16 15.53
CA THR C 177 12.40 23.89 16.28
C THR C 177 12.52 23.31 17.69
N SER C 178 13.67 23.55 18.30
CA SER C 178 13.92 23.15 19.68
C SER C 178 12.97 23.83 20.67
N GLU C 179 12.76 25.14 20.49
CA GLU C 179 11.96 25.92 21.43
C GLU C 179 10.48 25.56 21.31
N GLY C 180 10.01 25.39 20.08
CA GLY C 180 8.63 25.03 19.83
C GLY C 180 8.28 23.68 20.42
N PHE C 181 9.08 22.67 20.10
CA PHE C 181 8.88 21.32 20.64
C PHE C 181 8.84 21.30 22.16
N ALA C 182 9.71 22.10 22.79
CA ALA C 182 9.87 22.10 24.23
C ALA C 182 8.66 22.68 24.95
N VAL C 183 8.00 23.66 24.33
CA VAL C 183 6.79 24.26 24.88
C VAL C 183 5.63 23.28 24.82
N ILE C 184 5.62 22.46 23.76
CA ILE C 184 4.57 21.46 23.54
C ILE C 184 4.82 20.23 24.40
N LYS C 185 6.09 19.94 24.70
CA LYS C 185 6.45 18.84 25.58
C LYS C 185 5.99 19.15 27.00
N GLU C 186 6.25 20.37 27.47
CA GLU C 186 5.86 20.82 28.81
C GLU C 186 4.36 20.67 29.06
N ALA C 187 3.55 21.08 28.10
CA ALA C 187 2.10 20.97 28.20
C ALA C 187 1.65 19.49 28.19
N PHE C 188 2.26 18.70 27.31
CA PHE C 188 1.95 17.29 27.17
C PHE C 188 2.34 16.51 28.42
N ASP C 189 3.51 16.82 28.98
CA ASP C 189 4.07 16.06 30.10
C ASP C 189 3.47 16.44 31.46
N SER C 190 2.66 17.50 31.52
CA SER C 190 2.05 17.95 32.79
C SER C 190 0.74 17.23 33.12
N THR C 191 0.19 16.53 32.15
CA THR C 191 -1.11 15.87 32.28
C THR C 191 -1.04 14.56 33.07
N SER C 192 0.14 13.95 33.09
CA SER C 192 0.30 12.60 33.62
C SER C 192 1.75 12.30 33.97
N ARG C 193 1.94 11.37 34.91
CA ARG C 193 3.28 11.01 35.39
C ARG C 193 4.17 10.31 34.34
N PHE C 194 3.57 9.45 33.52
CA PHE C 194 4.33 8.73 32.48
C PHE C 194 4.36 9.48 31.15
N ALA C 195 3.61 10.58 31.06
CA ALA C 195 3.54 11.36 29.82
C ALA C 195 4.88 12.02 29.58
N ARG C 196 5.70 11.38 28.74
CA ARG C 196 7.03 11.88 28.38
C ARG C 196 7.13 11.90 26.86
N LEU C 197 7.02 13.09 26.27
CA LEU C 197 6.88 13.23 24.82
C LEU C 197 8.21 13.05 24.09
N GLN C 198 8.21 12.13 23.12
CA GLN C 198 9.34 11.92 22.23
C GLN C 198 9.18 12.81 20.98
N LYS C 199 10.12 12.70 20.03
CA LYS C 199 10.10 13.51 18.81
C LYS C 199 8.74 13.42 18.10
N LEU C 200 8.23 14.56 17.64
CA LEU C 200 6.96 14.64 16.90
C LEU C 200 7.17 14.22 15.45
N HIS C 201 6.07 13.90 14.78
CA HIS C 201 6.10 13.60 13.36
C HIS C 201 4.89 14.25 12.70
N THR C 202 5.14 15.19 11.79
CA THR C 202 4.05 15.92 11.17
C THR C 202 3.92 15.62 9.69
N SER C 203 2.74 15.90 9.16
CA SER C 203 2.47 15.79 7.73
C SER C 203 1.39 16.80 7.34
N ILE C 204 1.67 17.54 6.28
CA ILE C 204 0.73 18.51 5.76
C ILE C 204 -0.04 17.88 4.61
N ALA C 205 -1.34 18.17 4.58
CA ALA C 205 -2.18 17.97 3.42
C ALA C 205 -2.87 19.31 3.17
N GLY C 206 -2.15 20.20 2.49
CA GLY C 206 -2.63 21.54 2.23
C GLY C 206 -2.65 22.35 3.52
N ARG C 207 -3.82 22.86 3.88
CA ARG C 207 -3.97 23.59 5.14
C ARG C 207 -4.27 22.67 6.33
N ASN C 208 -4.40 21.38 6.08
CA ASN C 208 -4.43 20.38 7.16
C ASN C 208 -3.03 20.13 7.70
N LEU C 209 -2.96 19.81 8.99
CA LEU C 209 -1.72 19.41 9.62
C LEU C 209 -1.98 18.22 10.55
N TYR C 210 -1.27 17.13 10.33
CA TYR C 210 -1.40 15.92 11.13
C TYR C 210 -0.16 15.78 12.02
N ILE C 211 -0.38 15.67 13.34
CA ILE C 211 0.69 15.66 14.33
C ILE C 211 0.64 14.33 15.09
N ARG C 212 1.74 13.58 15.03
CA ARG C 212 1.84 12.29 15.70
C ARG C 212 2.56 12.50 17.02
N PHE C 213 1.80 12.49 18.12
CA PHE C 213 2.37 12.56 19.46
C PHE C 213 2.71 11.15 19.90
N GLN C 214 3.96 10.92 20.33
CA GLN C 214 4.42 9.60 20.77
C GLN C 214 5.00 9.69 22.18
N SER C 215 4.66 8.72 23.03
CA SER C 215 5.12 8.70 24.40
C SER C 215 4.96 7.33 25.03
N ARG C 216 5.95 6.94 25.83
CA ARG C 216 5.82 5.80 26.72
C ARG C 216 4.69 6.08 27.72
N SER C 217 4.15 5.02 28.30
CA SER C 217 2.92 5.12 29.07
C SER C 217 2.94 4.25 30.33
N GLY C 218 4.12 4.01 30.89
CA GLY C 218 4.29 3.06 31.96
C GLY C 218 3.95 1.67 31.44
N ASP C 219 3.19 0.90 32.24
CA ASP C 219 2.76 -0.43 31.86
C ASP C 219 1.36 -0.44 31.22
N ALA C 220 0.72 0.72 31.14
CA ALA C 220 -0.55 0.84 30.44
C ALA C 220 -0.33 0.75 28.94
N MET C 221 -1.39 0.39 28.20
CA MET C 221 -1.36 0.48 26.74
C MET C 221 -1.22 1.95 26.34
N GLY C 222 -1.99 2.80 27.00
CA GLY C 222 -1.70 4.22 27.06
C GLY C 222 -2.59 5.16 26.29
N MET C 223 -3.72 4.70 25.80
CA MET C 223 -4.58 5.56 24.96
C MET C 223 -5.28 6.67 25.74
N ASN C 224 -5.80 6.36 26.92
CA ASN C 224 -6.36 7.39 27.80
C ASN C 224 -5.36 8.50 28.08
N MET C 225 -4.13 8.09 28.40
CA MET C 225 -3.07 9.00 28.79
C MET C 225 -2.53 9.83 27.62
N ILE C 226 -2.28 9.19 26.50
CA ILE C 226 -1.78 9.88 25.32
C ILE C 226 -2.81 10.90 24.83
N SER C 227 -4.09 10.56 24.94
CA SER C 227 -5.19 11.46 24.57
C SER C 227 -5.24 12.72 25.43
N LYS C 228 -5.09 12.57 26.73
CA LYS C 228 -5.12 13.70 27.67
C LYS C 228 -3.95 14.65 27.40
N GLY C 229 -2.77 14.06 27.23
CA GLY C 229 -1.58 14.82 26.89
C GLY C 229 -1.71 15.54 25.56
N THR C 230 -2.37 14.88 24.59
CA THR C 230 -2.55 15.44 23.26
C THR C 230 -3.49 16.63 23.30
N GLU C 231 -4.56 16.52 24.08
CA GLU C 231 -5.56 17.57 24.19
C GLU C 231 -4.99 18.84 24.80
N LYS C 232 -4.13 18.68 25.80
CA LYS C 232 -3.50 19.82 26.45
C LYS C 232 -2.44 20.45 25.55
N ALA C 233 -1.75 19.62 24.77
CA ALA C 233 -0.72 20.08 23.84
C ALA C 233 -1.31 20.83 22.64
N LEU C 234 -2.52 20.46 22.24
CA LEU C 234 -3.24 21.16 21.18
C LEU C 234 -3.78 22.47 21.70
N SER C 235 -4.12 22.51 22.99
CA SER C 235 -4.60 23.74 23.64
C SER C 235 -3.50 24.79 23.73
N LYS C 236 -2.26 24.34 23.98
CA LYS C 236 -1.12 25.24 24.06
C LYS C 236 -0.76 25.76 22.68
N LEU C 237 -0.76 24.86 21.69
CA LEU C 237 -0.53 25.21 20.29
C LEU C 237 -1.63 26.13 19.74
N HIS C 238 -2.81 26.10 20.36
CA HIS C 238 -3.93 26.99 20.01
C HIS C 238 -3.67 28.42 20.50
N GLU C 239 -3.11 28.55 21.70
CA GLU C 239 -2.68 29.86 22.19
C GLU C 239 -1.71 30.47 21.19
N TYR C 240 -0.73 29.67 20.80
CA TYR C 240 0.34 30.13 19.92
C TYR C 240 -0.15 30.46 18.51
N PHE C 241 -1.26 29.83 18.10
CA PHE C 241 -1.85 30.03 16.78
C PHE C 241 -3.38 30.02 16.89
N PRO C 242 -3.96 31.16 17.30
CA PRO C 242 -5.41 31.23 17.60
C PRO C 242 -6.35 30.94 16.44
N GLU C 243 -5.89 31.16 15.22
CA GLU C 243 -6.68 30.89 14.02
C GLU C 243 -6.83 29.38 13.75
N MET C 244 -5.98 28.57 14.36
CA MET C 244 -6.03 27.10 14.23
C MET C 244 -7.34 26.52 14.75
N GLN C 245 -8.02 25.77 13.89
CA GLN C 245 -9.14 24.91 14.28
C GLN C 245 -8.60 23.55 14.67
N ILE C 246 -9.17 22.96 15.71
CA ILE C 246 -8.86 21.58 16.10
C ILE C 246 -9.96 20.72 15.52
N LEU C 247 -9.66 20.03 14.42
CA LEU C 247 -10.68 19.28 13.70
C LEU C 247 -11.09 18.02 14.46
N ALA C 248 -10.14 17.12 14.71
CA ALA C 248 -10.43 15.86 15.37
C ALA C 248 -9.24 15.40 16.18
N VAL C 249 -9.47 15.05 17.44
CA VAL C 249 -8.39 14.67 18.33
C VAL C 249 -7.70 13.38 17.81
N SER C 250 -8.41 12.63 16.95
CA SER C 250 -7.78 11.64 16.07
C SER C 250 -8.13 11.92 14.62
N GLY C 251 -7.10 12.12 13.80
CA GLY C 251 -7.26 12.25 12.36
C GLY C 251 -6.75 11.05 11.59
N ASN C 252 -6.78 9.87 12.21
CA ASN C 252 -6.32 8.60 11.62
C ASN C 252 -4.82 8.52 11.32
N TYR C 253 -4.04 9.39 11.95
CA TYR C 253 -2.61 9.46 11.72
C TYR C 253 -1.83 8.66 12.77
N CYS C 254 -2.55 8.06 13.72
CA CYS C 254 -1.92 7.44 14.89
C CYS C 254 -1.08 6.19 14.57
N THR C 255 -1.61 5.18 13.87
CA THR C 255 -3.00 5.03 13.47
C THR C 255 -3.60 3.90 14.30
N ASP C 256 -4.74 4.18 14.93
CA ASP C 256 -5.36 3.21 15.84
C ASP C 256 -6.42 2.34 15.17
N LYS C 257 -6.24 1.03 15.29
CA LYS C 257 -7.24 0.02 14.89
C LYS C 257 -7.60 0.00 13.39
N LYS C 258 -6.71 0.52 12.56
CA LYS C 258 -6.85 0.49 11.10
C LYS C 258 -5.48 0.16 10.49
N PRO C 259 -5.45 -0.58 9.38
CA PRO C 259 -4.16 -0.83 8.71
C PRO C 259 -3.53 0.47 8.22
N ALA C 260 -2.24 0.65 8.50
CA ALA C 260 -1.54 1.86 8.07
C ALA C 260 -0.04 1.59 7.95
N ALA C 261 0.56 2.09 6.88
CA ALA C 261 2.00 1.97 6.68
C ALA C 261 2.80 2.80 7.70
N ILE C 262 2.18 3.81 8.32
CA ILE C 262 2.88 4.63 9.32
C ILE C 262 3.21 3.82 10.58
N ASN C 263 2.37 2.87 10.94
CA ASN C 263 2.63 2.00 12.08
C ASN C 263 3.74 1.01 11.79
N TRP C 264 3.76 0.52 10.54
CA TRP C 264 4.76 -0.43 10.09
C TRP C 264 6.16 0.18 9.98
N ILE C 265 6.22 1.45 9.58
CA ILE C 265 7.48 2.14 9.28
C ILE C 265 8.07 2.86 10.49
N GLU C 266 7.21 3.49 11.30
CA GLU C 266 7.64 4.26 12.46
C GLU C 266 7.51 3.46 13.76
N GLY C 267 6.74 2.38 13.73
CA GLY C 267 6.39 1.66 14.94
C GLY C 267 5.21 2.28 15.68
N ARG C 268 4.60 1.50 16.57
CA ARG C 268 3.51 1.97 17.44
C ARG C 268 3.37 1.05 18.62
N GLY C 269 3.39 1.58 19.84
CA GLY C 269 3.56 0.76 21.02
C GLY C 269 4.97 0.17 21.05
N LYS C 270 5.08 -1.12 21.34
CA LYS C 270 6.38 -1.79 21.35
C LYS C 270 6.77 -2.30 19.96
N SER C 271 7.95 -1.91 19.49
CA SER C 271 8.57 -2.56 18.34
C SER C 271 9.49 -3.63 18.92
N VAL C 272 9.37 -4.86 18.41
CA VAL C 272 10.00 -6.03 19.00
C VAL C 272 10.61 -6.94 17.93
N VAL C 273 11.78 -7.51 18.24
CA VAL C 273 12.39 -8.54 17.40
C VAL C 273 12.56 -9.83 18.19
N CYS C 274 12.54 -10.96 17.50
CA CYS C 274 12.70 -12.27 18.12
C CYS C 274 13.44 -13.21 17.17
N GLU C 275 14.24 -14.11 17.73
CA GLU C 275 15.04 -15.03 16.94
C GLU C 275 15.32 -16.36 17.65
N ALA C 276 15.71 -17.36 16.86
CA ALA C 276 16.01 -18.71 17.37
C ALA C 276 16.73 -19.52 16.28
N VAL C 277 17.54 -20.49 16.70
CA VAL C 277 18.17 -21.42 15.76
C VAL C 277 17.70 -22.84 16.10
N ILE C 278 17.06 -23.49 15.13
CA ILE C 278 16.49 -24.82 15.29
C ILE C 278 17.42 -25.84 14.62
N PRO C 279 18.09 -26.69 15.41
CA PRO C 279 18.97 -27.72 14.85
C PRO C 279 18.29 -28.59 13.81
N ALA C 280 19.03 -29.02 12.80
CA ALA C 280 18.51 -29.85 11.71
C ALA C 280 17.79 -31.10 12.20
N LYS C 281 18.35 -31.75 13.21
CA LYS C 281 17.74 -32.92 13.85
C LYS C 281 16.35 -32.59 14.36
N VAL C 282 16.23 -31.48 15.08
CA VAL C 282 14.96 -31.03 15.65
C VAL C 282 13.93 -30.64 14.58
N VAL C 283 14.38 -30.11 13.44
CA VAL C 283 13.47 -29.76 12.35
C VAL C 283 12.89 -31.01 11.69
N ARG C 284 13.70 -32.06 11.58
CA ARG C 284 13.26 -33.33 10.98
C ARG C 284 12.35 -34.10 11.93
N GLU C 285 12.72 -34.14 13.21
CA GLU C 285 12.11 -35.04 14.19
C GLU C 285 10.83 -34.48 14.83
N VAL C 286 10.84 -33.19 15.15
CA VAL C 286 9.67 -32.52 15.72
C VAL C 286 8.79 -31.95 14.62
N LEU C 287 9.40 -31.15 13.75
CA LEU C 287 8.67 -30.38 12.72
C LEU C 287 8.39 -31.15 11.42
N LYS C 288 9.01 -32.31 11.26
CA LYS C 288 8.68 -33.25 10.17
C LYS C 288 8.95 -32.71 8.76
N THR C 289 9.95 -31.84 8.64
CA THR C 289 10.33 -31.26 7.36
C THR C 289 11.86 -31.09 7.30
N THR C 290 12.35 -30.25 6.40
CA THR C 290 13.76 -29.89 6.36
C THR C 290 13.93 -28.37 6.38
N THR C 291 15.15 -27.94 6.64
CA THR C 291 15.48 -26.50 6.65
C THR C 291 15.34 -25.90 5.24
N GLU C 292 15.76 -26.65 4.22
CA GLU C 292 15.61 -26.22 2.83
C GLU C 292 14.14 -25.93 2.50
N ALA C 293 13.28 -26.90 2.81
CA ALA C 293 11.85 -26.83 2.50
C ALA C 293 11.16 -25.68 3.25
N MET C 294 11.62 -25.39 4.45
CA MET C 294 11.08 -24.32 5.28
C MET C 294 11.38 -22.93 4.70
N ILE C 295 12.63 -22.73 4.30
CA ILE C 295 13.07 -21.47 3.69
C ILE C 295 12.36 -21.26 2.36
N GLU C 296 12.07 -22.36 1.67
CA GLU C 296 11.46 -22.30 0.35
C GLU C 296 10.00 -21.83 0.46
N VAL C 297 9.32 -22.26 1.52
CA VAL C 297 7.95 -21.84 1.79
C VAL C 297 7.90 -20.42 2.36
N ASN C 298 8.84 -20.09 3.24
CA ASN C 298 8.88 -18.76 3.82
C ASN C 298 9.14 -17.68 2.78
N ILE C 299 10.03 -17.99 1.83
CA ILE C 299 10.34 -17.05 0.76
C ILE C 299 9.13 -16.87 -0.14
N ASN C 300 8.50 -17.96 -0.55
CA ASN C 300 7.50 -17.91 -1.59
C ASN C 300 6.07 -17.69 -1.08
N LYS C 301 5.87 -17.86 0.22
CA LYS C 301 4.59 -17.59 0.87
C LYS C 301 4.63 -16.21 1.53
N ASN C 302 5.45 -16.08 2.56
CA ASN C 302 5.43 -14.91 3.42
C ASN C 302 6.01 -13.66 2.77
N LEU C 303 7.00 -13.82 1.90
CA LEU C 303 7.58 -12.68 1.19
C LEU C 303 6.90 -12.48 -0.16
N VAL C 304 7.12 -13.40 -1.09
CA VAL C 304 6.63 -13.26 -2.47
C VAL C 304 5.11 -13.31 -2.51
N GLY C 305 4.52 -14.23 -1.77
CA GLY C 305 3.09 -14.40 -1.77
C GLY C 305 2.36 -13.16 -1.26
N SER C 306 2.76 -12.67 -0.09
CA SER C 306 2.14 -11.49 0.49
C SER C 306 2.37 -10.28 -0.42
N ALA C 307 3.52 -10.28 -1.10
CA ALA C 307 3.84 -9.23 -2.07
C ALA C 307 2.89 -9.23 -3.26
N MET C 308 2.52 -10.41 -3.75
CA MET C 308 1.57 -10.53 -4.87
C MET C 308 0.17 -10.14 -4.46
N ALA C 309 -0.15 -10.26 -3.18
CA ALA C 309 -1.47 -9.90 -2.66
C ALA C 309 -1.57 -8.40 -2.28
N GLY C 310 -0.45 -7.68 -2.33
CA GLY C 310 -0.45 -6.25 -2.03
C GLY C 310 -0.49 -5.96 -0.54
N SER C 311 0.37 -6.62 0.22
CA SER C 311 0.36 -6.51 1.67
C SER C 311 1.34 -5.47 2.15
N ILE C 312 0.89 -4.66 3.12
CA ILE C 312 1.76 -3.83 3.93
C ILE C 312 1.72 -4.44 5.33
N GLY C 313 2.87 -5.00 5.74
CA GLY C 313 3.02 -5.54 7.09
C GLY C 313 2.57 -6.97 7.30
N GLY C 314 2.05 -7.63 6.26
CA GLY C 314 1.49 -8.96 6.41
C GLY C 314 2.38 -10.05 5.85
N TYR C 315 3.67 -9.97 6.15
CA TYR C 315 4.66 -10.91 5.65
C TYR C 315 4.92 -12.03 6.66
N ASN C 316 3.82 -12.69 7.05
CA ASN C 316 3.84 -13.77 8.03
C ASN C 316 2.70 -14.72 7.72
N ALA C 317 2.75 -15.92 8.27
CA ALA C 317 1.74 -16.94 7.98
C ALA C 317 0.46 -16.69 8.77
N HIS C 318 0.58 -16.57 10.09
CA HIS C 318 -0.63 -16.41 10.92
C HIS C 318 -0.35 -15.81 12.31
N ALA C 319 0.50 -14.79 12.34
CA ALA C 319 0.76 -14.04 13.55
C ALA C 319 -0.52 -13.56 14.24
N ALA C 320 -1.52 -13.16 13.45
CA ALA C 320 -2.79 -12.67 13.99
C ALA C 320 -3.50 -13.69 14.88
N ASN C 321 -3.40 -14.99 14.54
CA ASN C 321 -3.96 -16.03 15.41
C ASN C 321 -3.44 -15.95 16.84
N ILE C 322 -2.12 -15.92 16.97
CA ILE C 322 -1.47 -15.95 18.27
C ILE C 322 -1.68 -14.63 19.03
N VAL C 323 -1.56 -13.51 18.34
CA VAL C 323 -1.73 -12.21 18.97
C VAL C 323 -3.12 -12.12 19.57
N THR C 324 -4.10 -12.57 18.80
CA THR C 324 -5.50 -12.46 19.20
C THR C 324 -5.78 -13.34 20.41
N ALA C 325 -5.23 -14.55 20.39
CA ALA C 325 -5.47 -15.52 21.46
C ALA C 325 -4.89 -15.03 22.78
N ILE C 326 -3.67 -14.50 22.73
CA ILE C 326 -3.01 -13.95 23.91
C ILE C 326 -3.74 -12.70 24.40
N TYR C 327 -4.18 -11.87 23.46
CA TYR C 327 -4.81 -10.58 23.78
C TYR C 327 -6.11 -10.76 24.52
N ILE C 328 -6.92 -11.72 24.05
CA ILE C 328 -8.20 -12.02 24.68
C ILE C 328 -7.95 -12.63 26.05
N ALA C 329 -6.96 -13.51 26.15
CA ALA C 329 -6.63 -14.17 27.40
C ALA C 329 -6.08 -13.19 28.45
N CYS C 330 -5.38 -12.15 27.98
CA CYS C 330 -4.61 -11.28 28.87
C CYS C 330 -5.20 -9.88 29.07
N GLY C 331 -6.45 -9.68 28.64
CA GLY C 331 -7.18 -8.46 28.94
C GLY C 331 -6.85 -7.28 28.05
N GLN C 332 -6.30 -7.58 26.87
CA GLN C 332 -5.93 -6.57 25.89
C GLN C 332 -7.13 -6.14 25.05
N ASP C 333 -6.96 -5.03 24.36
CA ASP C 333 -7.92 -4.55 23.38
C ASP C 333 -7.75 -5.39 22.10
N ALA C 334 -8.61 -6.39 21.94
CA ALA C 334 -8.51 -7.35 20.83
C ALA C 334 -8.62 -6.68 19.47
N ALA C 335 -9.36 -5.57 19.41
CA ALA C 335 -9.48 -4.77 18.19
C ALA C 335 -8.14 -4.28 17.65
N GLN C 336 -7.18 -4.10 18.54
CA GLN C 336 -5.84 -3.64 18.16
C GLN C 336 -4.97 -4.77 17.55
N ASN C 337 -5.58 -5.92 17.32
CA ASN C 337 -4.96 -6.99 16.55
C ASN C 337 -4.70 -6.55 15.10
N VAL C 338 -5.51 -5.62 14.61
CA VAL C 338 -5.35 -5.08 13.26
C VAL C 338 -3.89 -4.66 12.98
N GLY C 339 -3.34 -3.83 13.86
CA GLY C 339 -1.96 -3.36 13.75
C GLY C 339 -0.93 -4.21 14.49
N SER C 340 -1.35 -4.83 15.59
CA SER C 340 -0.44 -5.58 16.45
C SER C 340 0.10 -6.85 15.81
N SER C 341 -0.61 -7.36 14.80
CA SER C 341 -0.20 -8.58 14.10
C SER C 341 0.78 -8.30 12.98
N ASN C 342 1.08 -7.02 12.73
CA ASN C 342 2.10 -6.65 11.77
C ASN C 342 3.35 -7.45 12.09
N CYS C 343 3.83 -8.23 11.12
CA CYS C 343 4.95 -9.12 11.34
C CYS C 343 5.63 -9.54 10.03
N ILE C 344 6.96 -9.57 10.04
CA ILE C 344 7.75 -10.16 8.97
C ILE C 344 8.60 -11.32 9.53
N THR C 345 8.38 -12.51 8.97
CA THR C 345 9.04 -13.72 9.40
C THR C 345 10.14 -14.05 8.40
N LEU C 346 11.39 -14.11 8.86
CA LEU C 346 12.52 -14.44 8.01
C LEU C 346 13.13 -15.77 8.40
N MET C 347 13.59 -16.51 7.40
CA MET C 347 14.22 -17.81 7.58
C MET C 347 15.43 -17.94 6.67
N GLU C 348 16.51 -18.49 7.20
CA GLU C 348 17.69 -18.79 6.39
C GLU C 348 18.51 -19.91 7.00
N ALA C 349 19.48 -20.39 6.23
CA ALA C 349 20.33 -21.48 6.64
C ALA C 349 21.37 -20.96 7.62
N SER C 350 21.76 -21.83 8.55
CA SER C 350 22.65 -21.44 9.64
C SER C 350 23.44 -22.65 10.15
N GLY C 351 24.53 -22.37 10.85
CA GLY C 351 25.32 -23.43 11.46
C GLY C 351 26.43 -23.95 10.56
N PRO C 352 27.33 -24.76 11.13
CA PRO C 352 28.53 -25.22 10.43
C PRO C 352 28.29 -25.80 9.03
N THR C 353 27.33 -26.72 8.88
CA THR C 353 27.06 -27.35 7.57
C THR C 353 25.82 -26.78 6.86
N ASN C 354 25.36 -25.62 7.34
CA ASN C 354 24.23 -24.90 6.72
C ASN C 354 22.91 -25.69 6.70
N GLU C 355 22.75 -26.63 7.63
CA GLU C 355 21.53 -27.46 7.71
C GLU C 355 20.58 -27.00 8.83
N ASP C 356 21.04 -26.09 9.69
CA ASP C 356 20.20 -25.57 10.77
C ASP C 356 19.39 -24.36 10.29
N LEU C 357 18.27 -24.09 10.96
CA LEU C 357 17.30 -23.08 10.53
C LEU C 357 17.23 -21.88 11.47
N TYR C 358 17.83 -20.77 11.05
CA TYR C 358 17.64 -19.49 11.74
C TYR C 358 16.24 -18.97 11.42
N ILE C 359 15.52 -18.53 12.45
CA ILE C 359 14.20 -17.91 12.30
C ILE C 359 14.10 -16.63 13.13
N SER C 360 13.44 -15.63 12.56
CA SER C 360 13.20 -14.36 13.24
C SER C 360 11.83 -13.79 12.88
N CYS C 361 11.22 -13.12 13.84
CA CYS C 361 10.00 -12.36 13.61
C CYS C 361 10.25 -10.93 14.05
N THR C 362 9.80 -9.97 13.25
CA THR C 362 9.87 -8.58 13.64
C THR C 362 8.47 -8.00 13.60
N MET C 363 8.01 -7.57 14.77
CA MET C 363 6.68 -7.02 14.92
C MET C 363 6.85 -5.59 15.44
N PRO C 364 6.74 -4.61 14.56
CA PRO C 364 7.13 -3.24 14.91
C PRO C 364 6.04 -2.42 15.60
N SER C 365 4.85 -2.97 15.78
CA SER C 365 3.71 -2.20 16.30
C SER C 365 2.76 -2.99 17.21
N ILE C 366 3.32 -3.63 18.24
CA ILE C 366 2.54 -4.35 19.25
C ILE C 366 1.96 -3.38 20.29
N GLU C 367 0.65 -3.22 20.27
CA GLU C 367 -0.06 -2.31 21.17
C GLU C 367 -0.57 -3.10 22.37
N ILE C 368 0.06 -2.88 23.52
CA ILE C 368 -0.08 -3.79 24.67
C ILE C 368 0.11 -3.10 26.02
N GLY C 369 -0.38 -3.75 27.07
CA GLY C 369 -0.31 -3.24 28.42
C GLY C 369 -0.70 -4.26 29.49
N THR C 370 -0.29 -4.00 30.73
CA THR C 370 -0.61 -4.87 31.87
C THR C 370 -1.33 -4.14 33.00
N VAL C 371 -1.70 -2.88 32.76
CA VAL C 371 -2.59 -2.12 33.66
C VAL C 371 -3.63 -1.41 32.80
N GLY C 372 -4.82 -1.22 33.37
CA GLY C 372 -5.90 -0.55 32.68
C GLY C 372 -6.71 -1.52 31.82
N GLY C 373 -7.89 -1.08 31.41
CA GLY C 373 -8.70 -1.84 30.48
C GLY C 373 -9.15 -3.16 31.07
N GLY C 374 -9.09 -4.21 30.26
CA GLY C 374 -9.49 -5.55 30.68
C GLY C 374 -8.47 -6.25 31.56
N THR C 375 -7.31 -5.64 31.76
CA THR C 375 -6.33 -6.12 32.73
C THR C 375 -6.69 -5.73 34.17
N ASN C 376 -7.76 -4.96 34.37
CA ASN C 376 -8.27 -4.70 35.71
C ASN C 376 -9.15 -5.85 36.21
N LEU C 377 -9.62 -6.69 35.30
CA LEU C 377 -10.51 -7.81 35.65
C LEU C 377 -9.71 -9.03 36.15
N LEU C 378 -10.27 -9.73 37.13
CA LEU C 378 -9.52 -10.76 37.84
C LEU C 378 -9.16 -12.01 37.04
N PRO C 379 -10.07 -12.53 36.22
CA PRO C 379 -9.75 -13.64 35.32
C PRO C 379 -8.60 -13.33 34.34
N GLN C 380 -8.61 -12.12 33.79
CA GLN C 380 -7.59 -11.70 32.84
C GLN C 380 -6.23 -11.53 33.56
N GLN C 381 -6.29 -11.03 34.79
CA GLN C 381 -5.11 -10.91 35.66
C GLN C 381 -4.51 -12.27 36.00
N ALA C 382 -5.34 -13.32 35.99
CA ALA C 382 -4.83 -14.68 36.23
C ALA C 382 -3.87 -15.13 35.12
N CYS C 383 -4.19 -14.83 33.88
CA CYS C 383 -3.32 -15.14 32.76
C CYS C 383 -2.05 -14.29 32.73
N LEU C 384 -2.18 -13.04 33.16
CA LEU C 384 -1.03 -12.15 33.26
C LEU C 384 -0.10 -12.59 34.38
N GLN C 385 -0.64 -13.23 35.41
CA GLN C 385 0.15 -13.70 36.53
C GLN C 385 0.89 -14.99 36.17
N MET C 386 0.29 -15.81 35.31
CA MET C 386 0.97 -16.99 34.76
C MET C 386 2.30 -16.60 34.14
N LEU C 387 2.28 -15.49 33.40
CA LEU C 387 3.44 -14.98 32.68
C LEU C 387 4.35 -14.13 33.55
N GLY C 388 3.84 -13.70 34.71
CA GLY C 388 4.61 -12.93 35.67
C GLY C 388 4.73 -11.47 35.30
N VAL C 389 3.74 -10.96 34.58
CA VAL C 389 3.74 -9.57 34.10
C VAL C 389 2.50 -8.80 34.54
N GLN C 390 1.74 -9.30 35.50
CA GLN C 390 0.48 -8.67 35.89
C GLN C 390 0.70 -7.34 36.62
N GLY C 391 -0.09 -6.33 36.27
CA GLY C 391 0.02 -5.02 36.89
C GLY C 391 1.31 -4.29 36.55
N ALA C 392 1.53 -3.17 37.22
CA ALA C 392 2.72 -2.36 37.02
C ALA C 392 3.98 -3.05 37.56
N CYS C 393 5.12 -2.69 36.99
CA CYS C 393 6.42 -3.10 37.51
C CYS C 393 6.88 -1.96 38.39
N LYS C 394 6.98 -2.22 39.69
CA LYS C 394 7.15 -1.13 40.66
C LYS C 394 8.53 -0.47 40.59
N ASP C 395 9.55 -1.24 40.19
CA ASP C 395 10.93 -0.75 40.19
C ASP C 395 11.39 -0.25 38.82
N ASN C 396 10.62 -0.54 37.78
CA ASN C 396 10.98 -0.12 36.42
C ASN C 396 9.73 -0.02 35.55
N PRO C 397 8.99 1.08 35.70
CA PRO C 397 7.73 1.27 34.98
C PRO C 397 7.81 0.98 33.48
N GLY C 398 6.98 0.06 33.02
CA GLY C 398 6.87 -0.28 31.61
C GLY C 398 7.49 -1.61 31.27
N GLU C 399 8.19 -2.22 32.23
CA GLU C 399 8.94 -3.44 31.98
C GLU C 399 8.03 -4.66 31.91
N ASN C 400 6.91 -4.61 32.63
CA ASN C 400 5.90 -5.68 32.55
C ASN C 400 5.27 -5.69 31.16
N ALA C 401 4.90 -4.50 30.66
CA ALA C 401 4.31 -4.36 29.33
C ALA C 401 5.29 -4.76 28.22
N ARG C 402 6.56 -4.42 28.42
CA ARG C 402 7.62 -4.78 27.49
C ARG C 402 7.88 -6.29 27.47
N GLN C 403 7.85 -6.91 28.65
CA GLN C 403 8.01 -8.35 28.80
C GLN C 403 6.89 -9.12 28.11
N LEU C 404 5.66 -8.61 28.21
CA LEU C 404 4.52 -9.25 27.58
C LEU C 404 4.62 -9.16 26.07
N ALA C 405 5.09 -8.02 25.58
CA ALA C 405 5.29 -7.83 24.14
C ALA C 405 6.33 -8.82 23.61
N ARG C 406 7.42 -8.97 24.36
CA ARG C 406 8.44 -9.96 24.06
C ARG C 406 7.86 -11.37 23.99
N ILE C 407 6.96 -11.68 24.93
CA ILE C 407 6.31 -13.00 24.99
C ILE C 407 5.42 -13.25 23.76
N VAL C 408 4.70 -12.22 23.32
CA VAL C 408 3.82 -12.33 22.16
C VAL C 408 4.65 -12.56 20.90
N CYS C 409 5.77 -11.85 20.79
CA CYS C 409 6.64 -11.97 19.63
C CYS C 409 7.26 -13.37 19.56
N GLY C 410 7.66 -13.90 20.70
CA GLY C 410 8.22 -15.24 20.79
C GLY C 410 7.19 -16.33 20.53
N THR C 411 5.98 -16.12 21.04
CA THR C 411 4.89 -17.07 20.83
C THR C 411 4.41 -17.03 19.39
N VAL C 412 4.45 -15.84 18.80
CA VAL C 412 4.14 -15.66 17.39
C VAL C 412 5.19 -16.41 16.58
N MET C 413 6.45 -16.29 16.97
CA MET C 413 7.54 -16.97 16.26
C MET C 413 7.40 -18.50 16.40
N ALA C 414 6.87 -18.97 17.53
CA ALA C 414 6.62 -20.39 17.72
C ALA C 414 5.52 -20.88 16.79
N GLY C 415 4.46 -20.08 16.66
CA GLY C 415 3.36 -20.39 15.77
C GLY C 415 3.73 -20.34 14.30
N GLU C 416 4.65 -19.45 13.95
CA GLU C 416 5.15 -19.34 12.59
C GLU C 416 5.96 -20.59 12.24
N LEU C 417 6.87 -20.95 13.13
CA LEU C 417 7.66 -22.18 13.00
C LEU C 417 6.76 -23.38 12.70
N SER C 418 5.76 -23.60 13.55
CA SER C 418 4.94 -24.80 13.51
C SER C 418 4.06 -24.87 12.28
N LEU C 419 3.30 -23.79 12.01
CA LEU C 419 2.40 -23.79 10.87
C LEU C 419 3.17 -23.91 9.56
N MET C 420 4.26 -23.17 9.44
CA MET C 420 5.08 -23.19 8.24
C MET C 420 5.64 -24.59 7.99
N ALA C 421 6.00 -25.28 9.07
CA ALA C 421 6.51 -26.65 9.00
C ALA C 421 5.46 -27.59 8.47
N ALA C 422 4.24 -27.49 9.00
CA ALA C 422 3.11 -28.31 8.58
C ALA C 422 2.72 -28.05 7.12
N LEU C 423 3.02 -26.85 6.64
CA LEU C 423 2.72 -26.46 5.27
C LEU C 423 3.80 -27.01 4.33
N ALA C 424 5.05 -26.96 4.77
CA ALA C 424 6.17 -27.47 4.00
C ALA C 424 6.14 -29.00 3.87
N ALA C 425 5.60 -29.66 4.90
CA ALA C 425 5.53 -31.12 4.93
C ALA C 425 4.44 -31.59 3.98
N GLY C 426 3.25 -31.02 4.13
CA GLY C 426 2.10 -31.34 3.30
C GLY C 426 0.99 -32.02 4.08
N PRO D 8 -4.63 -40.77 51.09
CA PRO D 8 -3.79 -40.99 49.87
C PRO D 8 -3.11 -42.36 49.88
N ARG D 9 -3.47 -43.22 48.92
CA ARG D 9 -2.95 -44.58 48.88
C ARG D 9 -1.61 -44.67 48.14
N PRO D 10 -0.84 -45.74 48.38
CA PRO D 10 0.45 -45.94 47.69
C PRO D 10 0.33 -46.03 46.16
N ASN D 11 1.40 -45.67 45.47
CA ASN D 11 1.40 -45.53 44.00
C ASN D 11 0.99 -46.79 43.25
N GLU D 12 1.47 -47.94 43.72
CA GLU D 12 1.29 -49.21 43.00
C GLU D 12 -0.14 -49.73 43.10
N GLU D 13 -0.82 -49.43 44.21
CA GLU D 13 -2.22 -49.83 44.40
C GLU D 13 -3.16 -49.13 43.41
N CYS D 14 -2.87 -47.87 43.08
CA CYS D 14 -3.74 -47.09 42.18
C CYS D 14 -3.59 -47.42 40.70
N LEU D 15 -2.49 -48.07 40.34
CA LEU D 15 -2.29 -48.54 38.97
C LEU D 15 -3.01 -49.87 38.71
N GLY D 24 -11.60 -47.03 36.68
CA GLY D 24 -10.17 -46.82 36.66
C GLY D 24 -9.76 -45.51 37.32
N ALA D 25 -9.67 -44.45 36.51
CA ALA D 25 -9.23 -43.13 36.98
C ALA D 25 -10.25 -42.47 37.92
N LYS D 26 -11.54 -42.71 37.69
CA LYS D 26 -12.60 -42.14 38.54
C LYS D 26 -12.46 -42.55 40.02
N PHE D 27 -11.99 -43.79 40.23
CA PHE D 27 -11.81 -44.33 41.59
C PHE D 27 -10.59 -43.76 42.32
N LEU D 28 -9.71 -43.08 41.59
CA LEU D 28 -8.56 -42.38 42.18
C LEU D 28 -8.94 -40.96 42.60
N SER D 29 -8.19 -40.39 43.54
CA SER D 29 -8.38 -39.00 43.96
C SER D 29 -7.44 -38.07 43.20
N ASP D 30 -7.59 -36.76 43.39
CA ASP D 30 -6.76 -35.75 42.71
C ASP D 30 -5.28 -35.92 43.06
N ALA D 31 -4.98 -35.89 44.35
CA ALA D 31 -3.60 -35.99 44.83
C ALA D 31 -2.95 -37.33 44.47
N GLU D 32 -3.78 -38.32 44.19
CA GLU D 32 -3.31 -39.65 43.79
C GLU D 32 -2.74 -39.63 42.37
N ILE D 33 -3.46 -38.98 41.46
CA ILE D 33 -3.00 -38.81 40.07
C ILE D 33 -1.73 -37.95 40.02
N ILE D 34 -1.67 -36.93 40.87
CA ILE D 34 -0.59 -35.95 40.84
C ILE D 34 0.71 -36.54 41.38
N GLN D 35 0.62 -37.35 42.43
CA GLN D 35 1.80 -38.01 43.00
C GLN D 35 2.27 -39.15 42.09
N LEU D 36 1.35 -39.63 41.25
CA LEU D 36 1.67 -40.61 40.22
C LEU D 36 2.57 -39.98 39.14
N VAL D 37 2.31 -38.72 38.79
CA VAL D 37 3.10 -38.00 37.80
C VAL D 37 4.45 -37.53 38.36
N ASN D 38 4.45 -37.05 39.60
CA ASN D 38 5.67 -36.50 40.22
C ASN D 38 6.67 -37.60 40.60
N ALA D 39 6.17 -38.80 40.87
CA ALA D 39 7.03 -39.95 41.11
C ALA D 39 7.53 -40.55 39.79
N LYS D 40 6.93 -40.12 38.69
CA LYS D 40 7.28 -40.54 37.33
C LYS D 40 6.86 -41.99 37.02
N HIS D 41 5.85 -42.47 37.74
CA HIS D 41 5.21 -43.76 37.46
C HIS D 41 4.38 -43.70 36.17
N ILE D 42 3.89 -42.51 35.84
CA ILE D 42 3.05 -42.29 34.66
C ILE D 42 3.31 -40.91 34.04
N PRO D 43 3.60 -40.87 32.74
CA PRO D 43 3.80 -39.59 32.04
C PRO D 43 2.57 -38.67 32.09
N ALA D 44 2.79 -37.36 32.12
CA ALA D 44 1.71 -36.38 32.24
C ALA D 44 0.78 -36.35 31.02
N TYR D 45 1.34 -36.62 29.83
CA TYR D 45 0.54 -36.61 28.61
C TYR D 45 -0.43 -37.79 28.50
N LYS D 46 -0.13 -38.89 29.19
CA LYS D 46 -1.00 -40.08 29.17
C LYS D 46 -2.30 -39.90 29.97
N LEU D 47 -2.40 -38.81 30.75
CA LEU D 47 -3.61 -38.52 31.53
C LEU D 47 -4.78 -38.02 30.66
N GLU D 48 -4.48 -37.35 29.55
CA GLU D 48 -5.51 -36.87 28.62
C GLU D 48 -6.51 -37.96 28.21
N THR D 49 -6.01 -39.18 28.02
CA THR D 49 -6.85 -40.34 27.62
C THR D 49 -7.48 -41.07 28.81
N LEU D 50 -6.71 -41.18 29.90
CA LEU D 50 -7.07 -42.06 31.01
C LEU D 50 -8.16 -41.46 31.90
N ILE D 51 -8.11 -40.15 32.10
CA ILE D 51 -9.17 -39.44 32.84
C ILE D 51 -10.44 -39.48 32.01
N GLU D 52 -11.56 -39.71 32.69
CA GLU D 52 -12.85 -39.97 32.02
C GLU D 52 -13.63 -38.68 31.77
N THR D 53 -13.77 -37.86 32.82
CA THR D 53 -14.52 -36.61 32.72
C THR D 53 -13.63 -35.47 32.22
N HIS D 54 -14.19 -34.59 31.40
CA HIS D 54 -13.42 -33.49 30.81
C HIS D 54 -13.11 -32.39 31.82
N GLU D 55 -14.06 -32.08 32.70
CA GLU D 55 -13.85 -31.05 33.73
C GLU D 55 -12.72 -31.42 34.68
N ARG D 56 -12.58 -32.71 34.93
CA ARG D 56 -11.55 -33.20 35.85
C ARG D 56 -10.17 -33.21 35.20
N GLY D 57 -10.12 -33.46 33.89
CA GLY D 57 -8.89 -33.37 33.13
C GLY D 57 -8.34 -31.95 33.14
N VAL D 58 -9.23 -30.96 33.05
CA VAL D 58 -8.87 -29.55 33.16
C VAL D 58 -8.35 -29.24 34.56
N SER D 59 -8.97 -29.82 35.58
CA SER D 59 -8.62 -29.54 36.97
C SER D 59 -7.21 -30.03 37.30
N ILE D 60 -6.87 -31.21 36.80
CA ILE D 60 -5.57 -31.82 37.06
C ILE D 60 -4.47 -31.11 36.28
N ARG D 61 -4.76 -30.73 35.04
CA ARG D 61 -3.81 -29.96 34.22
C ARG D 61 -3.49 -28.61 34.88
N ARG D 62 -4.51 -27.98 35.45
CA ARG D 62 -4.34 -26.70 36.13
C ARG D 62 -3.45 -26.85 37.36
N GLN D 63 -3.64 -27.93 38.11
CA GLN D 63 -2.88 -28.18 39.31
C GLN D 63 -1.43 -28.55 39.01
N LEU D 64 -1.21 -29.38 38.00
CA LEU D 64 0.14 -29.75 37.55
C LEU D 64 0.87 -28.53 37.01
N LEU D 65 0.13 -27.67 36.33
CA LEU D 65 0.70 -26.45 35.73
C LEU D 65 1.08 -25.43 36.79
N SER D 66 0.27 -25.34 37.85
CA SER D 66 0.41 -24.32 38.88
C SER D 66 1.75 -24.43 39.62
N LYS D 67 2.21 -25.65 39.83
CA LYS D 67 3.49 -25.89 40.52
C LYS D 67 4.71 -25.43 39.71
N LYS D 68 4.57 -25.37 38.39
CA LYS D 68 5.64 -24.92 37.49
C LYS D 68 5.72 -23.40 37.35
N LEU D 69 4.89 -22.67 38.07
CA LEU D 69 4.84 -21.21 37.97
C LEU D 69 5.54 -20.59 39.17
N SER D 70 6.15 -19.43 38.97
CA SER D 70 6.80 -18.72 40.08
C SER D 70 5.77 -18.12 41.04
N GLU D 71 4.52 -18.03 40.60
CA GLU D 71 3.39 -17.79 41.49
C GLU D 71 2.38 -18.92 41.28
N PRO D 72 2.38 -19.93 42.16
CA PRO D 72 1.47 -21.09 41.99
C PRO D 72 -0.01 -20.80 42.28
N SER D 73 -0.33 -19.62 42.82
CA SER D 73 -1.71 -19.23 43.05
C SER D 73 -2.30 -18.38 41.92
N SER D 74 -1.56 -18.25 40.82
CA SER D 74 -1.95 -17.33 39.75
C SER D 74 -3.25 -17.72 39.04
N LEU D 75 -3.57 -19.02 39.00
CA LEU D 75 -4.79 -19.50 38.34
C LEU D 75 -6.05 -19.46 39.24
N GLN D 76 -5.93 -18.90 40.45
CA GLN D 76 -7.03 -18.84 41.43
C GLN D 76 -8.34 -18.28 40.86
N TYR D 77 -8.24 -17.23 40.05
CA TYR D 77 -9.42 -16.50 39.57
C TYR D 77 -9.71 -16.71 38.09
N LEU D 78 -8.92 -17.54 37.41
CA LEU D 78 -9.29 -18.05 36.09
C LEU D 78 -10.31 -19.17 36.29
N PRO D 79 -11.57 -18.95 35.90
CA PRO D 79 -12.61 -19.94 36.15
C PRO D 79 -12.48 -21.17 35.23
N TYR D 80 -13.00 -22.31 35.67
CA TYR D 80 -13.04 -23.53 34.84
C TYR D 80 -14.26 -24.44 35.05
N ARG D 81 -14.95 -24.29 36.19
CA ARG D 81 -16.08 -25.16 36.53
C ARG D 81 -17.35 -24.85 35.74
N ASP D 82 -18.20 -25.86 35.60
CA ASP D 82 -19.54 -25.73 35.01
C ASP D 82 -19.52 -25.11 33.60
N TYR D 83 -18.69 -25.67 32.74
CA TYR D 83 -18.60 -25.25 31.35
C TYR D 83 -18.59 -26.48 30.43
N ASN D 84 -19.16 -26.34 29.23
CA ASN D 84 -19.31 -27.48 28.34
C ASN D 84 -18.05 -27.78 27.55
N TYR D 85 -17.15 -28.55 28.17
CA TYR D 85 -15.90 -28.92 27.53
C TYR D 85 -16.06 -30.01 26.47
N SER D 86 -17.24 -30.63 26.37
CA SER D 86 -17.49 -31.66 25.36
C SER D 86 -17.47 -31.09 23.94
N LEU D 87 -17.89 -29.83 23.79
CA LEU D 87 -17.88 -29.16 22.49
C LEU D 87 -16.52 -28.50 22.16
N VAL D 88 -15.65 -28.38 23.17
CA VAL D 88 -14.35 -27.72 23.02
C VAL D 88 -13.17 -28.69 22.77
N MET D 89 -13.13 -29.81 23.49
CA MET D 89 -12.06 -30.78 23.32
C MET D 89 -12.18 -31.42 21.93
N GLY D 90 -11.07 -31.44 21.20
CA GLY D 90 -11.04 -32.04 19.87
C GLY D 90 -11.85 -31.29 18.83
N ALA D 91 -11.90 -29.96 18.96
CA ALA D 91 -12.68 -29.12 18.05
C ALA D 91 -12.29 -27.65 18.07
N CYS D 92 -12.12 -27.07 19.26
CA CYS D 92 -11.92 -25.62 19.44
C CYS D 92 -10.64 -25.19 20.15
N CYS D 93 -10.11 -26.04 21.03
CA CYS D 93 -8.99 -25.68 21.90
C CYS D 93 -8.30 -26.93 22.45
N GLU D 94 -7.00 -26.83 22.68
CA GLU D 94 -6.22 -27.92 23.29
C GLU D 94 -5.49 -27.45 24.55
N ASN D 95 -4.98 -28.41 25.33
CA ASN D 95 -4.30 -28.12 26.60
C ASN D 95 -5.12 -27.15 27.47
N VAL D 96 -6.42 -27.42 27.58
CA VAL D 96 -7.35 -26.47 28.18
C VAL D 96 -7.17 -26.37 29.70
N ILE D 97 -7.22 -25.14 30.21
CA ILE D 97 -7.03 -24.86 31.64
C ILE D 97 -8.16 -24.00 32.19
N GLY D 98 -9.25 -23.85 31.45
CA GLY D 98 -10.36 -23.02 31.86
C GLY D 98 -10.96 -22.22 30.72
N TYR D 99 -11.62 -21.13 31.08
CA TYR D 99 -12.20 -20.20 30.12
C TYR D 99 -12.01 -18.74 30.57
N MET D 100 -12.10 -17.83 29.62
CA MET D 100 -11.94 -16.41 29.87
C MET D 100 -13.28 -15.70 29.62
N PRO D 101 -13.90 -15.21 30.69
CA PRO D 101 -15.17 -14.48 30.56
C PRO D 101 -14.98 -13.06 30.00
N ILE D 102 -15.55 -12.80 28.84
CA ILE D 102 -15.56 -11.46 28.23
C ILE D 102 -16.94 -10.85 28.41
N PRO D 103 -17.04 -9.72 29.14
CA PRO D 103 -18.33 -9.07 29.38
C PRO D 103 -19.09 -8.78 28.09
N VAL D 104 -20.40 -9.00 28.09
CA VAL D 104 -21.23 -8.79 26.91
C VAL D 104 -22.28 -7.73 27.18
N GLY D 105 -22.32 -6.72 26.32
CA GLY D 105 -23.34 -5.69 26.38
C GLY D 105 -24.17 -5.71 25.13
N VAL D 106 -25.30 -5.00 25.13
CA VAL D 106 -26.20 -4.96 23.98
C VAL D 106 -26.37 -3.53 23.46
N ALA D 107 -26.25 -3.38 22.14
CA ALA D 107 -26.54 -2.13 21.46
C ALA D 107 -27.73 -2.35 20.52
N GLY D 108 -28.80 -1.63 20.78
CA GLY D 108 -29.98 -1.71 19.93
C GLY D 108 -31.14 -0.88 20.47
N PRO D 109 -32.26 -0.86 19.77
CA PRO D 109 -32.46 -1.60 18.51
C PRO D 109 -31.75 -0.98 17.31
N LEU D 110 -31.07 -1.84 16.54
CA LEU D 110 -30.55 -1.48 15.24
C LEU D 110 -31.67 -1.71 14.22
N CYS D 111 -32.10 -0.64 13.56
CA CYS D 111 -33.20 -0.68 12.61
C CYS D 111 -32.60 -0.87 11.22
N LEU D 112 -32.51 -2.13 10.80
CA LEU D 112 -31.85 -2.50 9.56
C LEU D 112 -32.76 -3.35 8.67
N ASP D 113 -32.99 -2.88 7.44
CA ASP D 113 -33.80 -3.58 6.44
C ASP D 113 -35.18 -3.98 6.98
N GLU D 114 -35.85 -3.02 7.61
CA GLU D 114 -37.21 -3.18 8.17
C GLU D 114 -37.30 -4.06 9.43
N LYS D 115 -36.20 -4.69 9.83
CA LYS D 115 -36.15 -5.51 11.03
C LYS D 115 -35.43 -4.75 12.12
N GLU D 116 -35.48 -5.27 13.33
CA GLU D 116 -34.85 -4.64 14.48
C GLU D 116 -34.00 -5.67 15.21
N PHE D 117 -32.73 -5.33 15.42
CA PHE D 117 -31.75 -6.26 15.97
C PHE D 117 -31.22 -5.73 17.30
N GLN D 118 -31.08 -6.63 18.27
CA GLN D 118 -30.41 -6.34 19.53
C GLN D 118 -29.03 -6.99 19.46
N VAL D 119 -28.00 -6.18 19.26
CA VAL D 119 -26.67 -6.65 18.88
C VAL D 119 -25.78 -6.90 20.09
N PRO D 120 -25.35 -8.14 20.32
CA PRO D 120 -24.42 -8.44 21.40
C PRO D 120 -22.98 -8.06 21.03
N MET D 121 -22.27 -7.46 21.98
CA MET D 121 -20.90 -7.01 21.77
C MET D 121 -20.05 -7.42 22.95
N ALA D 122 -19.13 -8.37 22.73
CA ALA D 122 -18.20 -8.83 23.76
C ALA D 122 -16.95 -7.93 23.81
N THR D 123 -16.87 -7.07 24.80
CA THR D 123 -15.78 -6.11 24.92
C THR D 123 -15.42 -5.74 26.36
N THR D 124 -14.18 -5.27 26.54
CA THR D 124 -13.74 -4.69 27.81
C THR D 124 -13.28 -3.22 27.64
N GLU D 125 -13.65 -2.62 26.51
CA GLU D 125 -13.34 -1.21 26.24
C GLU D 125 -14.52 -0.37 26.71
N GLY D 126 -14.32 0.41 27.77
CA GLY D 126 -15.36 1.26 28.31
C GLY D 126 -15.90 2.24 27.29
N CYS D 127 -17.22 2.42 27.32
CA CYS D 127 -17.96 3.36 26.48
C CYS D 127 -18.24 2.90 25.04
N LEU D 128 -17.64 1.78 24.62
CA LEU D 128 -17.81 1.28 23.26
C LEU D 128 -19.25 0.87 22.99
N VAL D 129 -19.84 0.11 23.90
CA VAL D 129 -21.19 -0.41 23.71
C VAL D 129 -22.18 0.76 23.75
N ALA D 130 -22.01 1.65 24.72
CA ALA D 130 -22.86 2.83 24.90
C ALA D 130 -22.80 3.76 23.69
N SER D 131 -21.60 3.95 23.15
CA SER D 131 -21.39 4.80 21.99
C SER D 131 -22.13 4.23 20.80
N THR D 132 -21.93 2.94 20.55
CA THR D 132 -22.60 2.19 19.48
C THR D 132 -24.12 2.26 19.62
N ASN D 133 -24.60 2.24 20.86
CA ASN D 133 -26.02 2.27 21.16
C ASN D 133 -26.64 3.61 20.75
N ARG D 134 -25.93 4.71 21.02
CA ARG D 134 -26.39 6.03 20.64
C ARG D 134 -26.46 6.19 19.11
N GLY D 135 -25.55 5.52 18.42
CA GLY D 135 -25.57 5.48 16.97
C GLY D 135 -26.80 4.78 16.41
N CYS D 136 -27.20 3.68 17.05
CA CYS D 136 -28.41 2.96 16.65
C CYS D 136 -29.62 3.85 16.81
N ARG D 137 -29.66 4.58 17.92
CA ARG D 137 -30.75 5.51 18.21
C ARG D 137 -30.86 6.58 17.14
N ALA D 138 -29.73 7.09 16.68
CA ALA D 138 -29.73 8.11 15.63
C ALA D 138 -30.32 7.55 14.35
N ILE D 139 -29.84 6.35 13.96
CA ILE D 139 -30.34 5.66 12.75
C ILE D 139 -31.84 5.34 12.88
N GLY D 140 -32.29 4.98 14.07
CA GLY D 140 -33.69 4.68 14.30
C GLY D 140 -34.61 5.87 14.02
N LEU D 141 -34.24 7.04 14.53
CA LEU D 141 -35.00 8.27 14.33
C LEU D 141 -34.82 8.84 12.93
N GLY D 142 -33.83 8.33 12.21
CA GLY D 142 -33.63 8.69 10.82
C GLY D 142 -34.32 7.76 9.84
N GLY D 143 -35.15 6.85 10.34
CA GLY D 143 -35.98 6.02 9.49
C GLY D 143 -35.45 4.62 9.25
N GLY D 144 -34.21 4.37 9.64
CA GLY D 144 -33.60 3.06 9.56
C GLY D 144 -32.47 3.04 8.54
N ALA D 145 -31.63 2.02 8.63
CA ALA D 145 -30.59 1.76 7.64
C ALA D 145 -31.03 0.69 6.66
N SER D 146 -30.47 0.76 5.45
CA SER D 146 -30.65 -0.28 4.44
C SER D 146 -29.31 -0.88 4.10
N SER D 147 -29.31 -2.11 3.59
CA SER D 147 -28.06 -2.82 3.28
C SER D 147 -28.25 -3.94 2.25
N ARG D 148 -27.20 -4.16 1.47
CA ARG D 148 -27.17 -5.21 0.46
C ARG D 148 -25.86 -5.96 0.54
N VAL D 149 -25.93 -7.27 0.42
CA VAL D 149 -24.76 -8.09 0.17
C VAL D 149 -24.47 -8.03 -1.31
N LEU D 150 -23.24 -7.66 -1.65
CA LEU D 150 -22.83 -7.45 -3.03
C LEU D 150 -22.11 -8.68 -3.61
N ALA D 151 -21.41 -9.41 -2.74
CA ALA D 151 -20.70 -10.62 -3.13
C ALA D 151 -20.60 -11.58 -1.94
N ASP D 152 -20.41 -12.86 -2.24
CA ASP D 152 -20.21 -13.91 -1.23
C ASP D 152 -19.28 -15.00 -1.79
N GLY D 153 -18.12 -15.16 -1.17
CA GLY D 153 -17.15 -16.16 -1.59
C GLY D 153 -15.89 -16.09 -0.77
N MET D 154 -15.70 -17.09 0.10
CA MET D 154 -14.49 -17.25 0.88
C MET D 154 -13.39 -17.75 -0.07
N THR D 155 -12.13 -17.49 0.26
CA THR D 155 -11.02 -17.88 -0.61
C THR D 155 -9.86 -18.58 0.09
N ARG D 156 -9.15 -19.40 -0.68
CA ARG D 156 -7.85 -19.93 -0.28
C ARG D 156 -6.88 -19.77 -1.46
N GLY D 157 -5.64 -19.40 -1.18
CA GLY D 157 -4.70 -18.99 -2.22
C GLY D 157 -3.40 -19.75 -2.22
N PRO D 158 -3.42 -21.05 -2.54
CA PRO D 158 -2.20 -21.87 -2.55
C PRO D 158 -1.15 -21.37 -3.54
N VAL D 159 0.09 -21.81 -3.37
CA VAL D 159 1.13 -21.50 -4.34
C VAL D 159 1.72 -22.80 -4.90
N VAL D 160 1.78 -22.89 -6.22
CA VAL D 160 2.42 -24.02 -6.88
C VAL D 160 3.66 -23.55 -7.64
N ARG D 161 4.57 -24.48 -7.90
CA ARG D 161 5.79 -24.21 -8.64
C ARG D 161 5.88 -25.12 -9.86
N LEU D 162 6.25 -24.55 -11.01
CA LEU D 162 6.62 -25.35 -12.17
C LEU D 162 8.10 -25.18 -12.45
N PRO D 163 8.69 -26.07 -13.25
CA PRO D 163 10.13 -26.01 -13.55
C PRO D 163 10.59 -24.67 -14.11
N ARG D 164 9.75 -24.04 -14.91
CA ARG D 164 10.04 -22.76 -15.54
C ARG D 164 8.80 -21.86 -15.54
N ALA D 165 9.02 -20.56 -15.64
CA ALA D 165 7.94 -19.57 -15.79
C ALA D 165 7.10 -19.76 -17.05
N CYS D 166 7.70 -20.33 -18.09
CA CYS D 166 6.98 -20.67 -19.32
C CYS D 166 5.94 -21.76 -19.05
N ASP D 167 6.30 -22.67 -18.16
CA ASP D 167 5.41 -23.76 -17.76
C ASP D 167 4.30 -23.25 -16.85
N SER D 168 4.62 -22.33 -15.94
CA SER D 168 3.63 -21.71 -15.07
C SER D 168 2.67 -20.81 -15.83
N ALA D 169 3.12 -20.27 -16.96
CA ALA D 169 2.26 -19.49 -17.85
C ALA D 169 1.32 -20.39 -18.63
N GLU D 170 1.77 -21.61 -18.91
CA GLU D 170 0.97 -22.61 -19.60
C GLU D 170 -0.23 -22.96 -18.73
N VAL D 171 0.03 -23.18 -17.44
CA VAL D 171 -1.00 -23.56 -16.49
C VAL D 171 -2.01 -22.44 -16.30
N LYS D 172 -1.53 -21.19 -16.28
CA LYS D 172 -2.41 -20.03 -16.13
C LYS D 172 -3.40 -19.96 -17.29
N ALA D 173 -2.87 -20.03 -18.52
CA ALA D 173 -3.71 -19.97 -19.72
C ALA D 173 -4.69 -21.15 -19.81
N TRP D 174 -4.29 -22.31 -19.28
CA TRP D 174 -5.14 -23.50 -19.27
C TRP D 174 -6.30 -23.36 -18.28
N LEU D 175 -6.03 -22.77 -17.12
CA LEU D 175 -7.06 -22.51 -16.11
C LEU D 175 -8.02 -21.43 -16.58
N GLU D 176 -7.58 -20.57 -17.50
CA GLU D 176 -8.41 -19.51 -18.04
C GLU D 176 -9.33 -19.97 -19.19
N THR D 177 -9.02 -21.13 -19.78
CA THR D 177 -9.93 -21.72 -20.77
C THR D 177 -11.18 -22.23 -20.04
N SER D 178 -12.30 -22.28 -20.76
CA SER D 178 -13.54 -22.75 -20.17
C SER D 178 -13.51 -24.25 -19.91
N GLU D 179 -12.79 -25.01 -20.75
CA GLU D 179 -12.69 -26.46 -20.57
C GLU D 179 -11.77 -26.78 -19.40
N GLY D 180 -10.69 -26.01 -19.28
CA GLY D 180 -9.75 -26.17 -18.18
C GLY D 180 -10.34 -25.80 -16.84
N PHE D 181 -11.10 -24.71 -16.81
CA PHE D 181 -11.80 -24.29 -15.59
C PHE D 181 -12.90 -25.26 -15.21
N ALA D 182 -13.51 -25.90 -16.21
CA ALA D 182 -14.65 -26.79 -15.99
C ALA D 182 -14.27 -28.08 -15.28
N VAL D 183 -13.11 -28.65 -15.61
CA VAL D 183 -12.66 -29.87 -14.93
C VAL D 183 -12.16 -29.54 -13.51
N ILE D 184 -11.59 -28.35 -13.34
CA ILE D 184 -11.15 -27.88 -12.03
C ILE D 184 -12.33 -27.61 -11.10
N LYS D 185 -13.41 -27.05 -11.66
CA LYS D 185 -14.64 -26.78 -10.91
C LYS D 185 -15.30 -28.09 -10.49
N GLU D 186 -15.29 -29.08 -11.38
CA GLU D 186 -15.89 -30.38 -11.12
C GLU D 186 -15.22 -31.07 -9.92
N ALA D 187 -13.89 -30.99 -9.87
CA ALA D 187 -13.11 -31.58 -8.79
C ALA D 187 -13.35 -30.85 -7.45
N PHE D 188 -13.29 -29.52 -7.49
CA PHE D 188 -13.53 -28.67 -6.33
C PHE D 188 -14.94 -28.89 -5.76
N ASP D 189 -15.93 -28.98 -6.65
CA ASP D 189 -17.33 -29.05 -6.26
C ASP D 189 -17.78 -30.42 -5.78
N SER D 190 -16.99 -31.45 -6.07
CA SER D 190 -17.29 -32.83 -5.68
C SER D 190 -17.05 -33.10 -4.18
N THR D 191 -16.31 -32.20 -3.53
CA THR D 191 -15.93 -32.35 -2.14
C THR D 191 -17.02 -31.94 -1.13
N SER D 192 -18.06 -31.25 -1.57
CA SER D 192 -19.09 -30.75 -0.65
C SER D 192 -20.40 -30.30 -1.34
N ARG D 193 -21.49 -30.27 -0.58
CA ARG D 193 -22.77 -29.74 -1.04
C ARG D 193 -22.64 -28.30 -1.50
N PHE D 194 -22.01 -27.48 -0.67
CA PHE D 194 -21.99 -26.03 -0.84
C PHE D 194 -20.78 -25.49 -1.61
N ALA D 195 -19.82 -26.36 -1.94
CA ALA D 195 -18.63 -25.97 -2.68
C ALA D 195 -18.97 -25.72 -4.14
N ARG D 196 -19.15 -24.46 -4.52
CA ARG D 196 -19.39 -24.09 -5.92
C ARG D 196 -18.39 -23.01 -6.35
N LEU D 197 -17.50 -23.39 -7.27
CA LEU D 197 -16.34 -22.60 -7.64
C LEU D 197 -16.68 -21.47 -8.60
N GLN D 198 -16.53 -20.23 -8.13
CA GLN D 198 -16.68 -19.04 -8.96
C GLN D 198 -15.38 -18.79 -9.73
N LYS D 199 -15.28 -17.65 -10.40
CA LYS D 199 -14.10 -17.33 -11.20
C LYS D 199 -12.78 -17.34 -10.40
N LEU D 200 -11.81 -18.13 -10.86
CA LEU D 200 -10.44 -18.16 -10.34
C LEU D 200 -9.64 -16.90 -10.69
N HIS D 201 -8.78 -16.49 -9.77
CA HIS D 201 -7.87 -15.36 -10.00
C HIS D 201 -6.44 -15.82 -9.81
N THR D 202 -5.61 -15.66 -10.84
CA THR D 202 -4.23 -16.13 -10.77
C THR D 202 -3.21 -15.03 -11.03
N SER D 203 -2.07 -15.12 -10.34
CA SER D 203 -0.93 -14.27 -10.59
C SER D 203 0.34 -15.11 -10.63
N ILE D 204 1.19 -14.85 -11.62
CA ILE D 204 2.46 -15.52 -11.73
C ILE D 204 3.51 -14.63 -11.13
N ALA D 205 4.47 -15.24 -10.44
CA ALA D 205 5.69 -14.58 -10.02
C ALA D 205 6.83 -15.52 -10.37
N GLY D 206 7.30 -15.43 -11.62
CA GLY D 206 8.33 -16.32 -12.12
C GLY D 206 7.73 -17.68 -12.43
N ARG D 207 8.32 -18.73 -11.89
CA ARG D 207 7.78 -20.08 -12.04
C ARG D 207 6.78 -20.41 -10.92
N ASN D 208 6.54 -19.47 -10.01
CA ASN D 208 5.43 -19.57 -9.07
C ASN D 208 4.09 -19.25 -9.73
N LEU D 209 3.02 -19.75 -9.13
CA LEU D 209 1.66 -19.48 -9.59
C LEU D 209 0.75 -19.50 -8.37
N TYR D 210 0.10 -18.38 -8.10
CA TYR D 210 -0.76 -18.23 -6.95
C TYR D 210 -2.20 -18.28 -7.43
N ILE D 211 -2.91 -19.35 -7.09
CA ILE D 211 -4.27 -19.56 -7.56
C ILE D 211 -5.25 -19.25 -6.44
N ARG D 212 -6.20 -18.37 -6.72
CA ARG D 212 -7.15 -17.93 -5.71
C ARG D 212 -8.48 -18.61 -5.95
N PHE D 213 -8.75 -19.66 -5.18
CA PHE D 213 -10.00 -20.40 -5.25
C PHE D 213 -11.07 -19.66 -4.45
N GLN D 214 -12.13 -19.23 -5.11
CA GLN D 214 -13.24 -18.54 -4.45
C GLN D 214 -14.53 -19.32 -4.63
N SER D 215 -15.24 -19.51 -3.52
CA SER D 215 -16.49 -20.26 -3.55
C SER D 215 -17.37 -19.92 -2.34
N ARG D 216 -18.69 -19.99 -2.56
CA ARG D 216 -19.65 -19.91 -1.47
C ARG D 216 -19.49 -21.14 -0.58
N SER D 217 -20.04 -21.08 0.63
CA SER D 217 -19.83 -22.12 1.62
C SER D 217 -21.04 -22.31 2.54
N GLY D 218 -22.24 -22.06 2.01
CA GLY D 218 -23.43 -22.06 2.82
C GLY D 218 -23.34 -21.04 3.93
N ASP D 219 -23.65 -21.47 5.16
CA ASP D 219 -23.61 -20.60 6.33
C ASP D 219 -22.30 -20.71 7.11
N ALA D 220 -21.38 -21.56 6.65
CA ALA D 220 -20.05 -21.63 7.26
C ALA D 220 -19.19 -20.47 6.78
N MET D 221 -18.23 -20.05 7.60
CA MET D 221 -17.19 -19.11 7.17
C MET D 221 -16.44 -19.74 6.00
N GLY D 222 -16.15 -21.03 6.13
CA GLY D 222 -15.72 -21.87 5.02
C GLY D 222 -14.23 -22.07 4.87
N MET D 223 -13.48 -21.97 5.97
CA MET D 223 -12.03 -22.21 5.93
C MET D 223 -11.73 -23.64 5.50
N ASN D 224 -12.16 -24.60 6.31
CA ASN D 224 -11.87 -26.01 6.07
C ASN D 224 -12.46 -26.51 4.74
N MET D 225 -13.67 -26.05 4.44
CA MET D 225 -14.39 -26.51 3.25
C MET D 225 -13.69 -26.12 1.95
N ILE D 226 -13.32 -24.83 1.85
CA ILE D 226 -12.61 -24.34 0.66
C ILE D 226 -11.25 -25.00 0.53
N SER D 227 -10.65 -25.36 1.66
CA SER D 227 -9.33 -26.00 1.70
C SER D 227 -9.38 -27.41 1.14
N LYS D 228 -10.41 -28.16 1.48
CA LYS D 228 -10.57 -29.53 0.97
C LYS D 228 -10.86 -29.52 -0.52
N GLY D 229 -11.65 -28.54 -0.96
CA GLY D 229 -11.95 -28.37 -2.37
C GLY D 229 -10.72 -27.93 -3.15
N THR D 230 -9.85 -27.19 -2.47
CA THR D 230 -8.61 -26.69 -3.05
C THR D 230 -7.61 -27.83 -3.25
N GLU D 231 -7.51 -28.71 -2.26
CA GLU D 231 -6.61 -29.86 -2.34
C GLU D 231 -7.04 -30.80 -3.46
N LYS D 232 -8.35 -31.02 -3.60
CA LYS D 232 -8.90 -31.91 -4.62
C LYS D 232 -8.72 -31.31 -6.02
N ALA D 233 -8.87 -30.00 -6.13
CA ALA D 233 -8.70 -29.31 -7.41
C ALA D 233 -7.24 -29.31 -7.86
N LEU D 234 -6.33 -29.22 -6.90
CA LEU D 234 -4.90 -29.19 -7.20
C LEU D 234 -4.40 -30.57 -7.59
N SER D 235 -5.05 -31.62 -7.06
CA SER D 235 -4.74 -32.98 -7.43
C SER D 235 -5.12 -33.25 -8.88
N LYS D 236 -6.27 -32.75 -9.29
CA LYS D 236 -6.75 -32.82 -10.67
C LYS D 236 -5.83 -32.06 -11.61
N LEU D 237 -5.37 -30.89 -11.17
CA LEU D 237 -4.42 -30.08 -11.92
C LEU D 237 -3.08 -30.81 -12.09
N HIS D 238 -2.74 -31.64 -11.11
CA HIS D 238 -1.50 -32.41 -11.13
C HIS D 238 -1.53 -33.51 -12.21
N GLU D 239 -2.72 -34.01 -12.52
CA GLU D 239 -2.90 -35.03 -13.56
C GLU D 239 -2.62 -34.47 -14.95
N TYR D 240 -2.96 -33.19 -15.16
CA TYR D 240 -2.71 -32.51 -16.43
C TYR D 240 -1.29 -31.93 -16.49
N PHE D 241 -0.68 -31.74 -15.33
CA PHE D 241 0.64 -31.11 -15.22
C PHE D 241 1.44 -31.83 -14.14
N PRO D 242 2.04 -32.98 -14.48
CA PRO D 242 2.76 -33.80 -13.50
C PRO D 242 4.01 -33.15 -12.85
N GLU D 243 4.59 -32.14 -13.49
CA GLU D 243 5.79 -31.49 -12.97
C GLU D 243 5.51 -30.34 -11.98
N MET D 244 4.24 -30.01 -11.80
CA MET D 244 3.81 -29.06 -10.80
C MET D 244 4.03 -29.63 -9.39
N GLN D 245 4.69 -28.83 -8.55
CA GLN D 245 4.87 -29.14 -7.13
C GLN D 245 3.93 -28.23 -6.35
N ILE D 246 3.12 -28.79 -5.46
CA ILE D 246 2.35 -27.96 -4.54
C ILE D 246 3.30 -27.55 -3.42
N LEU D 247 3.67 -26.27 -3.43
CA LEU D 247 4.59 -25.74 -2.42
C LEU D 247 3.92 -25.55 -1.07
N ALA D 248 2.70 -25.01 -1.09
CA ALA D 248 1.94 -24.77 0.13
C ALA D 248 0.47 -24.56 -0.20
N VAL D 249 -0.41 -25.21 0.56
CA VAL D 249 -1.84 -25.10 0.32
C VAL D 249 -2.34 -23.67 0.61
N SER D 250 -1.57 -22.88 1.35
CA SER D 250 -1.76 -21.43 1.41
C SER D 250 -0.45 -20.71 1.09
N GLY D 251 -0.45 -19.93 0.02
CA GLY D 251 0.66 -19.06 -0.35
C GLY D 251 0.39 -17.59 -0.09
N ASN D 252 -0.35 -17.29 0.98
CA ASN D 252 -0.70 -15.92 1.37
C ASN D 252 -1.46 -15.08 0.33
N TYR D 253 -2.05 -15.76 -0.66
CA TYR D 253 -2.75 -15.08 -1.73
C TYR D 253 -4.26 -15.05 -1.49
N CYS D 254 -4.71 -15.58 -0.35
CA CYS D 254 -6.15 -15.70 -0.05
C CYS D 254 -6.87 -14.33 0.09
N THR D 255 -6.45 -13.41 0.97
CA THR D 255 -5.40 -13.58 1.96
C THR D 255 -6.07 -13.72 3.32
N ASP D 256 -5.59 -14.67 4.11
CA ASP D 256 -6.19 -14.99 5.40
C ASP D 256 -5.42 -14.39 6.59
N LYS D 257 -6.10 -13.51 7.32
CA LYS D 257 -5.59 -12.93 8.59
C LYS D 257 -4.31 -12.08 8.45
N LYS D 258 -4.08 -11.55 7.26
CA LYS D 258 -3.01 -10.56 7.05
C LYS D 258 -3.58 -9.42 6.21
N PRO D 259 -3.13 -8.18 6.46
CA PRO D 259 -3.57 -7.04 5.64
C PRO D 259 -3.12 -7.23 4.20
N ALA D 260 -4.03 -7.04 3.25
CA ALA D 260 -3.71 -7.25 1.86
C ALA D 260 -4.73 -6.56 0.96
N ALA D 261 -4.20 -5.87 -0.05
CA ALA D 261 -5.04 -5.13 -0.99
C ALA D 261 -5.99 -6.04 -1.77
N ILE D 262 -5.61 -7.30 -2.01
CA ILE D 262 -6.46 -8.22 -2.77
C ILE D 262 -7.82 -8.43 -2.12
N ASN D 263 -7.85 -8.49 -0.79
CA ASN D 263 -9.12 -8.61 -0.08
C ASN D 263 -9.98 -7.38 -0.28
N TRP D 264 -9.34 -6.21 -0.25
CA TRP D 264 -10.00 -4.92 -0.39
C TRP D 264 -10.55 -4.67 -1.81
N ILE D 265 -9.91 -5.27 -2.81
CA ILE D 265 -10.22 -5.02 -4.21
C ILE D 265 -11.12 -6.09 -4.80
N GLU D 266 -10.86 -7.35 -4.46
CA GLU D 266 -11.64 -8.48 -4.94
C GLU D 266 -12.74 -8.92 -3.98
N GLY D 267 -12.56 -8.60 -2.70
CA GLY D 267 -13.46 -9.08 -1.66
C GLY D 267 -13.02 -10.44 -1.16
N ARG D 268 -13.42 -10.74 0.08
CA ARG D 268 -13.30 -12.10 0.65
C ARG D 268 -14.46 -12.32 1.63
N GLY D 269 -15.15 -13.45 1.52
CA GLY D 269 -16.35 -13.68 2.28
C GLY D 269 -17.44 -12.76 1.74
N LYS D 270 -18.13 -12.06 2.64
CA LYS D 270 -19.25 -11.21 2.23
C LYS D 270 -18.80 -9.76 1.99
N SER D 271 -19.08 -9.24 0.81
CA SER D 271 -18.96 -7.81 0.54
C SER D 271 -20.32 -7.17 0.79
N VAL D 272 -20.34 -6.11 1.58
CA VAL D 272 -21.58 -5.54 2.09
C VAL D 272 -21.56 -4.01 2.04
N VAL D 273 -22.70 -3.41 1.74
CA VAL D 273 -22.88 -1.97 1.81
C VAL D 273 -24.06 -1.66 2.73
N CYS D 274 -23.95 -0.57 3.48
CA CYS D 274 -25.04 -0.09 4.36
C CYS D 274 -25.15 1.44 4.28
N GLU D 275 -26.34 1.96 4.51
CA GLU D 275 -26.59 3.40 4.39
C GLU D 275 -27.78 3.90 5.24
N ALA D 276 -27.78 5.20 5.52
CA ALA D 276 -28.84 5.84 6.31
C ALA D 276 -28.80 7.35 6.12
N VAL D 277 -29.96 7.99 6.19
CA VAL D 277 -30.05 9.45 6.23
C VAL D 277 -30.53 9.87 7.63
N ILE D 278 -29.69 10.63 8.33
CA ILE D 278 -30.03 11.17 9.64
C ILE D 278 -30.52 12.62 9.45
N PRO D 279 -31.76 12.91 9.84
CA PRO D 279 -32.27 14.30 9.79
C PRO D 279 -31.38 15.27 10.57
N ALA D 280 -31.28 16.51 10.11
CA ALA D 280 -30.45 17.53 10.75
C ALA D 280 -30.80 17.69 12.23
N LYS D 281 -32.09 17.63 12.54
CA LYS D 281 -32.57 17.75 13.91
C LYS D 281 -32.03 16.62 14.79
N VAL D 282 -32.00 15.41 14.25
CA VAL D 282 -31.48 14.24 14.98
C VAL D 282 -29.96 14.32 15.18
N VAL D 283 -29.25 14.91 14.22
CA VAL D 283 -27.81 15.12 14.36
C VAL D 283 -27.55 16.13 15.47
N ARG D 284 -28.41 17.15 15.57
CA ARG D 284 -28.30 18.22 16.57
C ARG D 284 -28.62 17.75 18.00
N GLU D 285 -29.64 16.89 18.14
CA GLU D 285 -30.21 16.55 19.45
C GLU D 285 -29.67 15.25 20.03
N VAL D 286 -29.48 14.25 19.17
CA VAL D 286 -28.92 12.96 19.57
C VAL D 286 -27.39 12.93 19.47
N LEU D 287 -26.84 13.49 18.40
CA LEU D 287 -25.39 13.44 18.13
C LEU D 287 -24.62 14.73 18.48
N LYS D 288 -25.33 15.78 18.87
CA LYS D 288 -24.73 17.00 19.44
C LYS D 288 -23.77 17.76 18.51
N THR D 289 -24.03 17.68 17.20
CA THR D 289 -23.18 18.32 16.19
C THR D 289 -24.03 18.73 14.98
N THR D 290 -23.39 19.02 13.85
CA THR D 290 -24.08 19.31 12.59
C THR D 290 -23.62 18.38 11.47
N THR D 291 -24.38 18.35 10.37
CA THR D 291 -24.03 17.54 9.20
C THR D 291 -22.75 18.07 8.53
N GLU D 292 -22.69 19.38 8.40
CA GLU D 292 -21.54 20.10 7.88
C GLU D 292 -20.23 19.75 8.61
N ALA D 293 -20.30 19.72 9.95
CA ALA D 293 -19.14 19.42 10.78
C ALA D 293 -18.72 17.95 10.71
N MET D 294 -19.68 17.05 10.59
CA MET D 294 -19.42 15.61 10.48
C MET D 294 -18.68 15.29 9.20
N ILE D 295 -19.18 15.86 8.11
CA ILE D 295 -18.61 15.64 6.78
C ILE D 295 -17.18 16.17 6.73
N GLU D 296 -16.94 17.35 7.29
CA GLU D 296 -15.60 17.94 7.33
C GLU D 296 -14.61 17.01 8.02
N VAL D 297 -15.05 16.40 9.12
CA VAL D 297 -14.22 15.46 9.87
C VAL D 297 -14.06 14.14 9.11
N ASN D 298 -15.10 13.70 8.41
CA ASN D 298 -15.04 12.43 7.67
C ASN D 298 -14.04 12.52 6.53
N ILE D 299 -14.11 13.62 5.79
CA ILE D 299 -13.20 13.90 4.69
C ILE D 299 -11.76 13.89 5.17
N ASN D 300 -11.50 14.65 6.23
CA ASN D 300 -10.14 14.95 6.64
C ASN D 300 -9.56 13.94 7.64
N LYS D 301 -10.41 13.01 8.09
CA LYS D 301 -9.98 11.92 8.97
C LYS D 301 -9.93 10.62 8.17
N ASN D 302 -11.11 10.14 7.77
CA ASN D 302 -11.25 8.81 7.18
C ASN D 302 -10.82 8.73 5.72
N LEU D 303 -10.62 9.87 5.06
CA LEU D 303 -10.06 9.87 3.71
C LEU D 303 -8.63 10.41 3.72
N VAL D 304 -8.48 11.72 3.91
CA VAL D 304 -7.16 12.37 3.86
C VAL D 304 -6.22 11.82 4.92
N GLY D 305 -6.70 11.70 6.15
CA GLY D 305 -5.90 11.18 7.24
C GLY D 305 -5.38 9.78 7.02
N SER D 306 -6.27 8.87 6.63
CA SER D 306 -5.89 7.50 6.35
C SER D 306 -4.94 7.44 5.17
N ALA D 307 -5.13 8.38 4.24
CA ALA D 307 -4.26 8.51 3.08
C ALA D 307 -2.84 8.91 3.50
N MET D 308 -2.73 9.90 4.38
CA MET D 308 -1.43 10.39 4.87
C MET D 308 -0.68 9.33 5.66
N ALA D 309 -1.43 8.46 6.35
CA ALA D 309 -0.85 7.35 7.13
C ALA D 309 -0.56 6.10 6.28
N GLY D 310 -0.95 6.13 5.01
CA GLY D 310 -0.65 5.05 4.09
C GLY D 310 -1.52 3.83 4.33
N SER D 311 -2.82 4.06 4.39
CA SER D 311 -3.78 3.01 4.67
C SER D 311 -4.23 2.34 3.39
N ILE D 312 -4.31 1.00 3.43
CA ILE D 312 -5.02 0.24 2.41
C ILE D 312 -6.22 -0.36 3.14
N GLY D 313 -7.41 0.14 2.85
CA GLY D 313 -8.64 -0.39 3.40
C GLY D 313 -9.10 0.15 4.75
N GLY D 314 -8.34 1.07 5.34
CA GLY D 314 -8.68 1.61 6.66
C GLY D 314 -9.22 3.03 6.60
N TYR D 315 -10.22 3.24 5.74
CA TYR D 315 -10.85 4.56 5.58
C TYR D 315 -12.10 4.66 6.43
N ASN D 316 -11.92 4.39 7.72
CA ASN D 316 -12.98 4.42 8.71
C ASN D 316 -12.40 4.88 10.04
N ALA D 317 -13.25 5.04 11.04
CA ALA D 317 -12.84 5.50 12.37
C ALA D 317 -12.45 4.35 13.30
N HIS D 318 -13.37 3.42 13.53
CA HIS D 318 -13.14 2.33 14.47
C HIS D 318 -14.03 1.11 14.19
N ALA D 319 -14.12 0.72 12.92
CA ALA D 319 -14.88 -0.46 12.51
C ALA D 319 -14.41 -1.73 13.21
N ALA D 320 -13.10 -1.82 13.45
CA ALA D 320 -12.52 -2.96 14.16
C ALA D 320 -13.10 -3.16 15.54
N ASN D 321 -13.40 -2.07 16.25
CA ASN D 321 -14.02 -2.17 17.57
C ASN D 321 -15.31 -2.97 17.51
N ILE D 322 -16.19 -2.60 16.57
CA ILE D 322 -17.51 -3.22 16.43
C ILE D 322 -17.43 -4.64 15.88
N VAL D 323 -16.63 -4.82 14.82
CA VAL D 323 -16.40 -6.14 14.25
C VAL D 323 -15.89 -7.10 15.32
N THR D 324 -14.92 -6.63 16.11
CA THR D 324 -14.25 -7.51 17.08
C THR D 324 -15.18 -7.94 18.20
N ALA D 325 -15.99 -7.00 18.69
CA ALA D 325 -16.87 -7.27 19.82
C ALA D 325 -17.99 -8.19 19.40
N ILE D 326 -18.50 -8.00 18.19
CA ILE D 326 -19.53 -8.87 17.66
C ILE D 326 -18.96 -10.28 17.41
N TYR D 327 -17.78 -10.34 16.80
CA TYR D 327 -17.12 -11.61 16.47
C TYR D 327 -16.87 -12.47 17.71
N ILE D 328 -16.42 -11.85 18.80
CA ILE D 328 -16.15 -12.58 20.04
C ILE D 328 -17.46 -13.04 20.69
N ALA D 329 -18.50 -12.24 20.56
CA ALA D 329 -19.80 -12.59 21.14
C ALA D 329 -20.47 -13.72 20.37
N CYS D 330 -20.28 -13.73 19.05
CA CYS D 330 -21.02 -14.64 18.16
C CYS D 330 -20.21 -15.85 17.68
N GLY D 331 -19.08 -16.13 18.33
CA GLY D 331 -18.33 -17.35 18.05
C GLY D 331 -17.57 -17.37 16.74
N GLN D 332 -17.17 -16.19 16.28
CA GLN D 332 -16.38 -16.05 15.07
C GLN D 332 -14.91 -16.17 15.39
N ASP D 333 -14.10 -16.32 14.35
CA ASP D 333 -12.66 -16.31 14.46
C ASP D 333 -12.23 -14.85 14.53
N ALA D 334 -11.91 -14.38 15.73
CA ALA D 334 -11.64 -12.97 15.98
C ALA D 334 -10.32 -12.48 15.38
N ALA D 335 -9.43 -13.42 15.05
CA ALA D 335 -8.21 -13.10 14.32
C ALA D 335 -8.49 -12.60 12.89
N GLN D 336 -9.71 -12.83 12.41
CA GLN D 336 -10.07 -12.38 11.06
C GLN D 336 -10.57 -10.93 11.04
N ASN D 337 -10.58 -10.25 12.18
CA ASN D 337 -10.85 -8.81 12.20
C ASN D 337 -9.80 -8.00 11.42
N VAL D 338 -8.62 -8.58 11.20
CA VAL D 338 -7.59 -7.96 10.37
C VAL D 338 -8.17 -7.52 9.02
N GLY D 339 -8.83 -8.45 8.34
CA GLY D 339 -9.43 -8.20 7.03
C GLY D 339 -10.91 -7.83 7.06
N SER D 340 -11.64 -8.37 8.03
CA SER D 340 -13.08 -8.15 8.16
C SER D 340 -13.43 -6.70 8.55
N SER D 341 -12.47 -5.99 9.16
CA SER D 341 -12.66 -4.60 9.57
C SER D 341 -12.40 -3.61 8.42
N ASN D 342 -11.94 -4.09 7.27
CA ASN D 342 -11.79 -3.26 6.08
C ASN D 342 -13.09 -2.51 5.83
N CYS D 343 -13.01 -1.18 5.87
CA CYS D 343 -14.19 -0.34 5.74
C CYS D 343 -13.87 1.04 5.21
N ILE D 344 -14.78 1.56 4.39
CA ILE D 344 -14.74 2.97 3.97
C ILE D 344 -16.08 3.64 4.31
N THR D 345 -16.00 4.63 5.19
CA THR D 345 -17.15 5.42 5.62
C THR D 345 -17.23 6.70 4.79
N LEU D 346 -18.34 6.87 4.08
CA LEU D 346 -18.60 8.10 3.35
C LEU D 346 -19.69 8.92 4.02
N MET D 347 -19.57 10.24 3.93
CA MET D 347 -20.57 11.16 4.45
C MET D 347 -20.83 12.31 3.48
N GLU D 348 -22.11 12.65 3.30
CA GLU D 348 -22.58 13.63 2.32
C GLU D 348 -23.77 14.43 2.81
N ALA D 349 -23.86 15.68 2.34
CA ALA D 349 -25.03 16.50 2.60
C ALA D 349 -26.17 15.95 1.75
N SER D 350 -27.32 15.76 2.39
CA SER D 350 -28.52 15.24 1.74
C SER D 350 -29.71 16.10 2.14
N GLY D 351 -30.82 15.94 1.43
CA GLY D 351 -32.05 16.63 1.75
C GLY D 351 -32.23 17.93 0.98
N PRO D 352 -33.40 18.56 1.14
CA PRO D 352 -33.76 19.77 0.40
C PRO D 352 -32.76 20.92 0.53
N THR D 353 -32.20 21.08 1.73
CA THR D 353 -31.33 22.21 2.05
C THR D 353 -29.92 21.77 2.46
N ASN D 354 -29.54 20.55 2.09
CA ASN D 354 -28.23 19.98 2.41
C ASN D 354 -27.90 19.94 3.91
N GLU D 355 -28.92 19.79 4.75
CA GLU D 355 -28.72 19.77 6.20
C GLU D 355 -28.83 18.37 6.82
N ASP D 356 -29.46 17.44 6.12
CA ASP D 356 -29.51 16.04 6.58
C ASP D 356 -28.19 15.34 6.23
N LEU D 357 -27.91 14.23 6.93
CA LEU D 357 -26.63 13.54 6.83
C LEU D 357 -26.79 12.15 6.21
N TYR D 358 -26.51 12.04 4.91
CA TYR D 358 -26.32 10.73 4.30
C TYR D 358 -24.99 10.12 4.74
N ILE D 359 -25.03 8.89 5.23
CA ILE D 359 -23.85 8.11 5.62
C ILE D 359 -23.93 6.69 5.06
N SER D 360 -22.79 6.15 4.62
CA SER D 360 -22.70 4.76 4.22
C SER D 360 -21.35 4.14 4.56
N CYS D 361 -21.36 2.83 4.75
CA CYS D 361 -20.16 2.06 5.00
C CYS D 361 -20.09 0.91 4.03
N THR D 362 -18.94 0.74 3.36
CA THR D 362 -18.71 -0.42 2.52
C THR D 362 -17.65 -1.31 3.12
N MET D 363 -17.99 -2.58 3.30
CA MET D 363 -17.11 -3.56 3.91
C MET D 363 -16.96 -4.76 2.95
N PRO D 364 -15.90 -4.74 2.14
CA PRO D 364 -15.74 -5.72 1.05
C PRO D 364 -15.28 -7.11 1.44
N SER D 365 -14.86 -7.31 2.68
CA SER D 365 -14.29 -8.61 3.05
C SER D 365 -14.61 -9.03 4.48
N ILE D 366 -15.90 -9.11 4.79
CA ILE D 366 -16.37 -9.58 6.08
C ILE D 366 -16.36 -11.12 6.10
N GLU D 367 -15.44 -11.70 6.87
CA GLU D 367 -15.27 -13.14 6.95
C GLU D 367 -16.05 -13.65 8.14
N ILE D 368 -17.13 -14.38 7.86
CA ILE D 368 -18.15 -14.66 8.84
C ILE D 368 -18.92 -15.94 8.52
N GLY D 369 -19.52 -16.52 9.55
CA GLY D 369 -20.34 -17.72 9.41
C GLY D 369 -21.17 -17.97 10.66
N THR D 370 -22.22 -18.77 10.51
CA THR D 370 -23.09 -19.12 11.65
C THR D 370 -23.15 -20.63 11.95
N VAL D 371 -22.34 -21.43 11.25
CA VAL D 371 -22.10 -22.82 11.65
C VAL D 371 -20.59 -23.10 11.67
N GLY D 372 -20.18 -24.04 12.50
CA GLY D 372 -18.77 -24.40 12.64
C GLY D 372 -18.03 -23.52 13.63
N GLY D 373 -16.89 -24.02 14.12
CA GLY D 373 -16.01 -23.25 14.95
C GLY D 373 -16.64 -22.88 16.28
N GLY D 374 -16.45 -21.63 16.67
CA GLY D 374 -16.97 -21.11 17.92
C GLY D 374 -18.48 -20.94 17.97
N THR D 375 -19.13 -21.00 16.79
CA THR D 375 -20.60 -20.97 16.73
C THR D 375 -21.25 -22.29 17.09
N ASN D 376 -20.46 -23.32 17.38
CA ASN D 376 -20.98 -24.60 17.88
C ASN D 376 -21.16 -24.59 19.40
N LEU D 377 -20.50 -23.65 20.08
CA LEU D 377 -20.59 -23.55 21.54
C LEU D 377 -21.88 -22.83 21.93
N LEU D 378 -22.49 -23.28 23.01
CA LEU D 378 -23.83 -22.85 23.39
C LEU D 378 -23.99 -21.35 23.73
N PRO D 379 -23.08 -20.76 24.50
CA PRO D 379 -23.18 -19.31 24.79
C PRO D 379 -23.05 -18.44 23.54
N GLN D 380 -22.18 -18.85 22.62
CA GLN D 380 -22.01 -18.13 21.37
C GLN D 380 -23.26 -18.30 20.51
N GLN D 381 -23.88 -19.48 20.60
CA GLN D 381 -25.13 -19.73 19.88
C GLN D 381 -26.26 -18.85 20.40
N ALA D 382 -26.25 -18.56 21.69
CA ALA D 382 -27.26 -17.68 22.30
C ALA D 382 -27.24 -16.29 21.66
N CYS D 383 -26.04 -15.78 21.41
CA CYS D 383 -25.88 -14.46 20.78
C CYS D 383 -26.31 -14.47 19.31
N LEU D 384 -26.00 -15.55 18.60
CA LEU D 384 -26.48 -15.71 17.22
C LEU D 384 -28.00 -15.84 17.20
N GLN D 385 -28.56 -16.50 18.21
CA GLN D 385 -30.01 -16.67 18.32
C GLN D 385 -30.72 -15.35 18.60
N MET D 386 -30.11 -14.46 19.39
CA MET D 386 -30.68 -13.12 19.62
C MET D 386 -30.94 -12.42 18.29
N LEU D 387 -30.01 -12.61 17.35
CA LEU D 387 -30.07 -11.98 16.04
C LEU D 387 -30.82 -12.83 15.01
N GLY D 388 -31.24 -14.03 15.39
CA GLY D 388 -32.04 -14.89 14.51
C GLY D 388 -31.26 -15.52 13.37
N VAL D 389 -29.97 -15.77 13.59
CA VAL D 389 -29.06 -16.30 12.56
C VAL D 389 -28.30 -17.56 12.99
N GLN D 390 -28.54 -18.05 14.20
CA GLN D 390 -27.82 -19.22 14.68
C GLN D 390 -28.07 -20.40 13.75
N GLY D 391 -27.01 -21.14 13.45
CA GLY D 391 -27.11 -22.35 12.66
C GLY D 391 -27.29 -22.14 11.17
N ALA D 392 -27.57 -23.23 10.46
CA ALA D 392 -27.76 -23.20 9.02
C ALA D 392 -29.19 -22.85 8.65
N CYS D 393 -29.39 -22.46 7.40
CA CYS D 393 -30.70 -22.15 6.85
C CYS D 393 -31.01 -23.20 5.78
N LYS D 394 -32.02 -24.02 6.05
CA LYS D 394 -32.34 -25.17 5.18
C LYS D 394 -32.90 -24.69 3.85
N ASP D 395 -33.85 -23.75 3.91
CA ASP D 395 -34.51 -23.22 2.71
C ASP D 395 -33.53 -22.47 1.81
N ASN D 396 -32.87 -21.46 2.40
CA ASN D 396 -31.93 -20.61 1.66
C ASN D 396 -30.52 -20.69 2.27
N PRO D 397 -29.74 -21.69 1.87
CA PRO D 397 -28.36 -21.85 2.36
C PRO D 397 -27.53 -20.58 2.21
N GLY D 398 -26.91 -20.17 3.32
CA GLY D 398 -26.07 -19.00 3.35
C GLY D 398 -26.78 -17.70 3.71
N GLU D 399 -28.07 -17.77 4.06
CA GLU D 399 -28.86 -16.58 4.36
C GLU D 399 -28.68 -16.07 5.80
N ASN D 400 -28.43 -16.98 6.74
CA ASN D 400 -28.15 -16.59 8.12
C ASN D 400 -26.79 -15.90 8.21
N ALA D 401 -25.79 -16.46 7.53
CA ALA D 401 -24.46 -15.86 7.45
C ALA D 401 -24.49 -14.52 6.74
N ARG D 402 -25.28 -14.44 5.67
CA ARG D 402 -25.45 -13.20 4.91
C ARG D 402 -26.11 -12.15 5.79
N GLN D 403 -27.07 -12.58 6.60
CA GLN D 403 -27.82 -11.67 7.47
C GLN D 403 -26.91 -11.13 8.56
N LEU D 404 -26.01 -11.98 9.07
CA LEU D 404 -25.09 -11.58 10.13
C LEU D 404 -24.06 -10.58 9.59
N ALA D 405 -23.72 -10.70 8.31
CA ALA D 405 -22.78 -9.79 7.67
C ALA D 405 -23.42 -8.42 7.51
N ARG D 406 -24.69 -8.40 7.12
CA ARG D 406 -25.47 -7.16 7.03
C ARG D 406 -25.56 -6.47 8.41
N ILE D 407 -25.74 -7.28 9.45
CA ILE D 407 -25.82 -6.80 10.84
C ILE D 407 -24.49 -6.17 11.31
N VAL D 408 -23.38 -6.74 10.87
CA VAL D 408 -22.05 -6.25 11.22
C VAL D 408 -21.86 -4.88 10.59
N CYS D 409 -22.10 -4.80 9.29
CA CYS D 409 -22.00 -3.56 8.56
C CYS D 409 -22.89 -2.44 9.11
N GLY D 410 -24.09 -2.81 9.57
CA GLY D 410 -25.05 -1.83 10.08
C GLY D 410 -24.67 -1.34 11.46
N THR D 411 -24.13 -2.23 12.28
CA THR D 411 -23.66 -1.86 13.60
C THR D 411 -22.40 -1.02 13.48
N VAL D 412 -21.55 -1.38 12.53
CA VAL D 412 -20.34 -0.62 12.22
C VAL D 412 -20.71 0.79 11.84
N MET D 413 -21.71 0.94 10.98
CA MET D 413 -22.17 2.25 10.54
C MET D 413 -22.70 3.07 11.72
N ALA D 414 -23.40 2.40 12.63
CA ALA D 414 -23.88 3.05 13.84
C ALA D 414 -22.72 3.48 14.71
N GLY D 415 -21.66 2.67 14.75
CA GLY D 415 -20.45 3.02 15.47
C GLY D 415 -19.71 4.17 14.83
N GLU D 416 -19.67 4.19 13.50
CA GLU D 416 -19.01 5.26 12.75
C GLU D 416 -19.73 6.58 12.99
N LEU D 417 -21.05 6.54 12.91
CA LEU D 417 -21.91 7.69 13.18
C LEU D 417 -21.61 8.33 14.53
N SER D 418 -21.70 7.50 15.57
CA SER D 418 -21.61 7.98 16.94
C SER D 418 -20.21 8.49 17.29
N LEU D 419 -19.17 7.75 16.94
CA LEU D 419 -17.81 8.18 17.24
C LEU D 419 -17.47 9.47 16.49
N MET D 420 -17.74 9.47 15.18
CA MET D 420 -17.45 10.64 14.35
C MET D 420 -18.19 11.88 14.84
N ALA D 421 -19.39 11.70 15.39
CA ALA D 421 -20.15 12.80 15.98
C ALA D 421 -19.44 13.37 17.20
N ALA D 422 -18.96 12.51 18.08
CA ALA D 422 -18.23 12.94 19.26
C ALA D 422 -16.92 13.67 18.93
N LEU D 423 -16.27 13.25 17.84
CA LEU D 423 -15.00 13.85 17.44
C LEU D 423 -15.24 15.22 16.80
N ALA D 424 -16.33 15.34 16.05
CA ALA D 424 -16.72 16.59 15.41
C ALA D 424 -17.08 17.68 16.43
N ALA D 425 -17.65 17.27 17.56
CA ALA D 425 -17.97 18.17 18.66
C ALA D 425 -16.76 18.29 19.56
#